data_2XB8
# 
_entry.id   2XB8 
# 
_audit_conform.dict_name       mmcif_pdbx.dic 
_audit_conform.dict_version    5.383 
_audit_conform.dict_location   http://mmcif.pdb.org/dictionaries/ascii/mmcif_pdbx.dic 
# 
loop_
_database_2.database_id 
_database_2.database_code 
_database_2.pdbx_database_accession 
_database_2.pdbx_DOI 
PDB   2XB8         pdb_00002xb8 10.2210/pdb2xb8/pdb 
PDBE  EBI-43489    ?            ?                   
WWPDB D_1290043489 ?            ?                   
# 
loop_
_pdbx_database_related.db_name 
_pdbx_database_related.db_id 
_pdbx_database_related.content_type 
_pdbx_database_related.details 
PDB 1H0R unspecified 'TYPE II DEHYDROQUINASE FROM MYCOBACTERIUM TUBERCULOSIS COMPLEXED WITH 2,3-ANNHYDRO- QUINIC ACID' 
PDB 1H05 unspecified '3-DEHYDROQUINATE DEHYDRATASE FROM MYCOBACTERIUM TUBERCULOSIS IN COMPLEX WITH SULPHATE' 
PDB 2DHQ unspecified '3-DEHYDROQUINATE DEHYDRATASE FROM MYCOBACTERIUM TUBERCULOSIS' 
PDB 1H0S unspecified '3-DEHYDROQUINATE DEHYDRATASE FROM MYCOBACTERIUM TUBERCULOSIS IN COMPLEX WITH 3-HYDROXYIMINO -QUNIC ACID' 
PDB 2XB9 unspecified 
;STRUCTURE OF HELICOBACTER PYLORI TYPE II DEHYDROQUINASE IN COMPLEX WITH INHIBITOR COMPOUND (2R)-2-(4-METHOXYBENZYL)-3- DEHYDROQUINIC ACID
;
# 
_pdbx_database_status.status_code                     REL 
_pdbx_database_status.entry_id                        2XB8 
_pdbx_database_status.deposit_site                    PDBE 
_pdbx_database_status.process_site                    PDBE 
_pdbx_database_status.SG_entry                        . 
_pdbx_database_status.recvd_initial_deposition_date   2010-04-08 
_pdbx_database_status.pdb_format_compatible           Y 
_pdbx_database_status.status_code_sf                  REL 
_pdbx_database_status.status_code_mr                  ? 
_pdbx_database_status.status_code_cs                  ? 
_pdbx_database_status.methods_development_category    ? 
_pdbx_database_status.status_code_nmr_data            ? 
# 
loop_
_audit_author.name 
_audit_author.pdbx_ordinal 
_audit_author.identifier_ORCID 
'Otero, J.M.'        1 ? 
'Tizon, L.'          2 ? 
'Llamas-Saiz, A.L.'  3 ? 
'Fox, G.C.'          4 ? 
'Gonzalez-Bello, C.' 5 ? 
'van Raaij, M.J.'    6 ? 
# 
loop_
_citation.id 
_citation.title 
_citation.journal_abbrev 
_citation.journal_volume 
_citation.page_first 
_citation.page_last 
_citation.year 
_citation.journal_id_ASTM 
_citation.country 
_citation.journal_id_ISSN 
_citation.journal_id_CSD 
_citation.book_publisher 
_citation.pdbx_database_id_PubMed 
_citation.pdbx_database_id_DOI 
primary 
'Understanding the Key Factors that Control the Inhibition of Type II Dehydroquinase by (2R)-2- Benzyl-3-Dehydroquinic Acids.' 
Chemmedchem 5   1726 ? 2010 ?      DE 1860-7179 ?    ? 20815012 10.1002/CMDC.201000281 
1       'Crystallization of a Type II Dehydroquinase from Mycobacterium Tuberculosis.' J.Mol.Biol. 241 488  ? 1994 JMOBAK UK 
0022-2836 0070 ? 8064862  10.1006/JMBI.1994.1524 
2       
;Inducible Overproduction of the Aspergillus Nidulans Pentafunctional Arom Protein and the Type-I and -II 3-Dehydroquinases from Salmonella Typhi and Mycobacterium Tuberculosis.
;
Biochem.J.  287 173  ? 1992 BIJOAK UK 0264-6021 0043 ? 1329726  ?                      
# 
loop_
_citation_author.citation_id 
_citation_author.name 
_citation_author.ordinal 
_citation_author.identifier_ORCID 
primary 'Peon, A.'           1  ? 
primary 'Otero, J.M.'        2  ? 
primary 'Tizon, L.'          3  ? 
primary 'Prazeres, V.F.V.'   4  ? 
primary 'Llamas-Saiz, A.L.'  5  ? 
primary 'Fox, G.C.'          6  ? 
primary 'van Raaij, M.J.'    7  ? 
primary 'Lamb, H.'           8  ? 
primary 'Hawkins, A.R.'      9  ? 
primary 'Gago, F.'           10 ? 
primary 'Castedo, L.'        11 ? 
primary 'Gonzalez-Bello, C.' 12 ? 
1       'Gourley, D.G.'      13 ? 
1       'Coggins, J.R.'      14 ? 
1       'Isaacs, N.W.'       15 ? 
1       'Moore, J.D.'        16 ? 
1       'Charles, I.G.'      17 ? 
1       'Hawkins, A.R.'      18 ? 
2       'Moore, J.D.'        19 ? 
2       'Lamb, H.K.'         20 ? 
2       'Garbe, T.'          21 ? 
2       'Servos, S.'         22 ? 
2       'Dougan, G.'         23 ? 
2       'Charles, I.G.'      24 ? 
2       'Hawkins, A.R.'      25 ? 
# 
_cell.entry_id           2XB8 
_cell.length_a           126.520 
_cell.length_b           126.520 
_cell.length_c           126.520 
_cell.angle_alpha        90.00 
_cell.angle_beta         90.00 
_cell.angle_gamma        90.00 
_cell.Z_PDB              48 
_cell.pdbx_unique_axis   ? 
# 
_symmetry.entry_id                         2XB8 
_symmetry.space_group_name_H-M             'F 2 3' 
_symmetry.pdbx_full_space_group_name_H-M   ? 
_symmetry.cell_setting                     ? 
_symmetry.Int_Tables_number                196 
# 
loop_
_entity.id 
_entity.type 
_entity.src_method 
_entity.pdbx_description 
_entity.formula_weight 
_entity.pdbx_number_of_molecules 
_entity.pdbx_ec 
_entity.pdbx_mutation 
_entity.pdbx_fragment 
_entity.details 
1 polymer     man '3-DEHYDROQUINATE DEHYDRATASE'                                                       15676.737 1  4.2.1.10 ? ? ? 
2 non-polymer syn '(1R,2R,4S,5R)-1,4,5-TRIHYDROXY-2-(4-METHOXYBENZYL)-3-OXOCYCLOHEXANECARBOXYLIC ACID' 310.299   1  ?        ? ? ? 
3 non-polymer syn 'SULFATE ION'                                                                        96.063    7  ?        ? ? ? 
4 non-polymer syn 2-AMINO-2-HYDROXYMETHYL-PROPANE-1,3-DIOL                                             122.143   1  ?        ? ? ? 
5 water       nat water                                                                                18.015    50 ?        ? ? ? 
# 
_entity_name_com.entity_id   1 
_entity_name_com.name        'TYPE II DHQASE, 3-DEHYDROQUINASE' 
# 
_entity_poly.entity_id                      1 
_entity_poly.type                           'polypeptide(L)' 
_entity_poly.nstd_linkage                   no 
_entity_poly.nstd_monomer                   no 
_entity_poly.pdbx_seq_one_letter_code       
;SELIVNVINGPNLGRLGRREPAVYGGTTHDELVALIEREAAELGLKAVVRQSDSEAQLLDWIHQAADAAEPVILNAGGLT
HTSVALRDACAELSAPLIEVHISNVHAREEFRRHSYLSPIATGVIVGLGIQGYLLALRYLAEHVGT
;
_entity_poly.pdbx_seq_one_letter_code_can   
;SELIVNVINGPNLGRLGRREPAVYGGTTHDELVALIEREAAELGLKAVVRQSDSEAQLLDWIHQAADAAEPVILNAGGLT
HTSVALRDACAELSAPLIEVHISNVHAREEFRRHSYLSPIATGVIVGLGIQGYLLALRYLAEHVGT
;
_entity_poly.pdbx_strand_id                 A 
_entity_poly.pdbx_target_identifier         ? 
# 
loop_
_entity_poly_seq.entity_id 
_entity_poly_seq.num 
_entity_poly_seq.mon_id 
_entity_poly_seq.hetero 
1 1   SER n 
1 2   GLU n 
1 3   LEU n 
1 4   ILE n 
1 5   VAL n 
1 6   ASN n 
1 7   VAL n 
1 8   ILE n 
1 9   ASN n 
1 10  GLY n 
1 11  PRO n 
1 12  ASN n 
1 13  LEU n 
1 14  GLY n 
1 15  ARG n 
1 16  LEU n 
1 17  GLY n 
1 18  ARG n 
1 19  ARG n 
1 20  GLU n 
1 21  PRO n 
1 22  ALA n 
1 23  VAL n 
1 24  TYR n 
1 25  GLY n 
1 26  GLY n 
1 27  THR n 
1 28  THR n 
1 29  HIS n 
1 30  ASP n 
1 31  GLU n 
1 32  LEU n 
1 33  VAL n 
1 34  ALA n 
1 35  LEU n 
1 36  ILE n 
1 37  GLU n 
1 38  ARG n 
1 39  GLU n 
1 40  ALA n 
1 41  ALA n 
1 42  GLU n 
1 43  LEU n 
1 44  GLY n 
1 45  LEU n 
1 46  LYS n 
1 47  ALA n 
1 48  VAL n 
1 49  VAL n 
1 50  ARG n 
1 51  GLN n 
1 52  SER n 
1 53  ASP n 
1 54  SER n 
1 55  GLU n 
1 56  ALA n 
1 57  GLN n 
1 58  LEU n 
1 59  LEU n 
1 60  ASP n 
1 61  TRP n 
1 62  ILE n 
1 63  HIS n 
1 64  GLN n 
1 65  ALA n 
1 66  ALA n 
1 67  ASP n 
1 68  ALA n 
1 69  ALA n 
1 70  GLU n 
1 71  PRO n 
1 72  VAL n 
1 73  ILE n 
1 74  LEU n 
1 75  ASN n 
1 76  ALA n 
1 77  GLY n 
1 78  GLY n 
1 79  LEU n 
1 80  THR n 
1 81  HIS n 
1 82  THR n 
1 83  SER n 
1 84  VAL n 
1 85  ALA n 
1 86  LEU n 
1 87  ARG n 
1 88  ASP n 
1 89  ALA n 
1 90  CYS n 
1 91  ALA n 
1 92  GLU n 
1 93  LEU n 
1 94  SER n 
1 95  ALA n 
1 96  PRO n 
1 97  LEU n 
1 98  ILE n 
1 99  GLU n 
1 100 VAL n 
1 101 HIS n 
1 102 ILE n 
1 103 SER n 
1 104 ASN n 
1 105 VAL n 
1 106 HIS n 
1 107 ALA n 
1 108 ARG n 
1 109 GLU n 
1 110 GLU n 
1 111 PHE n 
1 112 ARG n 
1 113 ARG n 
1 114 HIS n 
1 115 SER n 
1 116 TYR n 
1 117 LEU n 
1 118 SER n 
1 119 PRO n 
1 120 ILE n 
1 121 ALA n 
1 122 THR n 
1 123 GLY n 
1 124 VAL n 
1 125 ILE n 
1 126 VAL n 
1 127 GLY n 
1 128 LEU n 
1 129 GLY n 
1 130 ILE n 
1 131 GLN n 
1 132 GLY n 
1 133 TYR n 
1 134 LEU n 
1 135 LEU n 
1 136 ALA n 
1 137 LEU n 
1 138 ARG n 
1 139 TYR n 
1 140 LEU n 
1 141 ALA n 
1 142 GLU n 
1 143 HIS n 
1 144 VAL n 
1 145 GLY n 
1 146 THR n 
# 
_entity_src_gen.entity_id                          1 
_entity_src_gen.pdbx_src_id                        1 
_entity_src_gen.pdbx_alt_source_flag               sample 
_entity_src_gen.pdbx_seq_type                      ? 
_entity_src_gen.pdbx_beg_seq_num                   ? 
_entity_src_gen.pdbx_end_seq_num                   ? 
_entity_src_gen.gene_src_common_name               ? 
_entity_src_gen.gene_src_genus                     ? 
_entity_src_gen.pdbx_gene_src_gene                 ? 
_entity_src_gen.gene_src_species                   ? 
_entity_src_gen.gene_src_strain                    ? 
_entity_src_gen.gene_src_tissue                    ? 
_entity_src_gen.gene_src_tissue_fraction           ? 
_entity_src_gen.gene_src_details                   ? 
_entity_src_gen.pdbx_gene_src_fragment             ? 
_entity_src_gen.pdbx_gene_src_scientific_name      'MYCOBACTERIUM TUBERCULOSIS' 
_entity_src_gen.pdbx_gene_src_ncbi_taxonomy_id     1773 
_entity_src_gen.pdbx_gene_src_variant              ? 
_entity_src_gen.pdbx_gene_src_cell_line            ? 
_entity_src_gen.pdbx_gene_src_atcc                 ? 
_entity_src_gen.pdbx_gene_src_organ                ? 
_entity_src_gen.pdbx_gene_src_organelle            ? 
_entity_src_gen.pdbx_gene_src_cell                 ? 
_entity_src_gen.pdbx_gene_src_cellular_location    ? 
_entity_src_gen.host_org_common_name               ? 
_entity_src_gen.pdbx_host_org_scientific_name      'ESCHERICHIA COLI' 
_entity_src_gen.pdbx_host_org_ncbi_taxonomy_id     562 
_entity_src_gen.host_org_genus                     ? 
_entity_src_gen.pdbx_host_org_gene                 ? 
_entity_src_gen.pdbx_host_org_organ                ? 
_entity_src_gen.host_org_species                   ? 
_entity_src_gen.pdbx_host_org_tissue               ? 
_entity_src_gen.pdbx_host_org_tissue_fraction      ? 
_entity_src_gen.pdbx_host_org_strain               SK3430 
_entity_src_gen.pdbx_host_org_variant              ? 
_entity_src_gen.pdbx_host_org_cell_line            ? 
_entity_src_gen.pdbx_host_org_atcc                 ? 
_entity_src_gen.pdbx_host_org_culture_collection   ? 
_entity_src_gen.pdbx_host_org_cell                 ? 
_entity_src_gen.pdbx_host_org_organelle            ? 
_entity_src_gen.pdbx_host_org_cellular_location    ? 
_entity_src_gen.pdbx_host_org_vector_type          ? 
_entity_src_gen.pdbx_host_org_vector               ? 
_entity_src_gen.host_org_details                   ? 
_entity_src_gen.expression_system_id               ? 
_entity_src_gen.plasmid_name                       PKK233-2 
_entity_src_gen.plasmid_details                    ? 
_entity_src_gen.pdbx_description                   ? 
# 
_struct_ref.id                         1 
_struct_ref.db_name                    UNP 
_struct_ref.db_code                    AROQ_MYCTU 
_struct_ref.entity_id                  1 
_struct_ref.pdbx_seq_one_letter_code   ? 
_struct_ref.pdbx_align_begin           ? 
_struct_ref.pdbx_db_accession          P0A4Z6 
_struct_ref.pdbx_db_isoform            ? 
# 
_struct_ref_seq.align_id                      1 
_struct_ref_seq.ref_id                        1 
_struct_ref_seq.pdbx_PDB_id_code              2XB8 
_struct_ref_seq.pdbx_strand_id                A 
_struct_ref_seq.seq_align_beg                 1 
_struct_ref_seq.pdbx_seq_align_beg_ins_code   ? 
_struct_ref_seq.seq_align_end                 146 
_struct_ref_seq.pdbx_seq_align_end_ins_code   ? 
_struct_ref_seq.pdbx_db_accession             P0A4Z6 
_struct_ref_seq.db_align_beg                  2 
_struct_ref_seq.pdbx_db_align_beg_ins_code    ? 
_struct_ref_seq.db_align_end                  147 
_struct_ref_seq.pdbx_db_align_end_ins_code    ? 
_struct_ref_seq.pdbx_auth_seq_align_beg       1 
_struct_ref_seq.pdbx_auth_seq_align_end       146 
# 
loop_
_chem_comp.id 
_chem_comp.type 
_chem_comp.mon_nstd_flag 
_chem_comp.name 
_chem_comp.pdbx_synonyms 
_chem_comp.formula 
_chem_comp.formula_weight 
ALA 'L-peptide linking' y ALANINE                                                                              ? 'C3 H7 N O2'     
89.093  
ARG 'L-peptide linking' y ARGININE                                                                             ? 'C6 H15 N4 O2 1' 
175.209 
ASN 'L-peptide linking' y ASPARAGINE                                                                           ? 'C4 H8 N2 O3'    
132.118 
ASP 'L-peptide linking' y 'ASPARTIC ACID'                                                                      ? 'C4 H7 N O4'     
133.103 
CYS 'L-peptide linking' y CYSTEINE                                                                             ? 'C3 H7 N O2 S'   
121.158 
GLN 'L-peptide linking' y GLUTAMINE                                                                            ? 'C5 H10 N2 O3'   
146.144 
GLU 'L-peptide linking' y 'GLUTAMIC ACID'                                                                      ? 'C5 H9 N O4'     
147.129 
GLY 'peptide linking'   y GLYCINE                                                                              ? 'C2 H5 N O2'     
75.067  
HIS 'L-peptide linking' y HISTIDINE                                                                            ? 'C6 H10 N3 O2 1' 
156.162 
HOH non-polymer         . WATER                                                                                ? 'H2 O'           
18.015  
ILE 'L-peptide linking' y ISOLEUCINE                                                                           ? 'C6 H13 N O2'    
131.173 
LEU 'L-peptide linking' y LEUCINE                                                                              ? 'C6 H13 N O2'    
131.173 
LYS 'L-peptide linking' y LYSINE                                                                               ? 'C6 H15 N2 O2 1' 
147.195 
PHE 'L-peptide linking' y PHENYLALANINE                                                                        ? 'C9 H11 N O2'    
165.189 
PRO 'L-peptide linking' y PROLINE                                                                              ? 'C5 H9 N O2'     
115.130 
SER 'L-peptide linking' y SERINE                                                                               ? 'C3 H7 N O3'     
105.093 
SO4 non-polymer         . 'SULFATE ION'                                                                        ? 'O4 S -2'        
96.063  
THR 'L-peptide linking' y THREONINE                                                                            ? 'C4 H9 N O3'     
119.119 
TRP 'L-peptide linking' y TRYPTOPHAN                                                                           ? 'C11 H12 N2 O2'  
204.225 
TRS non-polymer         . 2-AMINO-2-HYDROXYMETHYL-PROPANE-1,3-DIOL                                             'TRIS BUFFER' 
'C4 H12 N O3 1'  122.143 
TYR 'L-peptide linking' y TYROSINE                                                                             ? 'C9 H11 N O3'    
181.189 
VAL 'L-peptide linking' y VALINE                                                                               ? 'C5 H11 N O2'    
117.146 
XNW non-polymer         . '(1R,2R,4S,5R)-1,4,5-TRIHYDROXY-2-(4-METHOXYBENZYL)-3-OXOCYCLOHEXANECARBOXYLIC ACID' 
'(2R)-2-METHOXYBENZYL-3-DEHYDROQUINIC ACID' 'C15 H18 O7'     310.299 
# 
_exptl.entry_id          2XB8 
_exptl.method            'X-RAY DIFFRACTION' 
_exptl.crystals_number   1 
# 
_exptl_crystal.id                    1 
_exptl_crystal.density_meas          ? 
_exptl_crystal.density_Matthews      2.7 
_exptl_crystal.density_percent_sol   54 
_exptl_crystal.description           NONE 
# 
_exptl_crystal_grow.crystal_id      1 
_exptl_crystal_grow.method          ? 
_exptl_crystal_grow.temp            ? 
_exptl_crystal_grow.temp_details    ? 
_exptl_crystal_grow.pH              7.5 
_exptl_crystal_grow.pdbx_pH_range   ? 
_exptl_crystal_grow.pdbx_details    
;20 MG/ML DEHYDROQUINASE, 0.05 M TRIS-HCL PH 7.5, 1 MM EDTA, 0.2 M SODIUM CHLORIDE, 12.5 MM (2R)-2-PARA-METHOXYBENZYL-3-DEHYDROQUINIC ACID, 5% (V/V) METHANOL, 32% (V/V) 2-METHYL-2,4-PENTANEDIOL, 0.3 M AMMONIUM SULPHATE, 0.1 M HEPES-NAOH PH 7.5
;
# 
_diffrn.id                     1 
_diffrn.ambient_temp           100 
_diffrn.ambient_temp_details   ? 
_diffrn.crystal_id             1 
# 
_diffrn_detector.diffrn_id              1 
_diffrn_detector.detector               CCD 
_diffrn_detector.type                   'MARMOSAIC 225 mm CCD' 
_diffrn_detector.pdbx_collection_date   2010-02-14 
_diffrn_detector.details                
'ONE PAIR OF (300X40X15) MM3 LONG PT COATED SI MIRROR, 260MM USABLE, IN A KIRKPATRICK-BAEZ GEOMETRY' 
# 
_diffrn_radiation.diffrn_id                        1 
_diffrn_radiation.wavelength_id                    1 
_diffrn_radiation.pdbx_monochromatic_or_laue_m_l   M 
_diffrn_radiation.monochromator                    'HORIZONTALLY SIDE DIFFRACTING SILICON 111 CRYSTAL' 
_diffrn_radiation.pdbx_diffrn_protocol             'SINGLE WAVELENGTH' 
_diffrn_radiation.pdbx_scattering_type             x-ray 
# 
_diffrn_radiation_wavelength.id           1 
_diffrn_radiation_wavelength.wavelength   0.8726 
_diffrn_radiation_wavelength.wt           1.0 
# 
_diffrn_source.diffrn_id                   1 
_diffrn_source.source                      SYNCHROTRON 
_diffrn_source.type                        'ESRF BEAMLINE ID23-2' 
_diffrn_source.pdbx_synchrotron_site       ESRF 
_diffrn_source.pdbx_synchrotron_beamline   ID23-2 
_diffrn_source.pdbx_wavelength             0.8726 
_diffrn_source.pdbx_wavelength_list        ? 
# 
_reflns.pdbx_diffrn_id               1 
_reflns.pdbx_ordinal                 1 
_reflns.entry_id                     2XB8 
_reflns.observed_criterion_sigma_I   0.0 
_reflns.observed_criterion_sigma_F   ? 
_reflns.d_resolution_low             38.00 
_reflns.d_resolution_high            2.40 
_reflns.number_obs                   6707 
_reflns.number_all                   ? 
_reflns.percent_possible_obs         100.0 
_reflns.pdbx_Rmerge_I_obs            0.12 
_reflns.pdbx_Rsym_value              ? 
_reflns.pdbx_netI_over_sigmaI        6.00 
_reflns.B_iso_Wilson_estimate        28.6 
_reflns.pdbx_redundancy              10.9 
# 
_reflns_shell.pdbx_diffrn_id         1 
_reflns_shell.pdbx_ordinal           1 
_reflns_shell.d_res_high             2.40 
_reflns_shell.d_res_low              2.53 
_reflns_shell.percent_possible_all   100.0 
_reflns_shell.Rmerge_I_obs           0.38 
_reflns_shell.pdbx_Rsym_value        ? 
_reflns_shell.meanI_over_sigI_obs    2.00 
_reflns_shell.pdbx_redundancy        11.0 
# 
_refine.pdbx_refine_id                           'X-RAY DIFFRACTION' 
_refine.entry_id                                 2XB8 
_refine.pdbx_diffrn_id                           1 
_refine.pdbx_TLS_residual_ADP_flag               ? 
_refine.ls_number_reflns_obs                     6175 
_refine.ls_number_reflns_all                     ? 
_refine.pdbx_ls_sigma_I                          ? 
_refine.pdbx_ls_sigma_F                          . 
_refine.pdbx_data_cutoff_high_absF               ? 
_refine.pdbx_data_cutoff_low_absF                ? 
_refine.pdbx_data_cutoff_high_rms_absF           ? 
_refine.ls_d_res_low                             20.00 
_refine.ls_d_res_high                            2.40 
_refine.ls_percent_reflns_obs                    100.00 
_refine.ls_R_factor_obs                          0.16020 
_refine.ls_R_factor_all                          ? 
_refine.ls_R_factor_R_work                       0.15639 
_refine.ls_R_factor_R_free                       0.20594 
_refine.ls_R_factor_R_free_error                 ? 
_refine.ls_R_factor_R_free_error_details         ? 
_refine.ls_percent_reflns_R_free                 7.5 
_refine.ls_number_reflns_R_free                  503 
_refine.ls_number_parameters                     ? 
_refine.ls_number_restraints                     ? 
_refine.occupancy_min                            ? 
_refine.occupancy_max                            ? 
_refine.correlation_coeff_Fo_to_Fc               0.952 
_refine.correlation_coeff_Fo_to_Fc_free          0.928 
_refine.B_iso_mean                               16.109 
_refine.aniso_B[1][1]                            ? 
_refine.aniso_B[2][2]                            ? 
_refine.aniso_B[3][3]                            ? 
_refine.aniso_B[1][2]                            ? 
_refine.aniso_B[1][3]                            ? 
_refine.aniso_B[2][3]                            ? 
_refine.solvent_model_details                    MASK 
_refine.solvent_model_param_ksol                 ? 
_refine.solvent_model_param_bsol                 ? 
_refine.pdbx_solvent_vdw_probe_radii             1.40 
_refine.pdbx_solvent_ion_probe_radii             0.80 
_refine.pdbx_solvent_shrinkage_radii             0.80 
_refine.pdbx_ls_cross_valid_method               THROUGHOUT 
_refine.details                                  
'HYDROGENS HAVE BEEN ADDED IN THE RIDING POSITIONS. U VALUES REFINED INDIVIDUALLY.' 
_refine.pdbx_starting_model                      'PDB ENTRY 1H0S' 
_refine.pdbx_method_to_determine_struct          'MOLECULAR REPLACEMENT' 
_refine.pdbx_isotropic_thermal_model             ? 
_refine.pdbx_stereochemistry_target_values       'MAXIMUM LIKELIHOOD' 
_refine.pdbx_stereochem_target_val_spec_case     ? 
_refine.pdbx_R_Free_selection_details            RANDOM 
_refine.pdbx_overall_ESU_R                       0.352 
_refine.pdbx_overall_ESU_R_Free                  0.223 
_refine.overall_SU_ML                            0.132 
_refine.pdbx_overall_phase_error                 ? 
_refine.overall_SU_B                             5.402 
_refine.overall_SU_R_Cruickshank_DPI             ? 
_refine.pdbx_overall_SU_R_free_Cruickshank_DPI   ? 
_refine.pdbx_overall_SU_R_Blow_DPI               ? 
_refine.pdbx_overall_SU_R_free_Blow_DPI          ? 
# 
_refine_hist.pdbx_refine_id                   'X-RAY DIFFRACTION' 
_refine_hist.cycle_id                         LAST 
_refine_hist.pdbx_number_atoms_protein        1071 
_refine_hist.pdbx_number_atoms_nucleic_acid   0 
_refine_hist.pdbx_number_atoms_ligand         65 
_refine_hist.number_atoms_solvent             50 
_refine_hist.number_atoms_total               1186 
_refine_hist.d_res_high                       2.40 
_refine_hist.d_res_low                        20.00 
# 
loop_
_refine_ls_restr.type 
_refine_ls_restr.dev_ideal 
_refine_ls_restr.dev_ideal_target 
_refine_ls_restr.weight 
_refine_ls_restr.number 
_refine_ls_restr.pdbx_refine_id 
_refine_ls_restr.pdbx_restraint_function 
r_bond_refined_d             0.016  0.021  ? 1149 'X-RAY DIFFRACTION' ? 
r_bond_other_d               0.001  0.020  ? 730  'X-RAY DIFFRACTION' ? 
r_angle_refined_deg          1.554  2.016  ? 1570 'X-RAY DIFFRACTION' ? 
r_angle_other_deg            0.979  3.002  ? 1761 'X-RAY DIFFRACTION' ? 
r_dihedral_angle_1_deg       7.322  5.000  ? 140  'X-RAY DIFFRACTION' ? 
r_dihedral_angle_2_deg       32.954 23.265 ? 49   'X-RAY DIFFRACTION' ? 
r_dihedral_angle_3_deg       14.235 15.000 ? 174  'X-RAY DIFFRACTION' ? 
r_dihedral_angle_4_deg       15.530 15.000 ? 10   'X-RAY DIFFRACTION' ? 
r_chiral_restr               0.096  0.200  ? 180  'X-RAY DIFFRACTION' ? 
r_gen_planes_refined         0.006  0.021  ? 1249 'X-RAY DIFFRACTION' ? 
r_gen_planes_other           0.001  0.020  ? 217  'X-RAY DIFFRACTION' ? 
r_nbd_refined                0.215  0.200  ? 203  'X-RAY DIFFRACTION' ? 
r_nbd_other                  0.187  0.200  ? 715  'X-RAY DIFFRACTION' ? 
r_nbtor_refined              0.165  0.200  ? 543  'X-RAY DIFFRACTION' ? 
r_nbtor_other                0.085  0.200  ? 553  'X-RAY DIFFRACTION' ? 
r_xyhbond_nbd_refined        0.175  0.200  ? 39   'X-RAY DIFFRACTION' ? 
r_xyhbond_nbd_other          ?      ?      ? ?    'X-RAY DIFFRACTION' ? 
r_metal_ion_refined          ?      ?      ? ?    'X-RAY DIFFRACTION' ? 
r_metal_ion_other            ?      ?      ? ?    'X-RAY DIFFRACTION' ? 
r_symmetry_vdw_refined       0.229  0.200  ? 9    'X-RAY DIFFRACTION' ? 
r_symmetry_vdw_other         0.255  0.200  ? 38   'X-RAY DIFFRACTION' ? 
r_symmetry_hbond_refined     0.216  0.200  ? 11   'X-RAY DIFFRACTION' ? 
r_symmetry_hbond_other       ?      ?      ? ?    'X-RAY DIFFRACTION' ? 
r_symmetry_metal_ion_refined ?      ?      ? ?    'X-RAY DIFFRACTION' ? 
r_symmetry_metal_ion_other   ?      ?      ? ?    'X-RAY DIFFRACTION' ? 
r_mcbond_it                  0.803  1.500  ? 703  'X-RAY DIFFRACTION' ? 
r_mcbond_other               0.133  1.500  ? 289  'X-RAY DIFFRACTION' ? 
r_mcangle_it                 1.461  2.000  ? 1120 'X-RAY DIFFRACTION' ? 
r_mcangle_other              ?      ?      ? ?    'X-RAY DIFFRACTION' ? 
r_scbond_it                  1.955  3.000  ? 446  'X-RAY DIFFRACTION' ? 
r_scbond_other               ?      ?      ? ?    'X-RAY DIFFRACTION' ? 
r_scangle_it                 3.015  4.500  ? 450  'X-RAY DIFFRACTION' ? 
r_scangle_other              ?      ?      ? ?    'X-RAY DIFFRACTION' ? 
r_long_range_B_refined       ?      ?      ? ?    'X-RAY DIFFRACTION' ? 
r_long_range_B_other         ?      ?      ? ?    'X-RAY DIFFRACTION' ? 
r_rigid_bond_restr           ?      ?      ? ?    'X-RAY DIFFRACTION' ? 
r_sphericity_free            ?      ?      ? ?    'X-RAY DIFFRACTION' ? 
r_sphericity_bonded          ?      ?      ? ?    'X-RAY DIFFRACTION' ? 
# 
_refine_ls_shell.pdbx_refine_id                   'X-RAY DIFFRACTION' 
_refine_ls_shell.pdbx_total_number_of_bins_used   10 
_refine_ls_shell.d_res_high                       2.401 
_refine_ls_shell.d_res_low                        2.529 
_refine_ls_shell.number_reflns_R_work             887 
_refine_ls_shell.R_factor_R_work                  0.169 
_refine_ls_shell.percent_reflns_obs               100.00 
_refine_ls_shell.R_factor_R_free                  0.239 
_refine_ls_shell.R_factor_R_free_error            ? 
_refine_ls_shell.percent_reflns_R_free            ? 
_refine_ls_shell.number_reflns_R_free             81 
_refine_ls_shell.number_reflns_all                ? 
_refine_ls_shell.R_factor_all                     ? 
# 
_struct.entry_id                  2XB8 
_struct.title                     
;Structure of Mycobacterium tuberculosis type II dehydroquinase in complex with inhibitor compound (2R)-2-(4-methoxybenzyl)-3- dehydroquinic acid
;
_struct.pdbx_model_details        ? 
_struct.pdbx_CASP_flag            ? 
_struct.pdbx_model_type_details   ? 
# 
_struct_keywords.entry_id        2XB8 
_struct_keywords.pdbx_keywords   LYASE 
_struct_keywords.text            'LYASE, AMINO ACID BIOSYNTHESIS' 
# 
loop_
_struct_asym.id 
_struct_asym.pdbx_blank_PDB_chainid_flag 
_struct_asym.pdbx_modified 
_struct_asym.entity_id 
_struct_asym.details 
A N N 1 ? 
B N N 2 ? 
C N N 3 ? 
D N N 3 ? 
E N N 3 ? 
F N N 3 ? 
G N N 3 ? 
H N N 3 ? 
I N N 3 ? 
J N N 4 ? 
K N N 5 ? 
# 
loop_
_struct_conf.conf_type_id 
_struct_conf.id 
_struct_conf.pdbx_PDB_helix_id 
_struct_conf.beg_label_comp_id 
_struct_conf.beg_label_asym_id 
_struct_conf.beg_label_seq_id 
_struct_conf.pdbx_beg_PDB_ins_code 
_struct_conf.end_label_comp_id 
_struct_conf.end_label_asym_id 
_struct_conf.end_label_seq_id 
_struct_conf.pdbx_end_PDB_ins_code 
_struct_conf.beg_auth_comp_id 
_struct_conf.beg_auth_asym_id 
_struct_conf.beg_auth_seq_id 
_struct_conf.end_auth_comp_id 
_struct_conf.end_auth_asym_id 
_struct_conf.end_auth_seq_id 
_struct_conf.pdbx_PDB_helix_class 
_struct_conf.details 
_struct_conf.pdbx_PDB_helix_length 
HELX_P HELX_P1  1  ASN A 12  ? ARG A 15  ? ASN A 12  ARG A 15  5 ? 4  
HELX_P HELX_P2  2  GLU A 20  ? GLY A 25  ? GLU A 20  GLY A 25  1 ? 6  
HELX_P HELX_P3  3  THR A 28  ? LEU A 43  ? THR A 28  LEU A 43  1 ? 16 
HELX_P HELX_P4  4  SER A 54  ? ALA A 68  ? SER A 54  ALA A 68  1 ? 15 
HELX_P HELX_P5  5  ALA A 76  ? THR A 82  ? ALA A 76  THR A 82  5 ? 7  
HELX_P HELX_P6  6  SER A 83  ? GLU A 92  ? SER A 83  GLU A 92  1 ? 10 
HELX_P HELX_P7  7  ASN A 104 ? ARG A 108 ? ASN A 104 ARG A 108 5 ? 5  
HELX_P HELX_P8  8  GLU A 109 ? HIS A 114 ? GLU A 109 HIS A 114 5 ? 6  
HELX_P HELX_P9  9  LEU A 117 ? ALA A 121 ? LEU A 117 ALA A 121 5 ? 5  
HELX_P HELX_P10 10 ILE A 130 ? HIS A 143 ? ILE A 130 HIS A 143 1 ? 14 
# 
_struct_conf_type.id          HELX_P 
_struct_conf_type.criteria    ? 
_struct_conf_type.reference   ? 
# 
_struct_sheet.id               AA 
_struct_sheet.type             ? 
_struct_sheet.number_strands   5 
_struct_sheet.details          ? 
# 
loop_
_struct_sheet_order.sheet_id 
_struct_sheet_order.range_id_1 
_struct_sheet_order.range_id_2 
_struct_sheet_order.offset 
_struct_sheet_order.sense 
AA 1 2 ? parallel 
AA 2 3 ? parallel 
AA 3 4 ? parallel 
AA 4 5 ? parallel 
# 
loop_
_struct_sheet_range.sheet_id 
_struct_sheet_range.id 
_struct_sheet_range.beg_label_comp_id 
_struct_sheet_range.beg_label_asym_id 
_struct_sheet_range.beg_label_seq_id 
_struct_sheet_range.pdbx_beg_PDB_ins_code 
_struct_sheet_range.end_label_comp_id 
_struct_sheet_range.end_label_asym_id 
_struct_sheet_range.end_label_seq_id 
_struct_sheet_range.pdbx_end_PDB_ins_code 
_struct_sheet_range.beg_auth_comp_id 
_struct_sheet_range.beg_auth_asym_id 
_struct_sheet_range.beg_auth_seq_id 
_struct_sheet_range.end_auth_comp_id 
_struct_sheet_range.end_auth_asym_id 
_struct_sheet_range.end_auth_seq_id 
AA 1 LYS A 46  ? GLN A 51  ? LYS A 46  GLN A 51  
AA 2 ILE A 4   ? ASN A 9   ? ILE A 4   ASN A 9   
AA 3 VAL A 72  ? ASN A 75  ? VAL A 72  ASN A 75  
AA 4 LEU A 97  ? HIS A 101 ? LEU A 97  HIS A 101 
AA 5 GLY A 123 ? VAL A 126 ? GLY A 123 VAL A 126 
# 
loop_
_pdbx_struct_sheet_hbond.sheet_id 
_pdbx_struct_sheet_hbond.range_id_1 
_pdbx_struct_sheet_hbond.range_id_2 
_pdbx_struct_sheet_hbond.range_1_label_atom_id 
_pdbx_struct_sheet_hbond.range_1_label_comp_id 
_pdbx_struct_sheet_hbond.range_1_label_asym_id 
_pdbx_struct_sheet_hbond.range_1_label_seq_id 
_pdbx_struct_sheet_hbond.range_1_PDB_ins_code 
_pdbx_struct_sheet_hbond.range_1_auth_atom_id 
_pdbx_struct_sheet_hbond.range_1_auth_comp_id 
_pdbx_struct_sheet_hbond.range_1_auth_asym_id 
_pdbx_struct_sheet_hbond.range_1_auth_seq_id 
_pdbx_struct_sheet_hbond.range_2_label_atom_id 
_pdbx_struct_sheet_hbond.range_2_label_comp_id 
_pdbx_struct_sheet_hbond.range_2_label_asym_id 
_pdbx_struct_sheet_hbond.range_2_label_seq_id 
_pdbx_struct_sheet_hbond.range_2_PDB_ins_code 
_pdbx_struct_sheet_hbond.range_2_auth_atom_id 
_pdbx_struct_sheet_hbond.range_2_auth_comp_id 
_pdbx_struct_sheet_hbond.range_2_auth_asym_id 
_pdbx_struct_sheet_hbond.range_2_auth_seq_id 
AA 1 2 N VAL A 48 ? N VAL A 48 O VAL A 5   ? O VAL A 5   
AA 2 3 N ILE A 8  ? N ILE A 8  O ILE A 73  ? O ILE A 73  
AA 3 4 N LEU A 74 ? N LEU A 74 O ILE A 98  ? O ILE A 98  
AA 4 5 N GLU A 99 ? N GLU A 99 O GLY A 123 ? O GLY A 123 
# 
loop_
_struct_site.id 
_struct_site.pdbx_evidence_code 
_struct_site.pdbx_auth_asym_id 
_struct_site.pdbx_auth_comp_id 
_struct_site.pdbx_auth_seq_id 
_struct_site.pdbx_auth_ins_code 
_struct_site.pdbx_num_residues 
_struct_site.details 
AC1 Software A XNW 1144 ? 14 'BINDING SITE FOR RESIDUE XNW A 1144' 
AC2 Software A SO4 1145 ? 7  'BINDING SITE FOR RESIDUE SO4 A 1145' 
AC3 Software A SO4 1146 ? 4  'BINDING SITE FOR RESIDUE SO4 A 1146' 
AC4 Software A SO4 1147 ? 4  'BINDING SITE FOR RESIDUE SO4 A 1147' 
AC5 Software A SO4 1148 ? 7  'BINDING SITE FOR RESIDUE SO4 A 1148' 
AC6 Software A SO4 1149 ? 5  'BINDING SITE FOR RESIDUE SO4 A 1149' 
AC7 Software A SO4 1150 ? 5  'BINDING SITE FOR RESIDUE SO4 A 1150' 
AC8 Software A SO4 1151 ? 2  'BINDING SITE FOR RESIDUE SO4 A 1151' 
AC9 Software A TRS 1152 ? 6  'BINDING SITE FOR RESIDUE TRS A 1152' 
# 
loop_
_struct_site_gen.id 
_struct_site_gen.site_id 
_struct_site_gen.pdbx_num_res 
_struct_site_gen.label_comp_id 
_struct_site_gen.label_asym_id 
_struct_site_gen.label_seq_id 
_struct_site_gen.pdbx_auth_ins_code 
_struct_site_gen.auth_comp_id 
_struct_site_gen.auth_asym_id 
_struct_site_gen.auth_seq_id 
_struct_site_gen.label_atom_id 
_struct_site_gen.label_alt_id 
_struct_site_gen.symmetry 
_struct_site_gen.details 
1  AC1 14 ASN A 12  ? ASN A 12   . ? 1_555  ? 
2  AC1 14 LEU A 13  ? LEU A 13   . ? 1_555  ? 
3  AC1 14 LEU A 16  ? LEU A 16   . ? 1_555  ? 
4  AC1 14 TYR A 24  ? TYR A 24   . ? 1_555  ? 
5  AC1 14 ASN A 75  ? ASN A 75   . ? 1_555  ? 
6  AC1 14 GLY A 77  ? GLY A 77   . ? 1_555  ? 
7  AC1 14 GLY A 78  ? GLY A 78   . ? 1_555  ? 
8  AC1 14 HIS A 81  ? HIS A 81   . ? 1_555  ? 
9  AC1 14 ASP A 88  ? ASP A 88   . ? 32_555 ? 
10 AC1 14 HIS A 101 ? HIS A 101  . ? 1_555  ? 
11 AC1 14 ILE A 102 ? ILE A 102  . ? 1_555  ? 
12 AC1 14 SER A 103 ? SER A 103  . ? 1_555  ? 
13 AC1 14 ARG A 112 ? ARG A 112  . ? 1_555  ? 
14 AC1 14 HOH K .   ? HOH A 2025 . ? 32_555 ? 
15 AC2 7  SER A 54  ? SER A 54   . ? 23_555 ? 
16 AC2 7  SER A 54  ? SER A 54   . ? 32_555 ? 
17 AC2 7  SER A 54  ? SER A 54   . ? 1_555  ? 
18 AC2 7  ALA A 56  ? ALA A 56   . ? 23_555 ? 
19 AC2 7  HOH K .   ? HOH A 2047 . ? 1_555  ? 
20 AC2 7  HOH K .   ? HOH A 2047 . ? 32_555 ? 
21 AC2 7  HOH K .   ? HOH A 2047 . ? 23_555 ? 
22 AC3 4  HIS A 114 ? HIS A 114  . ? 1_555  ? 
23 AC3 4  SER A 115 ? SER A 115  . ? 1_555  ? 
24 AC3 4  TYR A 116 ? TYR A 116  . ? 1_555  ? 
25 AC3 4  SO4 F .   ? SO4 A 1148 . ? 1_555  ? 
26 AC4 4  ARG A 50  ? ARG A 50   . ? 1_555  ? 
27 AC4 4  TRP A 61  ? TRP A 61   . ? 1_555  ? 
28 AC4 4  GLN A 64  ? GLN A 64   . ? 1_555  ? 
29 AC4 4  HOH K .   ? HOH A 2020 . ? 1_555  ? 
30 AC5 7  HIS A 106 ? HIS A 106  . ? 2_555  ? 
31 AC5 7  ARG A 113 ? ARG A 113  . ? 2_555  ? 
32 AC5 7  HIS A 114 ? HIS A 114  . ? 1_555  ? 
33 AC5 7  SER A 115 ? SER A 115  . ? 1_555  ? 
34 AC5 7  PRO A 119 ? PRO A 119  . ? 1_555  ? 
35 AC5 7  SO4 D .   ? SO4 A 1146 . ? 1_555  ? 
36 AC5 7  HOH K .   ? HOH A 2037 . ? 1_555  ? 
37 AC6 5  ARG A 15  ? ARG A 15   . ? 1_555  ? 
38 AC6 5  ARG A 18  ? ARG A 18   . ? 1_555  ? 
39 AC6 5  HIS A 63  ? HIS A 63   . ? 32_555 ? 
40 AC6 5  ASP A 67  ? ASP A 67   . ? 32_555 ? 
41 AC6 5  HOH K .   ? HOH A 2048 . ? 1_555  ? 
42 AC7 5  ARG A 87  ? ARG A 87   . ? 1_555  ? 
43 AC7 5  PHE A 111 ? PHE A 111  . ? 23_555 ? 
44 AC7 5  ARG A 113 ? ARG A 113  . ? 2_555  ? 
45 AC7 5  PRO A 119 ? PRO A 119  . ? 1_555  ? 
46 AC7 5  HOH K .   ? HOH A 2049 . ? 1_555  ? 
47 AC8 2  VAL A 48  ? VAL A 48   . ? 1_555  ? 
48 AC8 2  ARG A 50  ? ARG A 50   . ? 1_555  ? 
49 AC9 6  TYR A 24  ? TYR A 24   . ? 2_555  ? 
50 AC9 6  LEU A 128 ? LEU A 128  . ? 2_555  ? 
51 AC9 6  GLY A 129 ? GLY A 129  . ? 2_555  ? 
52 AC9 6  ILE A 130 ? ILE A 130  . ? 2_555  ? 
53 AC9 6  GLN A 131 ? GLN A 131  . ? 2_555  ? 
54 AC9 6  HIS A 143 ? HIS A 143  . ? 1_555  ? 
# 
_atom_sites.entry_id                    2XB8 
_atom_sites.fract_transf_matrix[1][1]   0.00323147 
_atom_sites.fract_transf_matrix[1][2]   0.00640914 
_atom_sites.fract_transf_matrix[1][3]   -0.00330965 
_atom_sites.fract_transf_matrix[2][1]   -0.00720327 
_atom_sites.fract_transf_matrix[2][2]   0.00305788 
_atom_sites.fract_transf_matrix[2][3]   -0.00111154 
_atom_sites.fract_transf_matrix[3][1]   0.00037911 
_atom_sites.fract_transf_matrix[3][2]   0.00347067 
_atom_sites.fract_transf_matrix[3][3]   0.00709112 
_atom_sites.fract_transf_vector[1]      0.063207 
_atom_sites.fract_transf_vector[2]      0.068822 
_atom_sites.fract_transf_vector[3]      0.260414 
# 
loop_
_atom_type.symbol 
C 
N 
O 
S 
# 
loop_
_atom_site.group_PDB 
_atom_site.id 
_atom_site.type_symbol 
_atom_site.label_atom_id 
_atom_site.label_alt_id 
_atom_site.label_comp_id 
_atom_site.label_asym_id 
_atom_site.label_entity_id 
_atom_site.label_seq_id 
_atom_site.pdbx_PDB_ins_code 
_atom_site.Cartn_x 
_atom_site.Cartn_y 
_atom_site.Cartn_z 
_atom_site.occupancy 
_atom_site.B_iso_or_equiv 
_atom_site.pdbx_formal_charge 
_atom_site.auth_seq_id 
_atom_site.auth_comp_id 
_atom_site.auth_asym_id 
_atom_site.auth_atom_id 
_atom_site.pdbx_PDB_model_num 
ATOM   1    N N   . LEU A 1 3   ? -11.363 -9.258  -8.626  1.00 27.38 ? 3    LEU A N   1 
ATOM   2    C CA  . LEU A 1 3   ? -10.962 -8.713  -9.960  1.00 27.14 ? 3    LEU A CA  1 
ATOM   3    C C   . LEU A 1 3   ? -10.157 -7.395  -9.899  1.00 25.56 ? 3    LEU A C   1 
ATOM   4    O O   . LEU A 1 3   ? -8.999  -7.354  -10.325 1.00 25.89 ? 3    LEU A O   1 
ATOM   5    C CB  . LEU A 1 3   ? -12.190 -8.562  -10.851 1.00 27.77 ? 3    LEU A CB  1 
ATOM   6    C CG  . LEU A 1 3   ? -11.943 -8.125  -12.312 1.00 30.17 ? 3    LEU A CG  1 
ATOM   7    C CD1 . LEU A 1 3   ? -10.726 -8.785  -12.977 1.00 30.37 ? 3    LEU A CD1 1 
ATOM   8    C CD2 . LEU A 1 3   ? -13.222 -8.371  -13.152 1.00 32.07 ? 3    LEU A CD2 1 
ATOM   9    N N   . ILE A 1 4   ? -10.754 -6.327  -9.374  1.00 23.79 ? 4    ILE A N   1 
ATOM   10   C CA  . ILE A 1 4   ? -10.053 -5.038  -9.268  1.00 22.17 ? 4    ILE A CA  1 
ATOM   11   C C   . ILE A 1 4   ? -9.396  -4.859  -7.895  1.00 20.45 ? 4    ILE A C   1 
ATOM   12   O O   . ILE A 1 4   ? -10.023 -5.040  -6.869  1.00 19.24 ? 4    ILE A O   1 
ATOM   13   C CB  . ILE A 1 4   ? -10.964 -3.840  -9.571  1.00 22.08 ? 4    ILE A CB  1 
ATOM   14   C CG1 . ILE A 1 4   ? -11.382 -3.864  -11.045 1.00 22.12 ? 4    ILE A CG1 1 
ATOM   15   C CG2 . ILE A 1 4   ? -10.218 -2.512  -9.304  1.00 20.97 ? 4    ILE A CG2 1 
ATOM   16   C CD1 . ILE A 1 4   ? -12.444 -2.866  -11.357 1.00 21.98 ? 4    ILE A CD1 1 
ATOM   17   N N   . VAL A 1 5   ? -8.120  -4.496  -7.918  1.00 19.03 ? 5    VAL A N   1 
ATOM   18   C CA  . VAL A 1 5   ? -7.330  -4.297  -6.710  1.00 17.80 ? 5    VAL A CA  1 
ATOM   19   C C   . VAL A 1 5   ? -6.832  -2.870  -6.729  1.00 16.71 ? 5    VAL A C   1 
ATOM   20   O O   . VAL A 1 5   ? -6.267  -2.421  -7.728  1.00 16.44 ? 5    VAL A O   1 
ATOM   21   C CB  . VAL A 1 5   ? -6.110  -5.273  -6.642  1.00 17.83 ? 5    VAL A CB  1 
ATOM   22   C CG1 . VAL A 1 5   ? -5.285  -5.018  -5.381  1.00 16.19 ? 5    VAL A CG1 1 
ATOM   23   C CG2 . VAL A 1 5   ? -6.570  -6.748  -6.709  1.00 15.86 ? 5    VAL A CG2 1 
ATOM   24   N N   . ASN A 1 6   ? -7.047  -2.161  -5.630  1.00 15.59 ? 6    ASN A N   1 
ATOM   25   C CA  . ASN A 1 6   ? -6.603  -0.791  -5.510  1.00 15.19 ? 6    ASN A CA  1 
ATOM   26   C C   . ASN A 1 6   ? -5.300  -0.751  -4.747  1.00 14.68 ? 6    ASN A C   1 
ATOM   27   O O   . ASN A 1 6   ? -5.245  -1.240  -3.624  1.00 16.47 ? 6    ASN A O   1 
ATOM   28   C CB  . ASN A 1 6   ? -7.639  0.028   -4.768  1.00 15.24 ? 6    ASN A CB  1 
ATOM   29   C CG  . ASN A 1 6   ? -8.956  0.078   -5.486  1.00 15.30 ? 6    ASN A CG  1 
ATOM   30   O OD1 . ASN A 1 6   ? -9.096  0.813   -6.436  1.00 17.60 ? 6    ASN A OD1 1 
ATOM   31   N ND2 . ASN A 1 6   ? -9.938  -0.686  -5.019  1.00 15.00 ? 6    ASN A ND2 1 
ATOM   32   N N   . VAL A 1 7   ? -4.251  -0.184  -5.344  1.00 13.37 ? 7    VAL A N   1 
ATOM   33   C CA  . VAL A 1 7   ? -2.994  0.028   -4.630  1.00 11.96 ? 7    VAL A CA  1 
ATOM   34   C C   . VAL A 1 7   ? -2.910  1.509   -4.340  1.00 11.42 ? 7    VAL A C   1 
ATOM   35   O O   . VAL A 1 7   ? -2.948  2.339   -5.256  1.00 11.19 ? 7    VAL A O   1 
ATOM   36   C CB  . VAL A 1 7   ? -1.753  -0.412  -5.433  1.00 11.85 ? 7    VAL A CB  1 
ATOM   37   C CG1 . VAL A 1 7   ? -0.496  -0.311  -4.547  1.00 8.85  ? 7    VAL A CG1 1 
ATOM   38   C CG2 . VAL A 1 7   ? -1.944  -1.817  -5.979  1.00 10.21 ? 7    VAL A CG2 1 
ATOM   39   N N   . ILE A 1 8   ? -2.820  1.827   -3.059  1.00 10.58 ? 8    ILE A N   1 
ATOM   40   C CA  . ILE A 1 8   ? -2.825  3.191   -2.588  1.00 10.25 ? 8    ILE A CA  1 
ATOM   41   C C   . ILE A 1 8   ? -1.532  3.490   -1.856  1.00 10.58 ? 8    ILE A C   1 
ATOM   42   O O   . ILE A 1 8   ? -1.200  2.823   -0.891  1.00 10.64 ? 8    ILE A O   1 
ATOM   43   C CB  . ILE A 1 8   ? -4.002  3.417   -1.657  1.00 10.49 ? 8    ILE A CB  1 
ATOM   44   C CG1 . ILE A 1 8   ? -5.321  3.234   -2.451  1.00 10.14 ? 8    ILE A CG1 1 
ATOM   45   C CG2 . ILE A 1 8   ? -3.922  4.824   -1.034  1.00 9.28  ? 8    ILE A CG2 1 
ATOM   46   C CD1 . ILE A 1 8   ? -6.533  3.005   -1.621  1.00 9.09  ? 8    ILE A CD1 1 
ATOM   47   N N   . ASN A 1 9   ? -0.786  4.478   -2.358  1.00 11.15 ? 9    ASN A N   1 
ATOM   48   C CA  . ASN A 1 9   ? 0.443   4.952   -1.732  1.00 10.99 ? 9    ASN A CA  1 
ATOM   49   C C   . ASN A 1 9   ? 0.277   6.365   -1.095  1.00 11.43 ? 9    ASN A C   1 
ATOM   50   O O   . ASN A 1 9   ? -0.239  7.296   -1.725  1.00 10.51 ? 9    ASN A O   1 
ATOM   51   C CB  . ASN A 1 9   ? 1.569   4.951   -2.759  1.00 10.80 ? 9    ASN A CB  1 
ATOM   52   C CG  . ASN A 1 9   ? 2.140   3.557   -3.026  1.00 11.37 ? 9    ASN A CG  1 
ATOM   53   O OD1 . ASN A 1 9   ? 2.142   2.675   -2.152  1.00 11.94 ? 9    ASN A OD1 1 
ATOM   54   N ND2 . ASN A 1 9   ? 2.649   3.358   -4.247  1.00 8.86  ? 9    ASN A ND2 1 
ATOM   55   N N   . GLY A 1 10  ? 0.726   6.515   0.155   1.00 11.59 ? 10   GLY A N   1 
ATOM   56   C CA  . GLY A 1 10  ? 0.677   7.810   0.864   1.00 12.14 ? 10   GLY A CA  1 
ATOM   57   C C   . GLY A 1 10  ? 1.893   8.735   0.699   1.00 12.27 ? 10   GLY A C   1 
ATOM   58   O O   . GLY A 1 10  ? 2.640   8.643   -0.275  1.00 12.11 ? 10   GLY A O   1 
ATOM   59   N N   . PRO A 1 11  ? 2.089   9.659   1.655   1.00 12.84 ? 11   PRO A N   1 
ATOM   60   C CA  . PRO A 1 11  ? 3.066   10.731  1.469   1.00 12.25 ? 11   PRO A CA  1 
ATOM   61   C C   . PRO A 1 11  ? 4.465   10.254  1.141   1.00 11.95 ? 11   PRO A C   1 
ATOM   62   O O   . PRO A 1 11  ? 4.919   9.260   1.705   1.00 9.85  ? 11   PRO A O   1 
ATOM   63   C CB  . PRO A 1 11  ? 3.080   11.441  2.824   1.00 12.59 ? 11   PRO A CB  1 
ATOM   64   C CG  . PRO A 1 11  ? 1.777   11.155  3.439   1.00 13.13 ? 11   PRO A CG  1 
ATOM   65   C CD  . PRO A 1 11  ? 1.261   9.870   2.862   1.00 13.28 ? 11   PRO A CD  1 
ATOM   66   N N   . ASN A 1 12  ? 5.119   10.973  0.214   1.00 12.13 ? 12   ASN A N   1 
ATOM   67   C CA  . ASN A 1 12  ? 6.550   10.786  -0.100  1.00 11.99 ? 12   ASN A CA  1 
ATOM   68   C C   . ASN A 1 12  ? 6.851   9.631   -1.048  1.00 12.74 ? 12   ASN A C   1 
ATOM   69   O O   . ASN A 1 12  ? 7.971   9.566   -1.617  1.00 13.69 ? 12   ASN A O   1 
ATOM   70   C CB  . ASN A 1 12  ? 7.396   10.690  1.184   1.00 11.52 ? 12   ASN A CB  1 
ATOM   71   C CG  . ASN A 1 12  ? 7.336   11.972  2.012   1.00 12.10 ? 12   ASN A CG  1 
ATOM   72   O OD1 . ASN A 1 12  ? 7.632   13.037  1.497   1.00 12.80 ? 12   ASN A OD1 1 
ATOM   73   N ND2 . ASN A 1 12  ? 6.940   11.875  3.288   1.00 13.40 ? 12   ASN A ND2 1 
ATOM   74   N N   . LEU A 1 13  ? 5.860   8.765   -1.285  1.00 12.25 ? 13   LEU A N   1 
ATOM   75   C CA  . LEU A 1 13  ? 6.062   7.614   -2.144  1.00 12.17 ? 13   LEU A CA  1 
ATOM   76   C C   . LEU A 1 13  ? 6.221   7.974   -3.636  1.00 13.13 ? 13   LEU A C   1 
ATOM   77   O O   . LEU A 1 13  ? 6.782   7.210   -4.416  1.00 12.27 ? 13   LEU A O   1 
ATOM   78   C CB  . LEU A 1 13  ? 4.968   6.572   -1.892  1.00 12.05 ? 13   LEU A CB  1 
ATOM   79   C CG  . LEU A 1 13  ? 5.363   5.690   -0.680  1.00 12.14 ? 13   LEU A CG  1 
ATOM   80   C CD1 . LEU A 1 13  ? 4.173   5.257   0.202   1.00 11.13 ? 13   LEU A CD1 1 
ATOM   81   C CD2 . LEU A 1 13  ? 6.191   4.485   -1.151  1.00 7.21  ? 13   LEU A CD2 1 
ATOM   82   N N   . GLY A 1 14  ? 5.788   9.165   -4.026  1.00 14.91 ? 14   GLY A N   1 
ATOM   83   C CA  . GLY A 1 14  ? 6.114   9.682   -5.358  1.00 16.39 ? 14   GLY A CA  1 
ATOM   84   C C   . GLY A 1 14  ? 7.593   9.989   -5.607  1.00 17.71 ? 14   GLY A C   1 
ATOM   85   O O   . GLY A 1 14  ? 8.003   10.135  -6.752  1.00 18.30 ? 14   GLY A O   1 
ATOM   86   N N   . ARG A 1 15  ? 8.398   10.070  -4.551  1.00 19.33 ? 15   ARG A N   1 
ATOM   87   C CA  . ARG A 1 15  ? 9.832   10.370  -4.661  1.00 21.32 ? 15   ARG A CA  1 
ATOM   88   C C   . ARG A 1 15  ? 10.682  9.099   -4.824  1.00 23.35 ? 15   ARG A C   1 
ATOM   89   O O   . ARG A 1 15  ? 11.909  9.154   -4.856  1.00 22.75 ? 15   ARG A O   1 
ATOM   90   C CB  . ARG A 1 15  ? 10.312  11.046  -3.386  1.00 21.41 ? 15   ARG A CB  1 
ATOM   91   C CG  . ARG A 1 15  ? 9.397   12.122  -2.856  1.00 22.42 ? 15   ARG A CG  1 
ATOM   92   C CD  . ARG A 1 15  ? 9.638   13.364  -3.563  1.00 21.80 ? 15   ARG A CD  1 
ATOM   93   N NE  . ARG A 1 15  ? 10.983  13.834  -3.249  1.00 22.31 ? 15   ARG A NE  1 
ATOM   94   C CZ  . ARG A 1 15  ? 11.667  14.671  -4.016  1.00 23.82 ? 15   ARG A CZ  1 
ATOM   95   N NH1 . ARG A 1 15  ? 11.133  15.171  -5.131  1.00 25.23 ? 15   ARG A NH1 1 
ATOM   96   N NH2 . ARG A 1 15  ? 12.884  15.031  -3.663  1.00 25.24 ? 15   ARG A NH2 1 
ATOM   97   N N   . LEU A 1 16  ? 10.009  7.960   -4.879  1.00 25.99 ? 16   LEU A N   1 
ATOM   98   C CA  . LEU A 1 16  ? 10.644  6.665   -4.933  1.00 28.70 ? 16   LEU A CA  1 
ATOM   99   C C   . LEU A 1 16  ? 11.664  6.601   -6.045  1.00 31.70 ? 16   LEU A C   1 
ATOM   100  O O   . LEU A 1 16  ? 11.480  7.211   -7.104  1.00 31.53 ? 16   LEU A O   1 
ATOM   101  C CB  . LEU A 1 16  ? 9.573   5.597   -5.162  1.00 28.44 ? 16   LEU A CB  1 
ATOM   102  C CG  . LEU A 1 16  ? 9.769   4.206   -4.590  1.00 28.39 ? 16   LEU A CG  1 
ATOM   103  C CD1 . LEU A 1 16  ? 10.263  4.240   -3.124  1.00 26.19 ? 16   LEU A CD1 1 
ATOM   104  C CD2 . LEU A 1 16  ? 8.438   3.443   -4.745  1.00 27.30 ? 16   LEU A CD2 1 
ATOM   105  N N   . GLY A 1 17  ? 12.749  5.872   -5.787  1.00 35.46 ? 17   GLY A N   1 
ATOM   106  C CA  . GLY A 1 17  ? 13.754  5.571   -6.810  1.00 38.45 ? 17   GLY A CA  1 
ATOM   107  C C   . GLY A 1 17  ? 14.636  6.739   -7.174  1.00 41.20 ? 17   GLY A C   1 
ATOM   108  O O   . GLY A 1 17  ? 15.851  6.606   -7.274  1.00 42.16 ? 17   GLY A O   1 
ATOM   109  N N   . ARG A 1 18  ? 14.011  7.885   -7.392  1.00 44.64 ? 18   ARG A N   1 
ATOM   110  C CA  . ARG A 1 18  ? 14.721  9.121   -7.653  1.00 47.04 ? 18   ARG A CA  1 
ATOM   111  C C   . ARG A 1 18  ? 15.514  9.470   -6.411  1.00 48.65 ? 18   ARG A C   1 
ATOM   112  O O   . ARG A 1 18  ? 16.665  9.909   -6.508  1.00 49.22 ? 18   ARG A O   1 
ATOM   113  C CB  . ARG A 1 18  ? 13.737  10.233  -8.034  1.00 47.48 ? 18   ARG A CB  1 
ATOM   114  C CG  . ARG A 1 18  ? 12.670  9.778   -9.095  1.00 50.23 ? 18   ARG A CG  1 
ATOM   115  C CD  . ARG A 1 18  ? 12.237  10.888  -10.063 1.00 53.08 ? 18   ARG A CD  1 
ATOM   116  N NE  . ARG A 1 18  ? 12.293  12.207  -9.422  1.00 56.19 ? 18   ARG A NE  1 
ATOM   117  C CZ  . ARG A 1 18  ? 11.310  12.773  -8.716  1.00 57.52 ? 18   ARG A CZ  1 
ATOM   118  N NH1 . ARG A 1 18  ? 10.137  12.166  -8.547  1.00 56.99 ? 18   ARG A NH1 1 
ATOM   119  N NH2 . ARG A 1 18  ? 11.506  13.977  -8.183  1.00 58.52 ? 18   ARG A NH2 1 
ATOM   120  N N   . ARG A 1 19  ? 14.922  9.232   -5.242  1.00 50.59 ? 19   ARG A N   1 
ATOM   121  C CA  . ARG A 1 19  ? 15.633  9.461   -3.982  1.00 52.07 ? 19   ARG A CA  1 
ATOM   122  C C   . ARG A 1 19  ? 15.629  8.284   -2.995  1.00 52.57 ? 19   ARG A C   1 
ATOM   123  O O   . ARG A 1 19  ? 14.884  7.313   -3.165  1.00 52.27 ? 19   ARG A O   1 
ATOM   124  C CB  . ARG A 1 19  ? 15.257  10.819  -3.362  1.00 52.66 ? 19   ARG A CB  1 
ATOM   125  C CG  . ARG A 1 19  ? 16.389  11.876  -3.607  1.00 54.87 ? 19   ARG A CG  1 
ATOM   126  C CD  . ARG A 1 19  ? 15.883  13.304  -3.809  1.00 56.69 ? 19   ARG A CD  1 
ATOM   127  N NE  . ARG A 1 19  ? 16.858  14.142  -4.515  1.00 58.43 ? 19   ARG A NE  1 
ATOM   128  C CZ  . ARG A 1 19  ? 17.712  14.998  -3.939  1.00 59.91 ? 19   ARG A CZ  1 
ATOM   129  N NH1 . ARG A 1 19  ? 17.743  15.175  -2.612  1.00 59.43 ? 19   ARG A NH1 1 
ATOM   130  N NH2 . ARG A 1 19  ? 18.556  15.693  -4.711  1.00 60.71 ? 19   ARG A NH2 1 
ATOM   131  N N   . GLU A 1 20  ? 16.444  8.453   -1.944  1.00 53.23 ? 20   GLU A N   1 
ATOM   132  C CA  . GLU A 1 20  ? 17.500  7.487   -1.555  1.00 53.75 ? 20   GLU A CA  1 
ATOM   133  C C   . GLU A 1 20  ? 17.341  6.014   -1.950  1.00 53.48 ? 20   GLU A C   1 
ATOM   134  O O   . GLU A 1 20  ? 16.621  5.258   -1.271  1.00 53.67 ? 20   GLU A O   1 
ATOM   135  C CB  . GLU A 1 20  ? 17.888  7.589   -0.071  1.00 54.32 ? 20   GLU A CB  1 
ATOM   136  C CG  . GLU A 1 20  ? 19.321  7.049   0.184   1.00 55.87 ? 20   GLU A CG  1 
ATOM   137  C CD  . GLU A 1 20  ? 19.932  7.554   1.481   1.00 57.92 ? 20   GLU A CD  1 
ATOM   138  O OE1 . GLU A 1 20  ? 19.261  7.444   2.540   1.00 58.65 ? 20   GLU A OE1 1 
ATOM   139  O OE2 . GLU A 1 20  ? 21.086  8.055   1.429   1.00 58.18 ? 20   GLU A OE2 1 
ATOM   140  N N   . PRO A 1 21  ? 18.051  5.598   -3.031  1.00 52.95 ? 21   PRO A N   1 
ATOM   141  C CA  . PRO A 1 21  ? 18.028  4.183   -3.417  1.00 52.47 ? 21   PRO A CA  1 
ATOM   142  C C   . PRO A 1 21  ? 18.457  3.226   -2.288  1.00 51.89 ? 21   PRO A C   1 
ATOM   143  O O   . PRO A 1 21  ? 17.962  2.096   -2.236  1.00 51.52 ? 21   PRO A O   1 
ATOM   144  C CB  . PRO A 1 21  ? 19.012  4.120   -4.611  1.00 52.62 ? 21   PRO A CB  1 
ATOM   145  C CG  . PRO A 1 21  ? 19.854  5.373   -4.497  1.00 52.64 ? 21   PRO A CG  1 
ATOM   146  C CD  . PRO A 1 21  ? 18.904  6.392   -3.943  1.00 53.02 ? 21   PRO A CD  1 
ATOM   147  N N   . ALA A 1 22  ? 19.353  3.688   -1.403  1.00 51.18 ? 22   ALA A N   1 
ATOM   148  C CA  . ALA A 1 22  ? 19.893  2.871   -0.309  1.00 50.58 ? 22   ALA A CA  1 
ATOM   149  C C   . ALA A 1 22  ? 18.821  2.373   0.677   1.00 49.86 ? 22   ALA A C   1 
ATOM   150  O O   . ALA A 1 22  ? 18.870  1.212   1.094   1.00 49.81 ? 22   ALA A O   1 
ATOM   151  C CB  . ALA A 1 22  ? 20.992  3.643   0.440   1.00 50.76 ? 22   ALA A CB  1 
ATOM   152  N N   . VAL A 1 23  ? 17.863  3.240   1.041   1.00 48.77 ? 23   VAL A N   1 
ATOM   153  C CA  . VAL A 1 23  ? 16.766  2.863   1.971   1.00 47.58 ? 23   VAL A CA  1 
ATOM   154  C C   . VAL A 1 23  ? 15.609  2.108   1.272   1.00 46.65 ? 23   VAL A C   1 
ATOM   155  O O   . VAL A 1 23  ? 15.060  1.131   1.840   1.00 46.10 ? 23   VAL A O   1 
ATOM   156  C CB  . VAL A 1 23  ? 16.187  4.100   2.740   1.00 47.61 ? 23   VAL A CB  1 
ATOM   157  C CG1 . VAL A 1 23  ? 15.081  3.674   3.716   1.00 47.30 ? 23   VAL A CG1 1 
ATOM   158  C CG2 . VAL A 1 23  ? 17.299  4.855   3.489   1.00 47.41 ? 23   VAL A CG2 1 
ATOM   159  N N   . TYR A 1 24  ? 15.254  2.550   0.053   1.00 45.12 ? 24   TYR A N   1 
ATOM   160  C CA  . TYR A 1 24  ? 14.040  2.054   -0.643  1.00 44.10 ? 24   TYR A CA  1 
ATOM   161  C C   . TYR A 1 24  ? 14.215  1.446   -2.068  1.00 42.94 ? 24   TYR A C   1 
ATOM   162  O O   . TYR A 1 24  ? 13.230  0.991   -2.659  1.00 43.58 ? 24   TYR A O   1 
ATOM   163  C CB  . TYR A 1 24  ? 12.980  3.173   -0.682  1.00 44.07 ? 24   TYR A CB  1 
ATOM   164  C CG  . TYR A 1 24  ? 12.636  3.811   0.677   1.00 43.62 ? 24   TYR A CG  1 
ATOM   165  C CD1 . TYR A 1 24  ? 11.936  3.108   1.650   1.00 42.77 ? 24   TYR A CD1 1 
ATOM   166  C CD2 . TYR A 1 24  ? 12.973  5.141   0.953   1.00 44.16 ? 24   TYR A CD2 1 
ATOM   167  C CE1 . TYR A 1 24  ? 11.608  3.698   2.880   1.00 42.50 ? 24   TYR A CE1 1 
ATOM   168  C CE2 . TYR A 1 24  ? 12.644  5.747   2.182   1.00 43.01 ? 24   TYR A CE2 1 
ATOM   169  C CZ  . TYR A 1 24  ? 11.961  5.020   3.148   1.00 41.48 ? 24   TYR A CZ  1 
ATOM   170  O OH  . TYR A 1 24  ? 11.628  5.603   4.364   1.00 34.37 ? 24   TYR A OH  1 
ATOM   171  N N   . GLY A 1 25  ? 15.438  1.419   -2.610  1.00 41.41 ? 25   GLY A N   1 
ATOM   172  C CA  . GLY A 1 25  ? 15.708  0.844   -3.954  1.00 39.71 ? 25   GLY A CA  1 
ATOM   173  C C   . GLY A 1 25  ? 15.738  1.920   -5.032  1.00 38.22 ? 25   GLY A C   1 
ATOM   174  O O   . GLY A 1 25  ? 15.320  3.045   -4.766  1.00 38.09 ? 25   GLY A O   1 
ATOM   175  N N   . GLY A 1 26  ? 16.219  1.583   -6.235  1.00 36.31 ? 26   GLY A N   1 
ATOM   176  C CA  . GLY A 1 26  ? 16.306  2.545   -7.363  1.00 34.90 ? 26   GLY A CA  1 
ATOM   177  C C   . GLY A 1 26  ? 15.100  2.536   -8.316  1.00 33.59 ? 26   GLY A C   1 
ATOM   178  O O   . GLY A 1 26  ? 15.107  3.217   -9.344  1.00 33.18 ? 26   GLY A O   1 
ATOM   179  N N   . THR A 1 27  ? 14.068  1.760   -7.982  1.00 31.62 ? 27   THR A N   1 
ATOM   180  C CA  . THR A 1 27  ? 12.830  1.718   -8.763  1.00 30.10 ? 27   THR A CA  1 
ATOM   181  C C   . THR A 1 27  ? 11.953  2.948   -8.479  1.00 28.78 ? 27   THR A C   1 
ATOM   182  O O   . THR A 1 27  ? 11.643  3.225   -7.307  1.00 29.20 ? 27   THR A O   1 
ATOM   183  C CB  . THR A 1 27  ? 12.043  0.475   -8.407  1.00 30.16 ? 27   THR A CB  1 
ATOM   184  O OG1 . THR A 1 27  ? 12.826  -0.691  -8.725  1.00 30.39 ? 27   THR A OG1 1 
ATOM   185  C CG2 . THR A 1 27  ? 10.706  0.444   -9.149  1.00 30.58 ? 27   THR A CG2 1 
ATOM   186  N N   . THR A 1 28  ? 11.577  3.685   -9.528  1.00 26.39 ? 28   THR A N   1 
ATOM   187  C CA  . THR A 1 28  ? 10.759  4.888   -9.392  1.00 24.99 ? 28   THR A CA  1 
ATOM   188  C C   . THR A 1 28  ? 9.266   4.544   -9.240  1.00 24.12 ? 28   THR A C   1 
ATOM   189  O O   . THR A 1 28  ? 8.859   3.380   -9.451  1.00 23.54 ? 28   THR A O   1 
ATOM   190  C CB  . THR A 1 28  ? 10.871  5.826   -10.614 1.00 24.96 ? 28   THR A CB  1 
ATOM   191  O OG1 . THR A 1 28  ? 10.249  5.204   -11.748 1.00 25.32 ? 28   THR A OG1 1 
ATOM   192  C CG2 . THR A 1 28  ? 12.303  6.158   -10.940 1.00 24.96 ? 28   THR A CG2 1 
ATOM   193  N N   . HIS A 1 29  ? 8.455   5.558   -8.914  1.00 22.39 ? 29   HIS A N   1 
ATOM   194  C CA  . HIS A 1 29  ? 7.032   5.332   -8.734  1.00 21.88 ? 29   HIS A CA  1 
ATOM   195  C C   . HIS A 1 29  ? 6.327   4.924   -10.016 1.00 21.84 ? 29   HIS A C   1 
ATOM   196  O O   . HIS A 1 29  ? 5.493   4.040   -9.946  1.00 21.41 ? 29   HIS A O   1 
ATOM   197  C CB  . HIS A 1 29  ? 6.270   6.502   -8.072  1.00 21.47 ? 29   HIS A CB  1 
ATOM   198  C CG  . HIS A 1 29  ? 4.929   6.090   -7.549  1.00 19.09 ? 29   HIS A CG  1 
ATOM   199  N ND1 . HIS A 1 29  ? 3.778   6.167   -8.309  1.00 18.74 ? 29   HIS A ND1 1 
ATOM   200  C CD2 . HIS A 1 29  ? 4.561   5.545   -6.363  1.00 16.14 ? 29   HIS A CD2 1 
ATOM   201  C CE1 . HIS A 1 29  ? 2.758   5.692   -7.614  1.00 16.61 ? 29   HIS A CE1 1 
ATOM   202  N NE2 . HIS A 1 29  ? 3.204   5.300   -6.434  1.00 16.11 ? 29   HIS A NE2 1 
ATOM   203  N N   . ASP A 1 30  ? 6.644   5.555   -11.153 1.00 22.40 ? 30   ASP A N   1 
ATOM   204  C CA  . ASP A 1 30  ? 6.052   5.174   -12.460 1.00 23.03 ? 30   ASP A CA  1 
ATOM   205  C C   . ASP A 1 30  ? 6.421   3.750   -12.832 1.00 22.89 ? 30   ASP A C   1 
ATOM   206  O O   . ASP A 1 30  ? 5.636   3.017   -13.406 1.00 23.39 ? 30   ASP A O   1 
ATOM   207  C CB  . ASP A 1 30  ? 6.558   6.048   -13.602 1.00 23.39 ? 30   ASP A CB  1 
ATOM   208  C CG  . ASP A 1 30  ? 5.985   7.436   -13.602 1.00 24.43 ? 30   ASP A CG  1 
ATOM   209  O OD1 . ASP A 1 30  ? 4.969   7.716   -12.929 1.00 25.01 ? 30   ASP A OD1 1 
ATOM   210  O OD2 . ASP A 1 30  ? 6.577   8.250   -14.331 1.00 27.28 ? 30   ASP A OD2 1 
ATOM   211  N N   . GLU A 1 31  ? 7.641   3.383   -12.516 1.00 23.35 ? 31   GLU A N   1 
ATOM   212  C CA  . GLU A 1 31  ? 8.155   2.037   -12.784 1.00 24.14 ? 31   GLU A CA  1 
ATOM   213  C C   . GLU A 1 31  ? 7.479   1.021   -11.879 1.00 23.07 ? 31   GLU A C   1 
ATOM   214  O O   . GLU A 1 31  ? 7.269   -0.132  -12.275 1.00 24.26 ? 31   GLU A O   1 
ATOM   215  C CB  . GLU A 1 31  ? 9.669   2.033   -12.516 1.00 24.91 ? 31   GLU A CB  1 
ATOM   216  C CG  . GLU A 1 31  ? 10.546  1.337   -13.525 1.00 29.09 ? 31   GLU A CG  1 
ATOM   217  C CD  . GLU A 1 31  ? 11.982  1.890   -13.496 1.00 34.70 ? 31   GLU A CD  1 
ATOM   218  O OE1 . GLU A 1 31  ? 12.453  2.324   -12.403 1.00 35.72 ? 31   GLU A OE1 1 
ATOM   219  O OE2 . GLU A 1 31  ? 12.641  1.894   -14.567 1.00 38.31 ? 31   GLU A OE2 1 
ATOM   220  N N   . LEU A 1 32  ? 7.167   1.440   -10.648 1.00 21.64 ? 32   LEU A N   1 
ATOM   221  C CA  . LEU A 1 32  ? 6.413   0.616   -9.713  1.00 20.06 ? 32   LEU A CA  1 
ATOM   222  C C   . LEU A 1 32  ? 5.007   0.352   -10.245 1.00 19.46 ? 32   LEU A C   1 
ATOM   223  O O   . LEU A 1 32  ? 4.538   -0.796  -10.233 1.00 18.34 ? 32   LEU A O   1 
ATOM   224  C CB  . LEU A 1 32  ? 6.357   1.290   -8.336  1.00 20.35 ? 32   LEU A CB  1 
ATOM   225  C CG  . LEU A 1 32  ? 5.449   0.667   -7.263  1.00 20.21 ? 32   LEU A CG  1 
ATOM   226  C CD1 . LEU A 1 32  ? 5.792   -0.794  -7.123  1.00 19.98 ? 32   LEU A CD1 1 
ATOM   227  C CD2 . LEU A 1 32  ? 5.570   1.375   -5.895  1.00 22.04 ? 32   LEU A CD2 1 
ATOM   228  N N   . VAL A 1 33  ? 4.335   1.418   -10.687 1.00 18.73 ? 33   VAL A N   1 
ATOM   229  C CA  . VAL A 1 33  ? 3.029   1.295   -11.351 1.00 18.79 ? 33   VAL A CA  1 
ATOM   230  C C   . VAL A 1 33  ? 3.090   0.255   -12.491 1.00 19.42 ? 33   VAL A C   1 
ATOM   231  O O   . VAL A 1 33  ? 2.251   -0.668  -12.558 1.00 19.76 ? 33   VAL A O   1 
ATOM   232  C CB  . VAL A 1 33  ? 2.510   2.678   -11.918 1.00 18.75 ? 33   VAL A CB  1 
ATOM   233  C CG1 . VAL A 1 33  ? 1.140   2.517   -12.582 1.00 16.80 ? 33   VAL A CG1 1 
ATOM   234  C CG2 . VAL A 1 33  ? 2.429   3.753   -10.818 1.00 16.01 ? 33   VAL A CG2 1 
ATOM   235  N N   . ALA A 1 34  ? 4.091   0.371   -13.368 1.00 19.75 ? 34   ALA A N   1 
ATOM   236  C CA  . ALA A 1 34  ? 4.197   -0.550  -14.533 1.00 20.27 ? 34   ALA A CA  1 
ATOM   237  C C   . ALA A 1 34  ? 4.371   -2.009  -14.112 1.00 20.68 ? 34   ALA A C   1 
ATOM   238  O O   . ALA A 1 34  ? 3.752   -2.898  -14.690 1.00 22.11 ? 34   ALA A O   1 
ATOM   239  C CB  . ALA A 1 34  ? 5.363   -0.119  -15.499 1.00 19.61 ? 34   ALA A CB  1 
ATOM   240  N N   . LEU A 1 35  ? 5.226   -2.255  -13.119 1.00 21.10 ? 35   LEU A N   1 
ATOM   241  C CA  . LEU A 1 35  ? 5.433   -3.613  -12.591 1.00 21.22 ? 35   LEU A CA  1 
ATOM   242  C C   . LEU A 1 35  ? 4.187   -4.201  -11.984 1.00 20.83 ? 35   LEU A C   1 
ATOM   243  O O   . LEU A 1 35  ? 3.887   -5.387  -12.177 1.00 21.33 ? 35   LEU A O   1 
ATOM   244  C CB  . LEU A 1 35  ? 6.485   -3.602  -11.499 1.00 21.64 ? 35   LEU A CB  1 
ATOM   245  C CG  . LEU A 1 35  ? 7.912   -3.397  -11.930 1.00 22.15 ? 35   LEU A CG  1 
ATOM   246  C CD1 . LEU A 1 35  ? 8.718   -2.929  -10.733 1.00 21.59 ? 35   LEU A CD1 1 
ATOM   247  C CD2 . LEU A 1 35  ? 8.435   -4.689  -12.513 1.00 22.10 ? 35   LEU A CD2 1 
ATOM   248  N N   . ILE A 1 36  ? 3.488   -3.377  -11.215 1.00 20.65 ? 36   ILE A N   1 
ATOM   249  C CA  . ILE A 1 36  ? 2.226   -3.766  -10.568 1.00 20.44 ? 36   ILE A CA  1 
ATOM   250  C C   . ILE A 1 36  ? 1.182   -4.147  -11.617 1.00 21.31 ? 36   ILE A C   1 
ATOM   251  O O   . ILE A 1 36  ? 0.645   -5.241  -11.573 1.00 20.75 ? 36   ILE A O   1 
ATOM   252  C CB  . ILE A 1 36  ? 1.720   -2.632  -9.639  1.00 20.37 ? 36   ILE A CB  1 
ATOM   253  C CG1 . ILE A 1 36  ? 2.547   -2.641  -8.338  1.00 19.79 ? 36   ILE A CG1 1 
ATOM   254  C CG2 . ILE A 1 36  ? 0.210   -2.761  -9.361  1.00 19.00 ? 36   ILE A CG2 1 
ATOM   255  C CD1 . ILE A 1 36  ? 2.421   -1.393  -7.482  1.00 18.55 ? 36   ILE A CD1 1 
ATOM   256  N N   . GLU A 1 37  ? 0.948   -3.255  -12.581 1.00 22.79 ? 37   GLU A N   1 
ATOM   257  C CA  . GLU A 1 37  ? 0.036   -3.512  -13.703 1.00 24.00 ? 37   GLU A CA  1 
ATOM   258  C C   . GLU A 1 37  ? 0.341   -4.809  -14.447 1.00 24.84 ? 37   GLU A C   1 
ATOM   259  O O   . GLU A 1 37  ? -0.554  -5.630  -14.634 1.00 24.35 ? 37   GLU A O   1 
ATOM   260  C CB  . GLU A 1 37  ? 0.036   -2.325  -14.682 1.00 24.06 ? 37   GLU A CB  1 
ATOM   261  C CG  . GLU A 1 37  ? -0.699  -1.120  -14.105 1.00 25.48 ? 37   GLU A CG  1 
ATOM   262  C CD  . GLU A 1 37  ? -0.599  0.137   -14.940 1.00 28.69 ? 37   GLU A CD  1 
ATOM   263  O OE1 . GLU A 1 37  ? 0.441   0.321   -15.660 1.00 30.04 ? 37   GLU A OE1 1 
ATOM   264  O OE2 . GLU A 1 37  ? -1.555  0.960   -14.835 1.00 29.06 ? 37   GLU A OE2 1 
ATOM   265  N N   . ARG A 1 38  ? 1.604   -4.997  -14.840 1.00 25.81 ? 38   ARG A N   1 
ATOM   266  C CA  . ARG A 1 38  ? 2.035   -6.223  -15.522 1.00 26.73 ? 38   ARG A CA  1 
ATOM   267  C C   . ARG A 1 38  ? 1.778   -7.486  -14.671 1.00 26.68 ? 38   ARG A C   1 
ATOM   268  O O   . ARG A 1 38  ? 1.255   -8.496  -15.178 1.00 27.45 ? 38   ARG A O   1 
ATOM   269  C CB  . ARG A 1 38  ? 3.529   -6.140  -15.862 1.00 27.35 ? 38   ARG A CB  1 
ATOM   270  C CG  . ARG A 1 38  ? 4.022   -7.218  -16.837 1.00 31.39 ? 38   ARG A CG  1 
ATOM   271  C CD  . ARG A 1 38  ? 5.426   -7.730  -16.519 1.00 36.69 ? 38   ARG A CD  1 
ATOM   272  N NE  . ARG A 1 38  ? 6.490   -6.723  -16.678 1.00 41.33 ? 38   ARG A NE  1 
ATOM   273  C CZ  . ARG A 1 38  ? 7.696   -6.780  -16.079 1.00 45.01 ? 38   ARG A CZ  1 
ATOM   274  N NH1 . ARG A 1 38  ? 8.026   -7.784  -15.260 1.00 45.51 ? 38   ARG A NH1 1 
ATOM   275  N NH2 . ARG A 1 38  ? 8.593   -5.819  -16.284 1.00 46.81 ? 38   ARG A NH2 1 
ATOM   276  N N   . GLU A 1 39  ? 2.158   -7.437  -13.394 1.00 25.70 ? 39   GLU A N   1 
ATOM   277  C CA  . GLU A 1 39  ? 1.946   -8.570  -12.491 1.00 25.41 ? 39   GLU A CA  1 
ATOM   278  C C   . GLU A 1 39  ? 0.466   -8.877  -12.343 1.00 24.48 ? 39   GLU A C   1 
ATOM   279  O O   . GLU A 1 39  ? 0.067   -10.033 -12.350 1.00 23.58 ? 39   GLU A O   1 
ATOM   280  C CB  . GLU A 1 39  ? 2.534   -8.282  -11.096 1.00 25.59 ? 39   GLU A CB  1 
ATOM   281  C CG  . GLU A 1 39  ? 2.478   -9.468  -10.147 1.00 26.25 ? 39   GLU A CG  1 
ATOM   282  C CD  . GLU A 1 39  ? 3.532   -10.505 -10.459 1.00 27.89 ? 39   GLU A CD  1 
ATOM   283  O OE1 . GLU A 1 39  ? 4.318   -10.291 -11.405 1.00 31.78 ? 39   GLU A OE1 1 
ATOM   284  O OE2 . GLU A 1 39  ? 3.595   -11.524 -9.748  1.00 29.53 ? 39   GLU A OE2 1 
ATOM   285  N N   . ALA A 1 40  ? -0.337  -7.831  -12.181 1.00 24.02 ? 40   ALA A N   1 
ATOM   286  C CA  . ALA A 1 40  ? -1.798  -7.984  -12.085 1.00 24.45 ? 40   ALA A CA  1 
ATOM   287  C C   . ALA A 1 40  ? -2.406  -8.700  -13.301 1.00 24.47 ? 40   ALA A C   1 
ATOM   288  O O   . ALA A 1 40  ? -3.193  -9.625  -13.154 1.00 24.84 ? 40   ALA A O   1 
ATOM   289  C CB  . ALA A 1 40  ? -2.480  -6.605  -11.874 1.00 23.70 ? 40   ALA A CB  1 
ATOM   290  N N   . ALA A 1 41  ? -2.044  -8.265  -14.495 1.00 25.09 ? 41   ALA A N   1 
ATOM   291  C CA  . ALA A 1 41  ? -2.514  -8.899  -15.734 1.00 25.88 ? 41   ALA A CA  1 
ATOM   292  C C   . ALA A 1 41  ? -2.166  -10.395 -15.753 1.00 26.04 ? 41   ALA A C   1 
ATOM   293  O O   . ALA A 1 41  ? -3.022  -11.245 -15.979 1.00 26.19 ? 41   ALA A O   1 
ATOM   294  C CB  . ALA A 1 41  ? -1.908  -8.193  -16.957 1.00 25.60 ? 41   ALA A CB  1 
ATOM   295  N N   . GLU A 1 42  ? -0.914  -10.704 -15.471 1.00 26.30 ? 42   GLU A N   1 
ATOM   296  C CA  . GLU A 1 42  ? -0.453  -12.087 -15.360 1.00 26.82 ? 42   GLU A CA  1 
ATOM   297  C C   . GLU A 1 42  ? -1.268  -12.925 -14.365 1.00 26.08 ? 42   GLU A C   1 
ATOM   298  O O   . GLU A 1 42  ? -1.432  -14.132 -14.551 1.00 25.77 ? 42   GLU A O   1 
ATOM   299  C CB  . GLU A 1 42  ? 1.003   -12.023 -14.967 1.00 27.67 ? 42   GLU A CB  1 
ATOM   300  C CG  . GLU A 1 42  ? 1.725   -13.299 -14.585 1.00 31.94 ? 42   GLU A CG  1 
ATOM   301  C CD  . GLU A 1 42  ? 3.237   -13.016 -14.525 1.00 37.56 ? 42   GLU A CD  1 
ATOM   302  O OE1 . GLU A 1 42  ? 3.736   -12.298 -15.469 1.00 38.42 ? 42   GLU A OE1 1 
ATOM   303  O OE2 . GLU A 1 42  ? 3.891   -13.471 -13.540 1.00 39.12 ? 42   GLU A OE2 1 
ATOM   304  N N   . LEU A 1 43  ? -1.789  -12.270 -13.328 1.00 25.20 ? 43   LEU A N   1 
ATOM   305  C CA  . LEU A 1 43  ? -2.615  -12.920 -12.313 1.00 24.82 ? 43   LEU A CA  1 
ATOM   306  C C   . LEU A 1 43  ? -4.107  -12.955 -12.642 1.00 24.94 ? 43   LEU A C   1 
ATOM   307  O O   . LEU A 1 43  ? -4.894  -13.537 -11.890 1.00 25.26 ? 43   LEU A O   1 
ATOM   308  C CB  . LEU A 1 43  ? -2.405  -12.234 -10.952 1.00 24.31 ? 43   LEU A CB  1 
ATOM   309  C CG  . LEU A 1 43  ? -1.042  -12.561 -10.342 1.00 23.57 ? 43   LEU A CG  1 
ATOM   310  C CD1 . LEU A 1 43  ? -0.656  -11.531 -9.317  1.00 21.72 ? 43   LEU A CD1 1 
ATOM   311  C CD2 . LEU A 1 43  ? -1.044  -13.987 -9.760  1.00 21.57 ? 43   LEU A CD2 1 
ATOM   312  N N   . GLY A 1 44  ? -4.503  -12.349 -13.752 1.00 25.02 ? 44   GLY A N   1 
ATOM   313  C CA  . GLY A 1 44  ? -5.922  -12.205 -14.071 1.00 25.29 ? 44   GLY A CA  1 
ATOM   314  C C   . GLY A 1 44  ? -6.664  -11.080 -13.346 1.00 25.37 ? 44   GLY A C   1 
ATOM   315  O O   . GLY A 1 44  ? -7.899  -11.075 -13.340 1.00 26.09 ? 44   GLY A O   1 
ATOM   316  N N   . LEU A 1 45  ? -5.924  -10.120 -12.765 1.00 24.74 ? 45   LEU A N   1 
ATOM   317  C CA  . LEU A 1 45  ? -6.497  -8.985  -12.022 1.00 23.41 ? 45   LEU A CA  1 
ATOM   318  C C   . LEU A 1 45  ? -6.302  -7.669  -12.780 1.00 22.46 ? 45   LEU A C   1 
ATOM   319  O O   . LEU A 1 45  ? -5.516  -7.598  -13.725 1.00 21.36 ? 45   LEU A O   1 
ATOM   320  C CB  . LEU A 1 45  ? -5.828  -8.856  -10.641 1.00 23.52 ? 45   LEU A CB  1 
ATOM   321  C CG  . LEU A 1 45  ? -5.785  -10.118 -9.763  1.00 24.08 ? 45   LEU A CG  1 
ATOM   322  C CD1 . LEU A 1 45  ? -4.916  -9.893  -8.527  1.00 21.34 ? 45   LEU A CD1 1 
ATOM   323  C CD2 . LEU A 1 45  ? -7.196  -10.592 -9.384  1.00 22.98 ? 45   LEU A CD2 1 
ATOM   324  N N   . LYS A 1 46  ? -7.016  -6.626  -12.343 1.00 21.40 ? 46   LYS A N   1 
ATOM   325  C CA  . LYS A 1 46  ? -6.708  -5.254  -12.746 1.00 20.66 ? 46   LYS A CA  1 
ATOM   326  C C   . LYS A 1 46  ? -6.264  -4.455  -11.535 1.00 19.35 ? 46   LYS A C   1 
ATOM   327  O O   . LYS A 1 46  ? -6.987  -4.347  -10.550 1.00 19.51 ? 46   LYS A O   1 
ATOM   328  C CB  . LYS A 1 46  ? -7.911  -4.561  -13.396 1.00 21.09 ? 46   LYS A CB  1 
ATOM   329  C CG  . LYS A 1 46  ? -7.534  -3.287  -14.150 1.00 22.65 ? 46   LYS A CG  1 
ATOM   330  C CD  . LYS A 1 46  ? -8.791  -2.582  -14.714 1.00 25.22 ? 46   LYS A CD  1 
ATOM   331  C CE  . LYS A 1 46  ? -8.458  -1.210  -15.384 1.00 26.46 ? 46   LYS A CE  1 
ATOM   332  N NZ  . LYS A 1 46  ? -9.664  -0.647  -16.113 1.00 24.59 ? 46   LYS A NZ  1 
ATOM   333  N N   . ALA A 1 47  ? -5.080  -3.869  -11.624 1.00 18.47 ? 47   ALA A N   1 
ATOM   334  C CA  . ALA A 1 47  ? -4.565  -3.026  -10.567 1.00 17.55 ? 47   ALA A CA  1 
ATOM   335  C C   . ALA A 1 47  ? -4.732  -1.555  -10.929 1.00 16.77 ? 47   ALA A C   1 
ATOM   336  O O   . ALA A 1 47  ? -4.327  -1.135  -12.008 1.00 16.35 ? 47   ALA A O   1 
ATOM   337  C CB  . ALA A 1 47  ? -3.130  -3.349  -10.312 1.00 17.39 ? 47   ALA A CB  1 
ATOM   338  N N   . VAL A 1 48  ? -5.347  -0.807  -10.011 1.00 15.98 ? 48   VAL A N   1 
ATOM   339  C CA  . VAL A 1 48  ? -5.499  0.634   -10.068 1.00 15.08 ? 48   VAL A CA  1 
ATOM   340  C C   . VAL A 1 48  ? -4.589  1.229   -8.983  1.00 15.38 ? 48   VAL A C   1 
ATOM   341  O O   . VAL A 1 48  ? -4.841  1.057   -7.781  1.00 15.96 ? 48   VAL A O   1 
ATOM   342  C CB  . VAL A 1 48  ? -6.961  0.999   -9.770  1.00 15.84 ? 48   VAL A CB  1 
ATOM   343  C CG1 . VAL A 1 48  ? -7.164  2.498   -9.681  1.00 15.21 ? 48   VAL A CG1 1 
ATOM   344  C CG2 . VAL A 1 48  ? -7.891  0.366   -10.817 1.00 14.52 ? 48   VAL A CG2 1 
ATOM   345  N N   . VAL A 1 49  ? -3.519  1.900   -9.406  1.00 14.67 ? 49   VAL A N   1 
ATOM   346  C CA  . VAL A 1 49  ? -2.488  2.390   -8.524  1.00 13.60 ? 49   VAL A CA  1 
ATOM   347  C C   . VAL A 1 49  ? -2.601  3.890   -8.408  1.00 14.64 ? 49   VAL A C   1 
ATOM   348  O O   . VAL A 1 49  ? -2.552  4.584   -9.418  1.00 14.64 ? 49   VAL A O   1 
ATOM   349  C CB  . VAL A 1 49  ? -1.088  2.047   -9.053  1.00 13.83 ? 49   VAL A CB  1 
ATOM   350  C CG1 . VAL A 1 49  ? 0.013   2.541   -8.049  1.00 11.85 ? 49   VAL A CG1 1 
ATOM   351  C CG2 . VAL A 1 49  ? -0.969  0.537   -9.348  1.00 9.23  ? 49   VAL A CG2 1 
ATOM   352  N N   . ARG A 1 50  ? -2.731  4.383   -7.170  1.00 15.22 ? 50   ARG A N   1 
ATOM   353  C CA  . ARG A 1 50  ? -2.875  5.806   -6.867  1.00 15.44 ? 50   ARG A CA  1 
ATOM   354  C C   . ARG A 1 50  ? -1.852  6.218   -5.768  1.00 15.13 ? 50   ARG A C   1 
ATOM   355  O O   . ARG A 1 50  ? -1.629  5.466   -4.817  1.00 14.51 ? 50   ARG A O   1 
ATOM   356  C CB  . ARG A 1 50  ? -4.290  6.075   -6.361  1.00 16.00 ? 50   ARG A CB  1 
ATOM   357  C CG  . ARG A 1 50  ? -5.450  5.824   -7.381  1.00 19.89 ? 50   ARG A CG  1 
ATOM   358  C CD  . ARG A 1 50  ? -5.387  6.870   -8.506  1.00 25.95 ? 50   ARG A CD  1 
ATOM   359  N NE  . ARG A 1 50  ? -6.462  6.736   -9.486  1.00 30.14 ? 50   ARG A NE  1 
ATOM   360  C CZ  . ARG A 1 50  ? -6.391  6.030   -10.617 1.00 32.91 ? 50   ARG A CZ  1 
ATOM   361  N NH1 . ARG A 1 50  ? -5.290  5.346   -10.950 1.00 33.06 ? 50   ARG A NH1 1 
ATOM   362  N NH2 . ARG A 1 50  ? -7.443  6.009   -11.428 1.00 33.69 ? 50   ARG A NH2 1 
ATOM   363  N N   . GLN A 1 51  ? -1.261  7.411   -5.896  1.00 14.50 ? 51   GLN A N   1 
ATOM   364  C CA  . GLN A 1 51  ? -0.402  7.992   -4.859  1.00 13.80 ? 51   GLN A CA  1 
ATOM   365  C C   . GLN A 1 51  ? -0.801  9.437   -4.538  1.00 13.32 ? 51   GLN A C   1 
ATOM   366  O O   . GLN A 1 51  ? -1.038  10.236  -5.456  1.00 12.40 ? 51   GLN A O   1 
ATOM   367  C CB  . GLN A 1 51  ? 1.068   7.967   -5.296  1.00 13.72 ? 51   GLN A CB  1 
ATOM   368  C CG  . GLN A 1 51  ? 2.088   8.342   -4.166  1.00 13.53 ? 51   GLN A CG  1 
ATOM   369  C CD  . GLN A 1 51  ? 2.273   9.871   -3.970  1.00 14.81 ? 51   GLN A CD  1 
ATOM   370  O OE1 . GLN A 1 51  ? 2.351   10.632  -4.944  1.00 16.04 ? 51   GLN A OE1 1 
ATOM   371  N NE2 . GLN A 1 51  ? 2.345   10.313  -2.709  1.00 12.71 ? 51   GLN A NE2 1 
ATOM   372  N N   . SER A 1 52  ? -0.850  9.771   -3.241  1.00 13.03 ? 52   SER A N   1 
ATOM   373  C CA  . SER A 1 52  ? -0.995  11.180  -2.803  1.00 13.07 ? 52   SER A CA  1 
ATOM   374  C C   . SER A 1 52  ? -0.232  11.525  -1.526  1.00 13.09 ? 52   SER A C   1 
ATOM   375  O O   . SER A 1 52  ? -0.098  10.681  -0.644  1.00 14.08 ? 52   SER A O   1 
ATOM   376  C CB  . SER A 1 52  ? -2.469  11.525  -2.622  1.00 12.53 ? 52   SER A CB  1 
ATOM   377  O OG  . SER A 1 52  ? -2.646  12.885  -2.258  1.00 13.10 ? 52   SER A OG  1 
ATOM   378  N N   . ASP A 1 53  ? 0.242   12.769  -1.425  1.00 13.27 ? 53   ASP A N   1 
ATOM   379  C CA  . ASP A 1 53  ? 0.793   13.338  -0.161  1.00 13.34 ? 53   ASP A CA  1 
ATOM   380  C C   . ASP A 1 53  ? -0.304  13.924  0.756   1.00 13.60 ? 53   ASP A C   1 
ATOM   381  O O   . ASP A 1 53  ? -0.034  14.383  1.854   1.00 12.78 ? 53   ASP A O   1 
ATOM   382  C CB  . ASP A 1 53  ? 1.820   14.428  -0.470  1.00 13.01 ? 53   ASP A CB  1 
ATOM   383  C CG  . ASP A 1 53  ? 3.110   13.890  -1.081  1.00 14.83 ? 53   ASP A CG  1 
ATOM   384  O OD1 . ASP A 1 53  ? 3.357   12.649  -1.114  1.00 12.56 ? 53   ASP A OD1 1 
ATOM   385  O OD2 . ASP A 1 53  ? 3.913   14.742  -1.524  1.00 17.03 ? 53   ASP A OD2 1 
ATOM   386  N N   . SER A 1 54  ? -1.552  13.868  0.291   1.00 13.96 ? 54   SER A N   1 
ATOM   387  C CA  . SER A 1 54  ? -2.686  14.471  0.964   1.00 13.37 ? 54   SER A CA  1 
ATOM   388  C C   . SER A 1 54  ? -3.571  13.401  1.596   1.00 13.10 ? 54   SER A C   1 
ATOM   389  O O   . SER A 1 54  ? -4.182  12.583  0.901   1.00 12.08 ? 54   SER A O   1 
ATOM   390  C CB  . SER A 1 54  ? -3.502  15.287  -0.045  1.00 13.28 ? 54   SER A CB  1 
ATOM   391  O OG  . SER A 1 54  ? -4.743  15.687  0.512   1.00 15.23 ? 54   SER A OG  1 
ATOM   392  N N   . GLU A 1 55  ? -3.664  13.443  2.921   1.00 13.72 ? 55   GLU A N   1 
ATOM   393  C CA  . GLU A 1 55  ? -4.553  12.564  3.699   1.00 13.69 ? 55   GLU A CA  1 
ATOM   394  C C   . GLU A 1 55  ? -5.985  12.535  3.192   1.00 12.86 ? 55   GLU A C   1 
ATOM   395  O O   . GLU A 1 55  ? -6.549  11.446  3.016   1.00 13.05 ? 55   GLU A O   1 
ATOM   396  C CB  . GLU A 1 55  ? -4.544  12.989  5.168   1.00 14.40 ? 55   GLU A CB  1 
ATOM   397  C CG  . GLU A 1 55  ? -5.268  12.020  6.054   1.00 16.83 ? 55   GLU A CG  1 
ATOM   398  C CD  . GLU A 1 55  ? -5.046  12.280  7.520   1.00 19.90 ? 55   GLU A CD  1 
ATOM   399  O OE1 . GLU A 1 55  ? -5.177  13.433  7.985   1.00 27.44 ? 55   GLU A OE1 1 
ATOM   400  O OE2 . GLU A 1 55  ? -4.755  11.318  8.208   1.00 21.41 ? 55   GLU A OE2 1 
ATOM   401  N N   . ALA A 1 56  ? -6.571  13.715  2.960   1.00 12.19 ? 56   ALA A N   1 
ATOM   402  C CA  . ALA A 1 56  ? -7.944  13.833  2.397   1.00 12.38 ? 56   ALA A CA  1 
ATOM   403  C C   . ALA A 1 56  ? -8.134  13.003  1.129   1.00 12.12 ? 56   ALA A C   1 
ATOM   404  O O   . ALA A 1 56  ? -9.152  12.327  0.960   1.00 12.13 ? 56   ALA A O   1 
ATOM   405  C CB  . ALA A 1 56  ? -8.332  15.349  2.097   1.00 11.43 ? 56   ALA A CB  1 
ATOM   406  N N   . GLN A 1 57  ? -7.160  13.080  0.235   1.00 11.85 ? 57   GLN A N   1 
ATOM   407  C CA  . GLN A 1 57  ? -7.212  12.320  -1.003  1.00 12.50 ? 57   GLN A CA  1 
ATOM   408  C C   . GLN A 1 57  ? -7.143  10.820  -0.723  1.00 11.89 ? 57   GLN A C   1 
ATOM   409  O O   . GLN A 1 57  ? -7.955  10.038  -1.239  1.00 11.66 ? 57   GLN A O   1 
ATOM   410  C CB  . GLN A 1 57  ? -6.099  12.764  -1.981  1.00 12.73 ? 57   GLN A CB  1 
ATOM   411  C CG  . GLN A 1 57  ? -6.145  12.074  -3.327  1.00 14.12 ? 57   GLN A CG  1 
ATOM   412  C CD  . GLN A 1 57  ? -7.415  12.370  -4.091  1.00 15.70 ? 57   GLN A CD  1 
ATOM   413  O OE1 . GLN A 1 57  ? -7.505  13.369  -4.759  1.00 19.76 ? 57   GLN A OE1 1 
ATOM   414  N NE2 . GLN A 1 57  ? -8.401  11.495  -3.986  1.00 17.66 ? 57   GLN A NE2 1 
ATOM   415  N N   . LEU A 1 58  ? -6.223  10.413  0.136   1.00 12.14 ? 58   LEU A N   1 
ATOM   416  C CA  . LEU A 1 58  ? -6.150  8.992   0.496   1.00 12.37 ? 58   LEU A CA  1 
ATOM   417  C C   . LEU A 1 58  ? -7.475  8.493   1.086   1.00 12.40 ? 58   LEU A C   1 
ATOM   418  O O   . LEU A 1 58  ? -7.923  7.395   0.762   1.00 12.45 ? 58   LEU A O   1 
ATOM   419  C CB  . LEU A 1 58  ? -5.026  8.745   1.484   1.00 12.66 ? 58   LEU A CB  1 
ATOM   420  C CG  . LEU A 1 58  ? -3.619  9.162   1.043   1.00 14.03 ? 58   LEU A CG  1 
ATOM   421  C CD1 . LEU A 1 58  ? -2.700  8.784   2.197   1.00 15.35 ? 58   LEU A CD1 1 
ATOM   422  C CD2 . LEU A 1 58  ? -3.181  8.520   -0.256  1.00 10.14 ? 58   LEU A CD2 1 
ATOM   423  N N   . LEU A 1 59  ? -8.090  9.295   1.956   1.00 12.94 ? 59   LEU A N   1 
ATOM   424  C CA  . LEU A 1 59  ? -9.380  8.938   2.558   1.00 13.19 ? 59   LEU A CA  1 
ATOM   425  C C   . LEU A 1 59  ? -10.463 8.767   1.478   1.00 13.65 ? 59   LEU A C   1 
ATOM   426  O O   . LEU A 1 59  ? -11.293 7.851   1.571   1.00 13.57 ? 59   LEU A O   1 
ATOM   427  C CB  . LEU A 1 59  ? -9.845  9.987   3.575   1.00 13.02 ? 59   LEU A CB  1 
ATOM   428  C CG  . LEU A 1 59  ? -8.982  10.250  4.827   1.00 13.90 ? 59   LEU A CG  1 
ATOM   429  C CD1 . LEU A 1 59  ? -9.622  11.399  5.663   1.00 13.20 ? 59   LEU A CD1 1 
ATOM   430  C CD2 . LEU A 1 59  ? -8.795  9.029   5.676   1.00 11.55 ? 59   LEU A CD2 1 
ATOM   431  N N   . ASP A 1 60  ? -10.468 9.641   0.468   1.00 13.67 ? 60   ASP A N   1 
ATOM   432  C CA  . ASP A 1 60  ? -11.471 9.543   -0.585  1.00 13.73 ? 60   ASP A CA  1 
ATOM   433  C C   . ASP A 1 60  ? -11.309 8.225   -1.344  1.00 14.15 ? 60   ASP A C   1 
ATOM   434  O O   . ASP A 1 60  ? -12.285 7.503   -1.583  1.00 14.19 ? 60   ASP A O   1 
ATOM   435  C CB  . ASP A 1 60  ? -11.356 10.713  -1.538  1.00 14.15 ? 60   ASP A CB  1 
ATOM   436  C CG  . ASP A 1 60  ? -12.434 10.708  -2.582  1.00 15.81 ? 60   ASP A CG  1 
ATOM   437  O OD1 . ASP A 1 60  ? -13.604 10.515  -2.228  1.00 18.67 ? 60   ASP A OD1 1 
ATOM   438  O OD2 . ASP A 1 60  ? -12.116 10.878  -3.771  1.00 21.33 ? 60   ASP A OD2 1 
ATOM   439  N N   . TRP A 1 61  ? -10.059 7.895   -1.687  1.00 14.47 ? 61   TRP A N   1 
ATOM   440  C CA  . TRP A 1 61  ? -9.766  6.661   -2.388  1.00 14.41 ? 61   TRP A CA  1 
ATOM   441  C C   . TRP A 1 61  ? -10.159 5.443   -1.553  1.00 14.43 ? 61   TRP A C   1 
ATOM   442  O O   . TRP A 1 61  ? -10.664 4.479   -2.099  1.00 14.56 ? 61   TRP A O   1 
ATOM   443  C CB  . TRP A 1 61  ? -8.294  6.589   -2.794  1.00 14.59 ? 61   TRP A CB  1 
ATOM   444  C CG  . TRP A 1 61  ? -7.903  7.524   -3.932  1.00 13.27 ? 61   TRP A CG  1 
ATOM   445  C CD1 . TRP A 1 61  ? -8.690  7.937   -4.967  1.00 14.49 ? 61   TRP A CD1 1 
ATOM   446  C CD2 . TRP A 1 61  ? -6.620  8.113   -4.153  1.00 10.87 ? 61   TRP A CD2 1 
ATOM   447  N NE1 . TRP A 1 61  ? -7.982  8.757   -5.817  1.00 13.09 ? 61   TRP A NE1 1 
ATOM   448  C CE2 . TRP A 1 61  ? -6.706  8.883   -5.339  1.00 13.59 ? 61   TRP A CE2 1 
ATOM   449  C CE3 . TRP A 1 61  ? -5.405  8.067   -3.468  1.00 10.26 ? 61   TRP A CE3 1 
ATOM   450  C CZ2 . TRP A 1 61  ? -5.605  9.604   -5.860  1.00 11.42 ? 61   TRP A CZ2 1 
ATOM   451  C CZ3 . TRP A 1 61  ? -4.333  8.790   -3.959  1.00 9.85  ? 61   TRP A CZ3 1 
ATOM   452  C CH2 . TRP A 1 61  ? -4.438  9.544   -5.155  1.00 9.98  ? 61   TRP A CH2 1 
ATOM   453  N N   . ILE A 1 62  ? -9.941  5.485   -0.232  1.00 14.68 ? 62   ILE A N   1 
ATOM   454  C CA  . ILE A 1 62  ? -10.397 4.391   0.647   1.00 13.80 ? 62   ILE A CA  1 
ATOM   455  C C   . ILE A 1 62  ? -11.932 4.339   0.689   1.00 14.01 ? 62   ILE A C   1 
ATOM   456  O O   . ILE A 1 62  ? -12.510 3.246   0.614   1.00 13.94 ? 62   ILE A O   1 
ATOM   457  C CB  . ILE A 1 62  ? -9.847  4.509   2.093   1.00 13.87 ? 62   ILE A CB  1 
ATOM   458  C CG1 . ILE A 1 62  ? -8.334  4.375   2.107   1.00 13.44 ? 62   ILE A CG1 1 
ATOM   459  C CG2 . ILE A 1 62  ? -10.472 3.415   3.039   1.00 11.63 ? 62   ILE A CG2 1 
ATOM   460  C CD1 . ILE A 1 62  ? -7.848  3.032   1.547   1.00 14.72 ? 62   ILE A CD1 1 
ATOM   461  N N   . HIS A 1 63  ? -12.584 5.504   0.805   1.00 14.13 ? 63   HIS A N   1 
ATOM   462  C CA  . HIS A 1 63  ? -14.049 5.569   0.736   1.00 14.71 ? 63   HIS A CA  1 
ATOM   463  C C   . HIS A 1 63  ? -14.570 4.819   -0.520  1.00 14.61 ? 63   HIS A C   1 
ATOM   464  O O   . HIS A 1 63  ? -15.499 4.051   -0.439  1.00 14.49 ? 63   HIS A O   1 
ATOM   465  C CB  . HIS A 1 63  ? -14.593 7.008   0.724   1.00 14.48 ? 63   HIS A CB  1 
ATOM   466  C CG  . HIS A 1 63  ? -14.259 7.829   1.934   1.00 14.81 ? 63   HIS A CG  1 
ATOM   467  N ND1 . HIS A 1 63  ? -13.910 7.283   3.148   1.00 16.20 ? 63   HIS A ND1 1 
ATOM   468  C CD2 . HIS A 1 63  ? -14.272 9.171   2.118   1.00 15.83 ? 63   HIS A CD2 1 
ATOM   469  C CE1 . HIS A 1 63  ? -13.679 8.255   4.016   1.00 16.77 ? 63   HIS A CE1 1 
ATOM   470  N NE2 . HIS A 1 63  ? -13.906 9.411   3.420   1.00 18.27 ? 63   HIS A NE2 1 
ATOM   471  N N   . GLN A 1 64  ? -13.956 5.042   -1.671  1.00 15.28 ? 64   GLN A N   1 
ATOM   472  C CA  . GLN A 1 64  ? -14.472 4.469   -2.921  1.00 16.06 ? 64   GLN A CA  1 
ATOM   473  C C   . GLN A 1 64  ? -14.288 2.954   -2.912  1.00 16.13 ? 64   GLN A C   1 
ATOM   474  O O   . GLN A 1 64  ? -15.195 2.203   -3.318  1.00 16.44 ? 64   GLN A O   1 
ATOM   475  C CB  . GLN A 1 64  ? -13.826 5.115   -4.166  1.00 15.79 ? 64   GLN A CB  1 
ATOM   476  C CG  . GLN A 1 64  ? -14.072 6.648   -4.321  1.00 16.77 ? 64   GLN A CG  1 
ATOM   477  C CD  . GLN A 1 64  ? -13.206 7.254   -5.483  1.00 20.11 ? 64   GLN A CD  1 
ATOM   478  O OE1 . GLN A 1 64  ? -13.058 6.621   -6.512  1.00 21.99 ? 64   GLN A OE1 1 
ATOM   479  N NE2 . GLN A 1 64  ? -12.626 8.445   -5.288  1.00 18.55 ? 64   GLN A NE2 1 
ATOM   480  N N   . ALA A 1 65  ? -13.151 2.488   -2.408  1.00 16.06 ? 65   ALA A N   1 
ATOM   481  C CA  . ALA A 1 65  ? -12.947 1.037   -2.285  1.00 16.39 ? 65   ALA A CA  1 
ATOM   482  C C   . ALA A 1 65  ? -13.953 0.398   -1.308  1.00 16.64 ? 65   ALA A C   1 
ATOM   483  O O   . ALA A 1 65  ? -14.322 -0.768  -1.461  1.00 17.72 ? 65   ALA A O   1 
ATOM   484  C CB  . ALA A 1 65  ? -11.508 0.715   -1.861  1.00 15.44 ? 65   ALA A CB  1 
ATOM   485  N N   . ALA A 1 66  ? -14.366 1.146   -0.294  1.00 16.57 ? 66   ALA A N   1 
ATOM   486  C CA  . ALA A 1 66  ? -15.335 0.645   0.674   1.00 16.97 ? 66   ALA A CA  1 
ATOM   487  C C   . ALA A 1 66  ? -16.701 0.487   -0.021  1.00 17.36 ? 66   ALA A C   1 
ATOM   488  O O   . ALA A 1 66  ? -17.321 -0.564  0.086   1.00 16.41 ? 66   ALA A O   1 
ATOM   489  C CB  . ALA A 1 66  ? -15.427 1.576   1.893   1.00 16.43 ? 66   ALA A CB  1 
ATOM   490  N N   . ASP A 1 67  ? -17.127 1.517   -0.753  1.00 17.94 ? 67   ASP A N   1 
ATOM   491  C CA  . ASP A 1 67  ? -18.390 1.483   -1.501  1.00 19.30 ? 67   ASP A CA  1 
ATOM   492  C C   . ASP A 1 67  ? -18.415 0.441   -2.630  1.00 19.61 ? 67   ASP A C   1 
ATOM   493  O O   . ASP A 1 67  ? -19.460 -0.132  -2.934  1.00 20.31 ? 67   ASP A O   1 
ATOM   494  C CB  . ASP A 1 67  ? -18.694 2.850   -2.118  1.00 19.39 ? 67   ASP A CB  1 
ATOM   495  C CG  . ASP A 1 67  ? -18.927 3.932   -1.077  1.00 21.35 ? 67   ASP A CG  1 
ATOM   496  O OD1 . ASP A 1 67  ? -19.298 3.607   0.072   1.00 21.61 ? 67   ASP A OD1 1 
ATOM   497  O OD2 . ASP A 1 67  ? -18.726 5.118   -1.419  1.00 24.10 ? 67   ASP A OD2 1 
ATOM   498  N N   . ALA A 1 68  ? -17.273 0.203   -3.266  1.00 19.53 ? 68   ALA A N   1 
ATOM   499  C CA  . ALA A 1 68  ? -17.213 -0.742  -4.376  1.00 18.83 ? 68   ALA A CA  1 
ATOM   500  C C   . ALA A 1 68  ? -16.893 -2.134  -3.904  1.00 18.61 ? 68   ALA A C   1 
ATOM   501  O O   . ALA A 1 68  ? -16.771 -3.023  -4.731  1.00 18.88 ? 68   ALA A O   1 
ATOM   502  C CB  . ALA A 1 68  ? -16.166 -0.293  -5.404  1.00 18.55 ? 68   ALA A CB  1 
ATOM   503  N N   . ALA A 1 69  ? -16.697 -2.333  -2.598  1.00 18.19 ? 69   ALA A N   1 
ATOM   504  C CA  . ALA A 1 69  ? -16.381 -3.678  -2.077  1.00 18.15 ? 69   ALA A CA  1 
ATOM   505  C C   . ALA A 1 69  ? -15.086 -4.270  -2.648  1.00 17.68 ? 69   ALA A C   1 
ATOM   506  O O   . ALA A 1 69  ? -14.960 -5.473  -2.790  1.00 17.96 ? 69   ALA A O   1 
ATOM   507  C CB  . ALA A 1 69  ? -17.567 -4.643  -2.331  1.00 17.58 ? 69   ALA A CB  1 
ATOM   508  N N   . GLU A 1 70  ? -14.114 -3.420  -2.942  1.00 18.00 ? 70   GLU A N   1 
ATOM   509  C CA  . GLU A 1 70  ? -12.866 -3.829  -3.573  1.00 17.94 ? 70   GLU A CA  1 
ATOM   510  C C   . GLU A 1 70  ? -11.727 -3.918  -2.563  1.00 17.57 ? 70   GLU A C   1 
ATOM   511  O O   . GLU A 1 70  ? -11.653 -3.108  -1.632  1.00 17.88 ? 70   GLU A O   1 
ATOM   512  C CB  . GLU A 1 70  ? -12.458 -2.818  -4.651  1.00 18.24 ? 70   GLU A CB  1 
ATOM   513  C CG  . GLU A 1 70  ? -13.307 -2.864  -5.891  1.00 19.16 ? 70   GLU A CG  1 
ATOM   514  C CD  . GLU A 1 70  ? -13.057 -1.693  -6.862  1.00 19.29 ? 70   GLU A CD  1 
ATOM   515  O OE1 . GLU A 1 70  ? -12.413 -0.688  -6.506  1.00 20.29 ? 70   GLU A OE1 1 
ATOM   516  O OE2 . GLU A 1 70  ? -13.524 -1.795  -8.006  1.00 21.73 ? 70   GLU A OE2 1 
ATOM   517  N N   . PRO A 1 71  ? -10.812 -4.882  -2.759  1.00 16.94 ? 71   PRO A N   1 
ATOM   518  C CA  . PRO A 1 71  ? -9.604  -4.970  -1.931  1.00 16.19 ? 71   PRO A CA  1 
ATOM   519  C C   . PRO A 1 71  ? -8.616  -3.803  -2.101  1.00 15.49 ? 71   PRO A C   1 
ATOM   520  O O   . PRO A 1 71  ? -8.566  -3.168  -3.175  1.00 15.88 ? 71   PRO A O   1 
ATOM   521  C CB  . PRO A 1 71  ? -8.949  -6.265  -2.398  1.00 16.30 ? 71   PRO A CB  1 
ATOM   522  C CG  . PRO A 1 71  ? -9.613  -6.625  -3.714  1.00 16.63 ? 71   PRO A CG  1 
ATOM   523  C CD  . PRO A 1 71  ? -10.960 -6.033  -3.668  1.00 16.82 ? 71   PRO A CD  1 
ATOM   524  N N   . VAL A 1 72  ? -7.824  -3.560  -1.055  1.00 13.94 ? 72   VAL A N   1 
ATOM   525  C CA  . VAL A 1 72  ? -6.865  -2.458  -1.011  1.00 12.70 ? 72   VAL A CA  1 
ATOM   526  C C   . VAL A 1 72  ? -5.511  -2.992  -0.565  1.00 12.04 ? 72   VAL A C   1 
ATOM   527  O O   . VAL A 1 72  ? -5.447  -3.758  0.375   1.00 11.00 ? 72   VAL A O   1 
ATOM   528  C CB  . VAL A 1 72  ? -7.300  -1.328  -0.002  1.00 12.45 ? 72   VAL A CB  1 
ATOM   529  C CG1 . VAL A 1 72  ? -6.176  -0.308  0.202   1.00 10.94 ? 72   VAL A CG1 1 
ATOM   530  C CG2 . VAL A 1 72  ? -8.573  -0.624  -0.463  1.00 10.17 ? 72   VAL A CG2 1 
ATOM   531  N N   . ILE A 1 73  ? -4.453  -2.600  -1.281  1.00 11.53 ? 73   ILE A N   1 
ATOM   532  C CA  . ILE A 1 73  ? -3.069  -2.786  -0.853  1.00 11.02 ? 73   ILE A CA  1 
ATOM   533  C C   . ILE A 1 73  ? -2.602  -1.370  -0.503  1.00 11.41 ? 73   ILE A C   1 
ATOM   534  O O   . ILE A 1 73  ? -2.659  -0.455  -1.351  1.00 10.90 ? 73   ILE A O   1 
ATOM   535  C CB  . ILE A 1 73  ? -2.185  -3.376  -1.963  1.00 10.33 ? 73   ILE A CB  1 
ATOM   536  C CG1 . ILE A 1 73  ? -2.751  -4.702  -2.458  1.00 10.04 ? 73   ILE A CG1 1 
ATOM   537  C CG2 . ILE A 1 73  ? -0.757  -3.573  -1.481  1.00 8.54  ? 73   ILE A CG2 1 
ATOM   538  C CD1 . ILE A 1 73  ? -1.978  -5.295  -3.637  1.00 5.07  ? 73   ILE A CD1 1 
ATOM   539  N N   . LEU A 1 74  ? -2.190  -1.169  0.748   1.00 11.26 ? 74   LEU A N   1 
ATOM   540  C CA  . LEU A 1 74  ? -1.990  0.205   1.250   1.00 11.40 ? 74   LEU A CA  1 
ATOM   541  C C   . LEU A 1 74  ? -0.621  0.341   1.843   1.00 11.30 ? 74   LEU A C   1 
ATOM   542  O O   . LEU A 1 74  ? -0.259  -0.427  2.738   1.00 10.95 ? 74   LEU A O   1 
ATOM   543  C CB  . LEU A 1 74  ? -3.061  0.558   2.287   1.00 11.13 ? 74   LEU A CB  1 
ATOM   544  C CG  . LEU A 1 74  ? -3.036  1.927   2.979   1.00 11.47 ? 74   LEU A CG  1 
ATOM   545  C CD1 . LEU A 1 74  ? -3.154  3.145   2.042   1.00 9.51  ? 74   LEU A CD1 1 
ATOM   546  C CD2 . LEU A 1 74  ? -4.140  1.953   4.038   1.00 10.05 ? 74   LEU A CD2 1 
ATOM   547  N N   . ASN A 1 75  ? 0.147   1.294   1.306   1.00 11.18 ? 75   ASN A N   1 
ATOM   548  C CA  . ASN A 1 75  ? 1.394   1.736   1.919   1.00 10.88 ? 75   ASN A CA  1 
ATOM   549  C C   . ASN A 1 75  ? 1.157   3.206   2.242   1.00 10.53 ? 75   ASN A C   1 
ATOM   550  O O   . ASN A 1 75  ? 1.289   4.051   1.384   1.00 10.88 ? 75   ASN A O   1 
ATOM   551  C CB  . ASN A 1 75  ? 2.588   1.527   0.972   1.00 10.56 ? 75   ASN A CB  1 
ATOM   552  C CG  . ASN A 1 75  ? 3.911   1.971   1.586   1.00 11.00 ? 75   ASN A CG  1 
ATOM   553  O OD1 . ASN A 1 75  ? 3.926   2.593   2.659   1.00 11.10 ? 75   ASN A OD1 1 
ATOM   554  N ND2 . ASN A 1 75  ? 5.045   1.627   0.921   1.00 8.87  ? 75   ASN A ND2 1 
ATOM   555  N N   . ALA A 1 76  ? 0.779   3.504   3.481   1.00 10.55 ? 76   ALA A N   1 
ATOM   556  C CA  . ALA A 1 76  ? 0.345   4.869   3.858   1.00 10.37 ? 76   ALA A CA  1 
ATOM   557  C C   . ALA A 1 76  ? 1.503   5.810   4.167   1.00 10.95 ? 76   ALA A C   1 
ATOM   558  O O   . ALA A 1 76  ? 1.264   6.956   4.577   1.00 10.73 ? 76   ALA A O   1 
ATOM   559  C CB  . ALA A 1 76  ? -0.573  4.816   5.061   1.00 9.67  ? 76   ALA A CB  1 
ATOM   560  N N   . GLY A 1 77  ? 2.743   5.333   4.018   1.00 10.63 ? 77   GLY A N   1 
ATOM   561  C CA  . GLY A 1 77  ? 3.908   6.138   4.350   1.00 10.96 ? 77   GLY A CA  1 
ATOM   562  C C   . GLY A 1 77  ? 3.896   6.517   5.817   1.00 11.57 ? 77   GLY A C   1 
ATOM   563  O O   . GLY A 1 77  ? 3.547   5.685   6.644   1.00 12.04 ? 77   GLY A O   1 
ATOM   564  N N   . GLY A 1 78  ? 4.239   7.774   6.133   1.00 11.35 ? 78   GLY A N   1 
ATOM   565  C CA  . GLY A 1 78  ? 4.312   8.234   7.505   1.00 11.57 ? 78   GLY A CA  1 
ATOM   566  C C   . GLY A 1 78  ? 2.995   8.181   8.258   1.00 11.82 ? 78   GLY A C   1 
ATOM   567  O O   . GLY A 1 78  ? 2.975   8.041   9.489   1.00 10.97 ? 78   GLY A O   1 
ATOM   568  N N   . LEU A 1 79  ? 1.897   8.324   7.511   1.00 11.78 ? 79   LEU A N   1 
ATOM   569  C CA  . LEU A 1 79  ? 0.562   8.253   8.074   1.00 11.84 ? 79   LEU A CA  1 
ATOM   570  C C   . LEU A 1 79  ? 0.296   6.886   8.694   1.00 11.31 ? 79   LEU A C   1 
ATOM   571  O O   . LEU A 1 79  ? -0.597  6.759   9.522   1.00 11.11 ? 79   LEU A O   1 
ATOM   572  C CB  . LEU A 1 79  ? -0.495  8.549   6.995   1.00 12.05 ? 79   LEU A CB  1 
ATOM   573  C CG  . LEU A 1 79  ? -0.401  9.950   6.359   1.00 13.78 ? 79   LEU A CG  1 
ATOM   574  C CD1 . LEU A 1 79  ? -1.516  10.105  5.340   1.00 13.03 ? 79   LEU A CD1 1 
ATOM   575  C CD2 . LEU A 1 79  ? -0.432  11.062  7.444   1.00 7.56  ? 79   LEU A CD2 1 
ATOM   576  N N   . THR A 1 80  ? 1.045   5.857   8.284   1.00 10.53 ? 80   THR A N   1 
ATOM   577  C CA  . THR A 1 80  ? 0.908   4.532   8.907   1.00 10.08 ? 80   THR A CA  1 
ATOM   578  C C   . THR A 1 80  ? 0.982   4.611   10.452  1.00 10.05 ? 80   THR A C   1 
ATOM   579  O O   . THR A 1 80  ? 0.253   3.934   11.142  1.00 9.36  ? 80   THR A O   1 
ATOM   580  C CB  . THR A 1 80  ? 2.015   3.591   8.412   1.00 10.24 ? 80   THR A CB  1 
ATOM   581  O OG1 . THR A 1 80  ? 2.017   3.576   6.975   1.00 9.61  ? 80   THR A OG1 1 
ATOM   582  C CG2 . THR A 1 80  ? 1.816   2.185   8.953   1.00 7.97  ? 80   THR A CG2 1 
ATOM   583  N N   . HIS A 1 81  ? 1.860   5.474   10.966  1.00 10.17 ? 81   HIS A N   1 
ATOM   584  C CA  . HIS A 1 81  ? 2.181   5.543   12.387  1.00 10.22 ? 81   HIS A CA  1 
ATOM   585  C C   . HIS A 1 81  ? 1.392   6.636   13.104  1.00 10.56 ? 81   HIS A C   1 
ATOM   586  O O   . HIS A 1 81  ? 1.439   6.741   14.326  1.00 10.04 ? 81   HIS A O   1 
ATOM   587  C CB  . HIS A 1 81  ? 3.694   5.780   12.557  1.00 9.65  ? 81   HIS A CB  1 
ATOM   588  C CG  . HIS A 1 81  ? 4.525   5.021   11.570  1.00 10.70 ? 81   HIS A CG  1 
ATOM   589  N ND1 . HIS A 1 81  ? 4.644   3.646   11.599  1.00 8.97  ? 81   HIS A ND1 1 
ATOM   590  C CD2 . HIS A 1 81  ? 5.234   5.442   10.491  1.00 10.93 ? 81   HIS A CD2 1 
ATOM   591  C CE1 . HIS A 1 81  ? 5.397   3.260   10.579  1.00 12.22 ? 81   HIS A CE1 1 
ATOM   592  N NE2 . HIS A 1 81  ? 5.771   4.330   9.894   1.00 10.22 ? 81   HIS A NE2 1 
ATOM   593  N N   . THR A 1 82  ? 0.674   7.464   12.356  1.00 11.10 ? 82   THR A N   1 
ATOM   594  C CA  . THR A 1 82  ? 0.133   8.687   12.952  1.00 11.40 ? 82   THR A CA  1 
ATOM   595  C C   . THR A 1 82  ? -1.370  8.915   12.802  1.00 12.50 ? 82   THR A C   1 
ATOM   596  O O   . THR A 1 82  ? -1.947  9.616   13.651  1.00 13.46 ? 82   THR A O   1 
ATOM   597  C CB  . THR A 1 82  ? 0.858   9.914   12.402  1.00 11.34 ? 82   THR A CB  1 
ATOM   598  O OG1 . THR A 1 82  ? 0.542   10.068  11.020  1.00 10.86 ? 82   THR A OG1 1 
ATOM   599  C CG2 . THR A 1 82  ? 2.392   9.782   12.585  1.00 9.40  ? 82   THR A CG2 1 
ATOM   600  N N   . SER A 1 83  ? -2.000  8.353   11.748  1.00 12.56 ? 83   SER A N   1 
ATOM   601  C CA  . SER A 1 83  ? -3.350  8.716   11.385  1.00 12.57 ? 83   SER A CA  1 
ATOM   602  C C   . SER A 1 83  ? -4.421  7.786   11.893  1.00 12.86 ? 83   SER A C   1 
ATOM   603  O O   . SER A 1 83  ? -4.554  6.666   11.381  1.00 14.38 ? 83   SER A O   1 
ATOM   604  C CB  . SER A 1 83  ? -3.503  8.803   9.872   1.00 13.07 ? 83   SER A CB  1 
ATOM   605  O OG  . SER A 1 83  ? -4.807  9.270   9.540   1.00 12.22 ? 83   SER A OG  1 
ATOM   606  N N   . VAL A 1 84  ? -5.221  8.267   12.852  1.00 12.15 ? 84   VAL A N   1 
ATOM   607  C CA  . VAL A 1 84  ? -6.447  7.570   13.270  1.00 11.55 ? 84   VAL A CA  1 
ATOM   608  C C   . VAL A 1 84  ? -7.532  7.670   12.178  1.00 11.85 ? 84   VAL A C   1 
ATOM   609  O O   . VAL A 1 84  ? -8.288  6.728   11.963  1.00 12.02 ? 84   VAL A O   1 
ATOM   610  C CB  . VAL A 1 84  ? -6.966  8.073   14.681  1.00 11.58 ? 84   VAL A CB  1 
ATOM   611  C CG1 . VAL A 1 84  ? -8.307  7.406   15.076  1.00 9.83  ? 84   VAL A CG1 1 
ATOM   612  C CG2 . VAL A 1 84  ? -5.909  7.827   15.769  1.00 7.58  ? 84   VAL A CG2 1 
ATOM   613  N N   . ALA A 1 85  ? -7.594  8.788   11.462  1.00 12.40 ? 85   ALA A N   1 
ATOM   614  C CA  . ALA A 1 85  ? -8.610  8.969   10.408  1.00 12.15 ? 85   ALA A CA  1 
ATOM   615  C C   . ALA A 1 85  ? -8.474  7.931   9.294   1.00 12.70 ? 85   ALA A C   1 
ATOM   616  O O   . ALA A 1 85  ? -9.478  7.394   8.797   1.00 12.62 ? 85   ALA A O   1 
ATOM   617  C CB  . ALA A 1 85  ? -8.559  10.373  9.850   1.00 11.67 ? 85   ALA A CB  1 
ATOM   618  N N   . LEU A 1 86  ? -7.231  7.608   8.948   1.00 13.21 ? 86   LEU A N   1 
ATOM   619  C CA  . LEU A 1 86  ? -6.942  6.627   7.914   1.00 14.25 ? 86   LEU A CA  1 
ATOM   620  C C   . LEU A 1 86  ? -7.414  5.242   8.360   1.00 14.30 ? 86   LEU A C   1 
ATOM   621  O O   . LEU A 1 86  ? -8.090  4.502   7.616   1.00 14.57 ? 86   LEU A O   1 
ATOM   622  C CB  . LEU A 1 86  ? -5.446  6.623   7.601   1.00 15.01 ? 86   LEU A CB  1 
ATOM   623  C CG  . LEU A 1 86  ? -4.982  6.134   6.241   1.00 18.15 ? 86   LEU A CG  1 
ATOM   624  C CD1 . LEU A 1 86  ? -5.775  6.848   5.108   1.00 21.33 ? 86   LEU A CD1 1 
ATOM   625  C CD2 . LEU A 1 86  ? -3.467  6.373   6.067   1.00 17.61 ? 86   LEU A CD2 1 
ATOM   626  N N   . ARG A 1 87  ? -7.094  4.903   9.595   1.00 13.71 ? 87   ARG A N   1 
ATOM   627  C CA  . ARG A 1 87  ? -7.630  3.699   10.183  1.00 13.74 ? 87   ARG A CA  1 
ATOM   628  C C   . ARG A 1 87  ? -9.165  3.640   10.212  1.00 13.92 ? 87   ARG A C   1 
ATOM   629  O O   . ARG A 1 87  ? -9.739  2.597   9.861   1.00 13.23 ? 87   ARG A O   1 
ATOM   630  C CB  . ARG A 1 87  ? -7.135  3.532   11.599  1.00 13.38 ? 87   ARG A CB  1 
ATOM   631  C CG  . ARG A 1 87  ? -7.701  2.311   12.257  1.00 13.95 ? 87   ARG A CG  1 
ATOM   632  C CD  . ARG A 1 87  ? -7.471  2.397   13.693  1.00 15.68 ? 87   ARG A CD  1 
ATOM   633  N NE  . ARG A 1 87  ? -8.001  1.257   14.437  1.00 15.89 ? 87   ARG A NE  1 
ATOM   634  C CZ  . ARG A 1 87  ? -7.273  0.400   15.156  1.00 15.70 ? 87   ARG A CZ  1 
ATOM   635  N NH1 . ARG A 1 87  ? -5.944  0.461   15.201  1.00 15.56 ? 87   ARG A NH1 1 
ATOM   636  N NH2 . ARG A 1 87  ? -7.892  -0.552  15.840  1.00 16.11 ? 87   ARG A NH2 1 
ATOM   637  N N   . ASP A 1 88  ? -9.826  4.707   10.669  1.00 14.03 ? 88   ASP A N   1 
ATOM   638  C CA  . ASP A 1 88  ? -11.313 4.731   10.639  1.00 14.67 ? 88   ASP A CA  1 
ATOM   639  C C   . ASP A 1 88  ? -11.854 4.455   9.217   1.00 15.10 ? 88   ASP A C   1 
ATOM   640  O O   . ASP A 1 88  ? -12.817 3.707   9.039   1.00 14.73 ? 88   ASP A O   1 
ATOM   641  C CB  . ASP A 1 88  ? -11.888 6.077   11.103  1.00 14.57 ? 88   ASP A CB  1 
ATOM   642  C CG  . ASP A 1 88  ? -11.575 6.411   12.559  1.00 16.45 ? 88   ASP A CG  1 
ATOM   643  O OD1 . ASP A 1 88  ? -11.464 5.490   13.413  1.00 16.90 ? 88   ASP A OD1 1 
ATOM   644  O OD2 . ASP A 1 88  ? -11.436 7.631   12.838  1.00 18.36 ? 88   ASP A OD2 1 
ATOM   645  N N   . ALA A 1 89  ? -11.246 5.071   8.203   1.00 15.41 ? 89   ALA A N   1 
ATOM   646  C CA  . ALA A 1 89  ? -11.683 4.825   6.815   1.00 15.54 ? 89   ALA A CA  1 
ATOM   647  C C   . ALA A 1 89  ? -11.469 3.350   6.426   1.00 15.28 ? 89   ALA A C   1 
ATOM   648  O O   . ALA A 1 89  ? -12.351 2.738   5.818   1.00 15.91 ? 89   ALA A O   1 
ATOM   649  C CB  . ALA A 1 89  ? -10.972 5.772   5.818   1.00 15.34 ? 89   ALA A CB  1 
ATOM   650  N N   . CYS A 1 90  ? -10.321 2.783   6.787   1.00 14.86 ? 90   CYS A N   1 
ATOM   651  C CA  . CYS A 1 90  ? -10.001 1.384   6.457   1.00 14.59 ? 90   CYS A CA  1 
ATOM   652  C C   . CYS A 1 90  ? -10.883 0.354   7.183   1.00 15.96 ? 90   CYS A C   1 
ATOM   653  O O   . CYS A 1 90  ? -11.132 -0.747  6.658   1.00 15.84 ? 90   CYS A O   1 
ATOM   654  C CB  . CYS A 1 90  ? -8.518  1.086   6.729   1.00 14.56 ? 90   CYS A CB  1 
ATOM   655  S SG  . CYS A 1 90  ? -7.403  1.898   5.575   1.00 11.09 ? 90   CYS A SG  1 
ATOM   656  N N   . ALA A 1 91  ? -11.373 0.712   8.373   1.00 16.48 ? 91   ALA A N   1 
ATOM   657  C CA  . ALA A 1 91  ? -12.270 -0.158  9.133   1.00 16.78 ? 91   ALA A CA  1 
ATOM   658  C C   . ALA A 1 91  ? -13.590 -0.468  8.383   1.00 17.54 ? 91   ALA A C   1 
ATOM   659  O O   . ALA A 1 91  ? -14.245 -1.491  8.655   1.00 17.07 ? 91   ALA A O   1 
ATOM   660  C CB  . ALA A 1 91  ? -12.547 0.433   10.497  1.00 15.75 ? 91   ALA A CB  1 
ATOM   661  N N   . GLU A 1 92  ? -13.962 0.403   7.441   1.00 18.57 ? 92   GLU A N   1 
ATOM   662  C CA  . GLU A 1 92  ? -15.167 0.214   6.602   1.00 19.34 ? 92   GLU A CA  1 
ATOM   663  C C   . GLU A 1 92  ? -14.992 -0.792  5.468   1.00 19.08 ? 92   GLU A C   1 
ATOM   664  O O   . GLU A 1 92  ? -15.962 -1.157  4.835   1.00 20.18 ? 92   GLU A O   1 
ATOM   665  C CB  . GLU A 1 92  ? -15.552 1.524   5.894   1.00 19.83 ? 92   GLU A CB  1 
ATOM   666  C CG  . GLU A 1 92  ? -16.397 2.514   6.607   1.00 22.51 ? 92   GLU A CG  1 
ATOM   667  C CD  . GLU A 1 92  ? -16.813 3.641   5.639   1.00 26.33 ? 92   GLU A CD  1 
ATOM   668  O OE1 . GLU A 1 92  ? -16.205 4.723   5.635   1.00 30.17 ? 92   GLU A OE1 1 
ATOM   669  O OE2 . GLU A 1 92  ? -17.733 3.441   4.836   1.00 29.52 ? 92   GLU A OE2 1 
ATOM   670  N N   . LEU A 1 93  ? -13.766 -1.148  5.127   1.00 19.13 ? 93   LEU A N   1 
ATOM   671  C CA  . LEU A 1 93  ? -13.508 -2.052  4.010   1.00 19.34 ? 93   LEU A CA  1 
ATOM   672  C C   . LEU A 1 93  ? -14.002 -3.469  4.333   1.00 19.95 ? 93   LEU A C   1 
ATOM   673  O O   . LEU A 1 93  ? -13.646 -4.023  5.365   1.00 19.55 ? 93   LEU A O   1 
ATOM   674  C CB  . LEU A 1 93  ? -12.003 -2.113  3.710   1.00 18.96 ? 93   LEU A CB  1 
ATOM   675  C CG  . LEU A 1 93  ? -11.301 -0.859  3.166   1.00 18.55 ? 93   LEU A CG  1 
ATOM   676  C CD1 . LEU A 1 93  ? -9.776  -1.048  3.191   1.00 16.59 ? 93   LEU A CD1 1 
ATOM   677  C CD2 . LEU A 1 93  ? -11.768 -0.528  1.775   1.00 16.75 ? 93   LEU A CD2 1 
ATOM   678  N N   . SER A 1 94  ? -14.811 -4.054  3.451   1.00 20.68 ? 94   SER A N   1 
ATOM   679  C CA  . SER A 1 94  ? -15.305 -5.437  3.665   1.00 20.96 ? 94   SER A CA  1 
ATOM   680  C C   . SER A 1 94  ? -14.448 -6.477  2.970   1.00 20.72 ? 94   SER A C   1 
ATOM   681  O O   . SER A 1 94  ? -14.493 -7.655  3.320   1.00 22.68 ? 94   SER A O   1 
ATOM   682  C CB  . SER A 1 94  ? -16.757 -5.582  3.199   1.00 21.06 ? 94   SER A CB  1 
ATOM   683  O OG  . SER A 1 94  ? -16.947 -5.047  1.898   1.00 21.58 ? 94   SER A OG  1 
ATOM   684  N N   . ALA A 1 95  ? -13.697 -6.054  1.969   1.00 19.65 ? 95   ALA A N   1 
ATOM   685  C CA  . ALA A 1 95  ? -12.764 -6.918  1.260   1.00 18.98 ? 95   ALA A CA  1 
ATOM   686  C C   . ALA A 1 95  ? -11.366 -6.791  1.907   1.00 17.99 ? 95   ALA A C   1 
ATOM   687  O O   . ALA A 1 95  ? -11.142 -5.901  2.709   1.00 19.30 ? 95   ALA A O   1 
ATOM   688  C CB  . ALA A 1 95  ? -12.729 -6.518  -0.239  1.00 18.24 ? 95   ALA A CB  1 
ATOM   689  N N   . PRO A 1 96  ? -10.423 -7.677  1.571   1.00 16.96 ? 96   PRO A N   1 
ATOM   690  C CA  . PRO A 1 96  ? -9.134  -7.622  2.281   1.00 16.25 ? 96   PRO A CA  1 
ATOM   691  C C   . PRO A 1 96  ? -8.313  -6.305  2.137   1.00 15.62 ? 96   PRO A C   1 
ATOM   692  O O   . PRO A 1 96  ? -8.351  -5.620  1.097   1.00 14.27 ? 96   PRO A O   1 
ATOM   693  C CB  . PRO A 1 96  ? -8.350  -8.808  1.703   1.00 16.07 ? 96   PRO A CB  1 
ATOM   694  C CG  . PRO A 1 96  ? -9.388  -9.765  1.193   1.00 16.86 ? 96   PRO A CG  1 
ATOM   695  C CD  . PRO A 1 96  ? -10.560 -8.896  0.747   1.00 17.15 ? 96   PRO A CD  1 
ATOM   696  N N   . LEU A 1 97  ? -7.629  -5.971  3.230   1.00 14.55 ? 97   LEU A N   1 
ATOM   697  C CA  . LEU A 1 97  ? -6.671  -4.884  3.322   1.00 14.24 ? 97   LEU A CA  1 
ATOM   698  C C   . LEU A 1 97  ? -5.329  -5.524  3.597   1.00 14.12 ? 97   LEU A C   1 
ATOM   699  O O   . LEU A 1 97  ? -5.172  -6.221  4.619   1.00 13.44 ? 97   LEU A O   1 
ATOM   700  C CB  . LEU A 1 97  ? -7.068  -3.956  4.473   1.00 13.96 ? 97   LEU A CB  1 
ATOM   701  C CG  . LEU A 1 97  ? -6.106  -2.855  4.902   1.00 13.97 ? 97   LEU A CG  1 
ATOM   702  C CD1 . LEU A 1 97  ? -5.805  -1.887  3.755   1.00 13.13 ? 97   LEU A CD1 1 
ATOM   703  C CD2 . LEU A 1 97  ? -6.703  -2.143  6.099   1.00 11.16 ? 97   LEU A CD2 1 
ATOM   704  N N   . ILE A 1 98  ? -4.384  -5.328  2.673   1.00 14.27 ? 98   ILE A N   1 
ATOM   705  C CA  . ILE A 1 98  ? -3.001  -5.754  2.882   1.00 14.03 ? 98   ILE A CA  1 
ATOM   706  C C   . ILE A 1 98  ? -2.103  -4.515  3.058   1.00 13.81 ? 98   ILE A C   1 
ATOM   707  O O   . ILE A 1 98  ? -2.034  -3.649  2.178   1.00 14.17 ? 98   ILE A O   1 
ATOM   708  C CB  . ILE A 1 98  ? -2.442  -6.610  1.731   1.00 14.67 ? 98   ILE A CB  1 
ATOM   709  C CG1 . ILE A 1 98  ? -3.477  -7.618  1.185   1.00 15.71 ? 98   ILE A CG1 1 
ATOM   710  C CG2 . ILE A 1 98  ? -1.194  -7.350  2.195   1.00 13.14 ? 98   ILE A CG2 1 
ATOM   711  C CD1 . ILE A 1 98  ? -3.727  -8.798  2.093   1.00 16.94 ? 98   ILE A CD1 1 
ATOM   712  N N   . GLU A 1 99  ? -1.425  -4.438  4.202   1.00 12.91 ? 99   GLU A N   1 
ATOM   713  C CA  . GLU A 1 99  ? -0.495  -3.342  4.500   1.00 12.20 ? 99   GLU A CA  1 
ATOM   714  C C   . GLU A 1 99  ? 0.877   -3.710  3.933   1.00 11.09 ? 99   GLU A C   1 
ATOM   715  O O   . GLU A 1 99  ? 1.353   -4.817  4.121   1.00 10.47 ? 99   GLU A O   1 
ATOM   716  C CB  . GLU A 1 99  ? -0.455  -3.064  6.029   1.00 12.35 ? 99   GLU A CB  1 
ATOM   717  C CG  . GLU A 1 99  ? 0.545   -1.977  6.496   1.00 12.63 ? 99   GLU A CG  1 
ATOM   718  C CD  . GLU A 1 99  ? 0.607   -1.800  8.023   1.00 13.18 ? 99   GLU A CD  1 
ATOM   719  O OE1 . GLU A 1 99  ? -0.057  -2.551  8.770   1.00 14.57 ? 99   GLU A OE1 1 
ATOM   720  O OE2 . GLU A 1 99  ? 1.339   -0.911  8.491   1.00 13.28 ? 99   GLU A OE2 1 
ATOM   721  N N   . VAL A 1 100 ? 1.504   -2.786  3.221   1.00 10.79 ? 100  VAL A N   1 
ATOM   722  C CA  . VAL A 1 100 ? 2.793   -3.062  2.619   1.00 10.62 ? 100  VAL A CA  1 
ATOM   723  C C   . VAL A 1 100 ? 3.750   -1.929  2.942   1.00 10.32 ? 100  VAL A C   1 
ATOM   724  O O   . VAL A 1 100 ? 3.392   -0.777  2.858   1.00 9.87  ? 100  VAL A O   1 
ATOM   725  C CB  . VAL A 1 100 ? 2.705   -3.322  1.065   1.00 11.22 ? 100  VAL A CB  1 
ATOM   726  C CG1 . VAL A 1 100 ? 4.120   -3.379  0.430   1.00 10.42 ? 100  VAL A CG1 1 
ATOM   727  C CG2 . VAL A 1 100 ? 1.970   -4.657  0.755   1.00 10.46 ? 100  VAL A CG2 1 
ATOM   728  N N   . HIS A 1 101 ? 4.962   -2.277  3.358   1.00 10.63 ? 101  HIS A N   1 
ATOM   729  C CA  . HIS A 1 101 ? 6.060   -1.295  3.482   1.00 11.02 ? 101  HIS A CA  1 
ATOM   730  C C   . HIS A 1 101 ? 7.299   -1.865  2.805   1.00 11.38 ? 101  HIS A C   1 
ATOM   731  O O   . HIS A 1 101 ? 7.595   -3.054  2.896   1.00 11.75 ? 101  HIS A O   1 
ATOM   732  C CB  . HIS A 1 101 ? 6.337   -0.901  4.940   1.00 10.39 ? 101  HIS A CB  1 
ATOM   733  C CG  . HIS A 1 101 ? 5.132   -0.371  5.639   1.00 10.22 ? 101  HIS A CG  1 
ATOM   734  N ND1 . HIS A 1 101 ? 4.594   0.864   5.354   1.00 11.75 ? 101  HIS A ND1 1 
ATOM   735  C CD2 . HIS A 1 101 ? 4.330   -0.921  6.579   1.00 12.53 ? 101  HIS A CD2 1 
ATOM   736  C CE1 . HIS A 1 101 ? 3.516   1.053   6.092   1.00 12.21 ? 101  HIS A CE1 1 
ATOM   737  N NE2 . HIS A 1 101 ? 3.331   -0.015  6.845   1.00 11.92 ? 101  HIS A NE2 1 
ATOM   738  N N   . ILE A 1 102 ? 7.990   -0.985  2.100   1.00 11.41 ? 102  ILE A N   1 
ATOM   739  C CA  . ILE A 1 102 ? 9.142   -1.320  1.300   1.00 10.87 ? 102  ILE A CA  1 
ATOM   740  C C   . ILE A 1 102 ? 10.292  -1.672  2.233   1.00 10.60 ? 102  ILE A C   1 
ATOM   741  O O   . ILE A 1 102 ? 10.877  -2.767  2.117   1.00 10.52 ? 102  ILE A O   1 
ATOM   742  C CB  . ILE A 1 102 ? 9.475   -0.113  0.385   1.00 11.42 ? 102  ILE A CB  1 
ATOM   743  C CG1 . ILE A 1 102 ? 8.365   0.070   -0.658  1.00 9.64  ? 102  ILE A CG1 1 
ATOM   744  C CG2 . ILE A 1 102 ? 10.866  -0.233  -0.269  1.00 10.29 ? 102  ILE A CG2 1 
ATOM   745  C CD1 . ILE A 1 102 ? 8.513   1.370   -1.489  1.00 10.73 ? 102  ILE A CD1 1 
ATOM   746  N N   . SER A 1 103 ? 10.581  -0.765  3.176   1.00 9.71  ? 103  SER A N   1 
ATOM   747  C CA  . SER A 1 103 ? 11.650  -0.951  4.162   1.00 9.48  ? 103  SER A CA  1 
ATOM   748  C C   . SER A 1 103 ? 11.140  -1.858  5.320   1.00 9.78  ? 103  SER A C   1 
ATOM   749  O O   . SER A 1 103 ? 9.940   -2.010  5.535   1.00 7.78  ? 103  SER A O   1 
ATOM   750  C CB  . SER A 1 103 ? 12.100  0.425   4.737   1.00 10.04 ? 103  SER A CB  1 
ATOM   751  O OG  . SER A 1 103 ? 11.100  1.036   5.604   1.00 9.71  ? 103  SER A OG  1 
ATOM   752  N N   . ASN A 1 104 ? 12.065  -2.449  6.068   1.00 10.65 ? 104  ASN A N   1 
ATOM   753  C CA  . ASN A 1 104 ? 11.697  -3.220  7.267   1.00 11.61 ? 104  ASN A CA  1 
ATOM   754  C C   . ASN A 1 104 ? 11.523  -2.235  8.425   1.00 12.17 ? 104  ASN A C   1 
ATOM   755  O O   . ASN A 1 104 ? 12.485  -1.828  9.066   1.00 12.70 ? 104  ASN A O   1 
ATOM   756  C CB  . ASN A 1 104 ? 12.752  -4.302  7.587   1.00 11.03 ? 104  ASN A CB  1 
ATOM   757  C CG  . ASN A 1 104 ? 12.365  -5.140  8.804   1.00 12.05 ? 104  ASN A CG  1 
ATOM   758  O OD1 . ASN A 1 104 ? 11.397  -4.819  9.486   1.00 12.45 ? 104  ASN A OD1 1 
ATOM   759  N ND2 . ASN A 1 104 ? 13.088  -6.239  9.052   1.00 10.90 ? 104  ASN A ND2 1 
ATOM   760  N N   . VAL A 1 105 ? 10.295  -1.817  8.677   1.00 13.90 ? 105  VAL A N   1 
ATOM   761  C CA  . VAL A 1 105 ? 10.053  -0.783  9.688   1.00 14.95 ? 105  VAL A CA  1 
ATOM   762  C C   . VAL A 1 105 ? 10.475  -1.252  11.098  1.00 15.66 ? 105  VAL A C   1 
ATOM   763  O O   . VAL A 1 105 ? 10.746  -0.438  11.959  1.00 15.37 ? 105  VAL A O   1 
ATOM   764  C CB  . VAL A 1 105 ? 8.573   -0.324  9.717   1.00 15.24 ? 105  VAL A CB  1 
ATOM   765  C CG1 . VAL A 1 105 ? 8.204   0.454   8.435   1.00 14.64 ? 105  VAL A CG1 1 
ATOM   766  C CG2 . VAL A 1 105 ? 7.618   -1.529  9.968   1.00 16.33 ? 105  VAL A CG2 1 
ATOM   767  N N   . HIS A 1 106 ? 10.546  -2.564  11.309  1.00 16.23 ? 106  HIS A N   1 
ATOM   768  C CA  . HIS A 1 106 ? 10.917  -3.096  12.604  1.00 17.29 ? 106  HIS A CA  1 
ATOM   769  C C   . HIS A 1 106 ? 12.409  -3.050  12.864  1.00 17.28 ? 106  HIS A C   1 
ATOM   770  O O   . HIS A 1 106 ? 12.824  -3.416  13.942  1.00 18.50 ? 106  HIS A O   1 
ATOM   771  C CB  . HIS A 1 106 ? 10.378  -4.525  12.799  1.00 17.50 ? 106  HIS A CB  1 
ATOM   772  C CG  . HIS A 1 106 ? 8.894   -4.619  12.655  1.00 18.93 ? 106  HIS A CG  1 
ATOM   773  N ND1 . HIS A 1 106 ? 8.027   -4.126  13.603  1.00 21.72 ? 106  HIS A ND1 1 
ATOM   774  C CD2 . HIS A 1 106 ? 8.122   -5.103  11.651  1.00 20.38 ? 106  HIS A CD2 1 
ATOM   775  C CE1 . HIS A 1 106 ? 6.782   -4.316  13.195  1.00 22.57 ? 106  HIS A CE1 1 
ATOM   776  N NE2 . HIS A 1 106 ? 6.813   -4.905  12.012  1.00 18.37 ? 106  HIS A NE2 1 
ATOM   777  N N   . ALA A 1 107 ? 13.210  -2.617  11.897  1.00 16.91 ? 107  ALA A N   1 
ATOM   778  C CA  . ALA A 1 107 ? 14.655  -2.463  12.090  1.00 16.75 ? 107  ALA A CA  1 
ATOM   779  C C   . ALA A 1 107 ? 15.045  -0.981  12.171  1.00 17.00 ? 107  ALA A C   1 
ATOM   780  O O   . ALA A 1 107 ? 16.237  -0.644  12.125  1.00 17.48 ? 107  ALA A O   1 
ATOM   781  C CB  . ALA A 1 107 ? 15.441  -3.157  10.941  1.00 15.67 ? 107  ALA A CB  1 
ATOM   782  N N   . ARG A 1 108 ? 14.048  -0.105  12.258  1.00 17.47 ? 108  ARG A N   1 
ATOM   783  C CA  . ARG A 1 108 ? 14.267  1.342   12.187  1.00 17.82 ? 108  ARG A CA  1 
ATOM   784  C C   . ARG A 1 108 ? 13.846  1.988   13.515  1.00 18.10 ? 108  ARG A C   1 
ATOM   785  O O   . ARG A 1 108 ? 13.812  1.299   14.542  1.00 18.23 ? 108  ARG A O   1 
ATOM   786  C CB  . ARG A 1 108 ? 13.533  1.908   10.980  1.00 17.43 ? 108  ARG A CB  1 
ATOM   787  C CG  . ARG A 1 108 ? 14.065  1.319   9.661   1.00 18.65 ? 108  ARG A CG  1 
ATOM   788  C CD  . ARG A 1 108 ? 13.321  1.854   8.459   1.00 16.70 ? 108  ARG A CD  1 
ATOM   789  N NE  . ARG A 1 108 ? 13.568  3.270   8.281   1.00 16.71 ? 108  ARG A NE  1 
ATOM   790  C CZ  . ARG A 1 108 ? 13.024  4.022   7.330   1.00 14.90 ? 108  ARG A CZ  1 
ATOM   791  N NH1 . ARG A 1 108 ? 12.171  3.494   6.481   1.00 12.86 ? 108  ARG A NH1 1 
ATOM   792  N NH2 . ARG A 1 108 ? 13.336  5.319   7.244   1.00 14.82 ? 108  ARG A NH2 1 
ATOM   793  N N   . GLU A 1 109 ? 13.552  3.291   13.525  1.00 18.13 ? 109  GLU A N   1 
ATOM   794  C CA  . GLU A 1 109 ? 13.220  3.963   14.786  1.00 17.81 ? 109  GLU A CA  1 
ATOM   795  C C   . GLU A 1 109 ? 11.975  3.344   15.381  1.00 17.83 ? 109  GLU A C   1 
ATOM   796  O O   . GLU A 1 109 ? 11.074  2.896   14.663  1.00 18.74 ? 109  GLU A O   1 
ATOM   797  C CB  . GLU A 1 109 ? 13.005  5.459   14.614  1.00 17.57 ? 109  GLU A CB  1 
ATOM   798  C CG  . GLU A 1 109 ? 14.177  6.182   13.959  1.00 18.96 ? 109  GLU A CG  1 
ATOM   799  C CD  . GLU A 1 109 ? 14.090  6.220   12.430  1.00 20.38 ? 109  GLU A CD  1 
ATOM   800  O OE1 . GLU A 1 109 ? 13.314  5.435   11.841  1.00 19.61 ? 109  GLU A OE1 1 
ATOM   801  O OE2 . GLU A 1 109 ? 14.789  7.050   11.817  1.00 22.46 ? 109  GLU A OE2 1 
ATOM   802  N N   . GLU A 1 110 ? 11.943  3.320   16.700  1.00 17.55 ? 110  GLU A N   1 
ATOM   803  C CA  . GLU A 1 110 ? 10.825  2.801   17.467  1.00 17.62 ? 110  GLU A CA  1 
ATOM   804  C C   . GLU A 1 110 ? 9.459   3.328   17.009  1.00 16.75 ? 110  GLU A C   1 
ATOM   805  O O   . GLU A 1 110 ? 8.507   2.568   16.974  1.00 16.20 ? 110  GLU A O   1 
ATOM   806  C CB  . GLU A 1 110 ? 11.099  3.043   18.968  1.00 17.53 ? 110  GLU A CB  1 
ATOM   807  C CG  . GLU A 1 110 ? 9.947   2.681   19.915  1.00 19.46 ? 110  GLU A CG  1 
ATOM   808  C CD  . GLU A 1 110 ? 9.603   1.193   19.948  1.00 21.93 ? 110  GLU A CD  1 
ATOM   809  O OE1 . GLU A 1 110 ? 10.432  0.363   19.536  1.00 25.88 ? 110  GLU A OE1 1 
ATOM   810  O OE2 . GLU A 1 110 ? 8.494   0.851   20.411  1.00 24.78 ? 110  GLU A OE2 1 
ATOM   811  N N   . PHE A 1 111 ? 9.356   4.591   16.592  1.00 16.88 ? 111  PHE A N   1 
ATOM   812  C CA  . PHE A 1 111 ? 8.038   5.103   16.133  1.00 16.37 ? 111  PHE A CA  1 
ATOM   813  C C   . PHE A 1 111 ? 7.535   4.433   14.852  1.00 16.07 ? 111  PHE A C   1 
ATOM   814  O O   . PHE A 1 111 ? 6.332   4.434   14.596  1.00 16.10 ? 111  PHE A O   1 
ATOM   815  C CB  . PHE A 1 111 ? 7.983   6.643   15.977  1.00 16.55 ? 111  PHE A CB  1 
ATOM   816  C CG  . PHE A 1 111 ? 8.948   7.215   14.967  1.00 16.05 ? 111  PHE A CG  1 
ATOM   817  C CD1 . PHE A 1 111 ? 8.650   7.196   13.599  1.00 15.15 ? 111  PHE A CD1 1 
ATOM   818  C CD2 . PHE A 1 111 ? 10.123  7.829   15.391  1.00 13.88 ? 111  PHE A CD2 1 
ATOM   819  C CE1 . PHE A 1 111 ? 9.527   7.719   12.685  1.00 15.16 ? 111  PHE A CE1 1 
ATOM   820  C CE2 . PHE A 1 111 ? 11.009  8.367   14.494  1.00 13.56 ? 111  PHE A CE2 1 
ATOM   821  C CZ  . PHE A 1 111 ? 10.732  8.314   13.131  1.00 15.47 ? 111  PHE A CZ  1 
ATOM   822  N N   . ARG A 1 112 ? 8.436   3.859   14.060  1.00 15.65 ? 112  ARG A N   1 
ATOM   823  C CA  . ARG A 1 112 ? 8.028   3.104   12.860  1.00 15.20 ? 112  ARG A CA  1 
ATOM   824  C C   . ARG A 1 112 ? 7.522   1.693   13.172  1.00 15.13 ? 112  ARG A C   1 
ATOM   825  O O   . ARG A 1 112 ? 6.963   1.038   12.287  1.00 14.52 ? 112  ARG A O   1 
ATOM   826  C CB  . ARG A 1 112 ? 9.181   3.024   11.858  1.00 15.45 ? 112  ARG A CB  1 
ATOM   827  C CG  . ARG A 1 112 ? 9.663   4.410   11.435  1.00 15.41 ? 112  ARG A CG  1 
ATOM   828  C CD  . ARG A 1 112 ? 10.665  4.327   10.318  1.00 14.18 ? 112  ARG A CD  1 
ATOM   829  N NE  . ARG A 1 112 ? 11.255  5.639   10.115  1.00 13.79 ? 112  ARG A NE  1 
ATOM   830  C CZ  . ARG A 1 112 ? 10.701  6.596   9.382   1.00 12.91 ? 112  ARG A CZ  1 
ATOM   831  N NH1 . ARG A 1 112 ? 9.524   6.411   8.777   1.00 13.05 ? 112  ARG A NH1 1 
ATOM   832  N NH2 . ARG A 1 112 ? 11.315  7.753   9.271   1.00 13.32 ? 112  ARG A NH2 1 
ATOM   833  N N   . ARG A 1 113 ? 7.699   1.239   14.416  1.00 14.76 ? 113  ARG A N   1 
ATOM   834  C CA  . ARG A 1 113 ? 7.289   -0.116  14.815  1.00 15.31 ? 113  ARG A CA  1 
ATOM   835  C C   . ARG A 1 113 ? 5.857   -0.182  15.341  1.00 15.69 ? 113  ARG A C   1 
ATOM   836  O O   . ARG A 1 113 ? 5.418   -1.224  15.809  1.00 15.71 ? 113  ARG A O   1 
ATOM   837  C CB  . ARG A 1 113 ? 8.268   -0.693  15.864  1.00 15.22 ? 113  ARG A CB  1 
ATOM   838  C CG  . ARG A 1 113 ? 9.724   -0.624  15.393  1.00 16.14 ? 113  ARG A CG  1 
ATOM   839  C CD  . ARG A 1 113 ? 10.708  -1.225  16.365  1.00 17.05 ? 113  ARG A CD  1 
ATOM   840  N NE  . ARG A 1 113 ? 12.084  -0.954  15.948  1.00 17.88 ? 113  ARG A NE  1 
ATOM   841  C CZ  . ARG A 1 113 ? 13.178  -1.600  16.367  1.00 16.84 ? 113  ARG A CZ  1 
ATOM   842  N NH1 . ARG A 1 113 ? 13.120  -2.608  17.255  1.00 16.35 ? 113  ARG A NH1 1 
ATOM   843  N NH2 . ARG A 1 113 ? 14.350  -1.230  15.877  1.00 15.63 ? 113  ARG A NH2 1 
ATOM   844  N N   . HIS A 1 114 ? 5.146   0.942   15.310  1.00 16.12 ? 114  HIS A N   1 
ATOM   845  C CA  . HIS A 1 114 ? 3.722   0.980   15.628  1.00 16.21 ? 114  HIS A CA  1 
ATOM   846  C C   . HIS A 1 114 ? 2.932   1.478   14.413  1.00 15.00 ? 114  HIS A C   1 
ATOM   847  O O   . HIS A 1 114 ? 3.304   2.450   13.753  1.00 15.46 ? 114  HIS A O   1 
ATOM   848  C CB  . HIS A 1 114 ? 3.509   1.833   16.869  1.00 16.41 ? 114  HIS A CB  1 
ATOM   849  C CG  . HIS A 1 114 ? 4.478   1.501   17.952  1.00 21.19 ? 114  HIS A CG  1 
ATOM   850  N ND1 . HIS A 1 114 ? 4.329   0.396   18.771  1.00 24.42 ? 114  HIS A ND1 1 
ATOM   851  C CD2 . HIS A 1 114 ? 5.662   2.072   18.297  1.00 24.24 ? 114  HIS A CD2 1 
ATOM   852  C CE1 . HIS A 1 114 ? 5.375   0.309   19.577  1.00 26.01 ? 114  HIS A CE1 1 
ATOM   853  N NE2 . HIS A 1 114 ? 6.197   1.313   19.310  1.00 26.02 ? 114  HIS A NE2 1 
ATOM   854  N N   . SER A 1 115 ? 1.860   0.768   14.103  1.00 14.24 ? 115  SER A N   1 
ATOM   855  C CA  . SER A 1 115 ? 1.017   1.042   12.943  1.00 13.11 ? 115  SER A CA  1 
ATOM   856  C C   . SER A 1 115 ? -0.416  1.131   13.435  1.00 12.59 ? 115  SER A C   1 
ATOM   857  O O   . SER A 1 115 ? -0.826  0.255   14.137  1.00 11.41 ? 115  SER A O   1 
ATOM   858  C CB  . SER A 1 115 ? 1.142   -0.119  11.954  1.00 12.71 ? 115  SER A CB  1 
ATOM   859  O OG  . SER A 1 115 ? 0.187   -0.042  10.913  1.00 11.85 ? 115  SER A OG  1 
ATOM   860  N N   . TYR A 1 116 ? -1.178  2.166   13.066  1.00 12.72 ? 116  TYR A N   1 
ATOM   861  C CA  . TYR A 1 116 ? -2.615  2.154   13.339  1.00 13.40 ? 116  TYR A CA  1 
ATOM   862  C C   . TYR A 1 116 ? -3.387  1.189   12.404  1.00 13.92 ? 116  TYR A C   1 
ATOM   863  O O   . TYR A 1 116 ? -4.578  0.905   12.628  1.00 14.65 ? 116  TYR A O   1 
ATOM   864  C CB  . TYR A 1 116 ? -3.221  3.554   13.217  1.00 13.80 ? 116  TYR A CB  1 
ATOM   865  C CG  . TYR A 1 116 ? -2.933  4.487   14.379  1.00 13.37 ? 116  TYR A CG  1 
ATOM   866  C CD1 . TYR A 1 116 ? -3.554  4.320   15.602  1.00 14.49 ? 116  TYR A CD1 1 
ATOM   867  C CD2 . TYR A 1 116 ? -2.063  5.541   14.237  1.00 14.99 ? 116  TYR A CD2 1 
ATOM   868  C CE1 . TYR A 1 116 ? -3.298  5.181   16.673  1.00 14.67 ? 116  TYR A CE1 1 
ATOM   869  C CE2 . TYR A 1 116 ? -1.802  6.403   15.282  1.00 17.13 ? 116  TYR A CE2 1 
ATOM   870  C CZ  . TYR A 1 116 ? -2.417  6.225   16.501  1.00 16.12 ? 116  TYR A CZ  1 
ATOM   871  O OH  . TYR A 1 116 ? -2.132  7.101   17.533  1.00 15.90 ? 116  TYR A OH  1 
ATOM   872  N N   . LEU A 1 117 ? -2.724  0.669   11.377  1.00 13.26 ? 117  LEU A N   1 
ATOM   873  C CA  . LEU A 1 117 ? -3.414  -0.106  10.352  1.00 13.13 ? 117  LEU A CA  1 
ATOM   874  C C   . LEU A 1 117 ? -3.272  -1.614  10.561  1.00 12.80 ? 117  LEU A C   1 
ATOM   875  O O   . LEU A 1 117 ? -4.191  -2.380  10.240  1.00 12.36 ? 117  LEU A O   1 
ATOM   876  C CB  . LEU A 1 117 ? -2.874  0.271   8.956   1.00 12.81 ? 117  LEU A CB  1 
ATOM   877  C CG  . LEU A 1 117 ? -3.044  1.727   8.556   1.00 12.15 ? 117  LEU A CG  1 
ATOM   878  C CD1 . LEU A 1 117 ? -2.244  2.011   7.277   1.00 11.72 ? 117  LEU A CD1 1 
ATOM   879  C CD2 . LEU A 1 117 ? -4.581  2.089   8.415   1.00 9.71  ? 117  LEU A CD2 1 
ATOM   880  N N   . SER A 1 118 ? -2.119  -2.034  11.080  1.00 12.68 ? 118  SER A N   1 
ATOM   881  C CA  . SER A 1 118 ? -1.818  -3.452  11.260  1.00 12.34 ? 118  SER A CA  1 
ATOM   882  C C   . SER A 1 118 ? -2.947  -4.221  11.954  1.00 12.88 ? 118  SER A C   1 
ATOM   883  O O   . SER A 1 118 ? -3.347  -5.280  11.442  1.00 12.92 ? 118  SER A O   1 
ATOM   884  C CB  . SER A 1 118 ? -0.491  -3.653  11.981  1.00 11.62 ? 118  SER A CB  1 
ATOM   885  O OG  . SER A 1 118 ? 0.615   -3.295  11.166  1.00 13.51 ? 118  SER A OG  1 
ATOM   886  N N   . PRO A 1 119 ? -3.498  -3.691  13.079  1.00 12.89 ? 119  PRO A N   1 
ATOM   887  C CA  . PRO A 1 119 ? -4.554  -4.474  13.750  1.00 14.03 ? 119  PRO A CA  1 
ATOM   888  C C   . PRO A 1 119 ? -5.838  -4.751  12.974  1.00 14.98 ? 119  PRO A C   1 
ATOM   889  O O   . PRO A 1 119 ? -6.555  -5.696  13.327  1.00 15.98 ? 119  PRO A O   1 
ATOM   890  C CB  . PRO A 1 119 ? -4.880  -3.658  15.011  1.00 14.21 ? 119  PRO A CB  1 
ATOM   891  C CG  . PRO A 1 119 ? -3.632  -2.864  15.289  1.00 13.75 ? 119  PRO A CG  1 
ATOM   892  C CD  . PRO A 1 119 ? -3.093  -2.526  13.890  1.00 12.98 ? 119  PRO A CD  1 
ATOM   893  N N   . ILE A 1 120 ? -6.151  -3.967  11.947  1.00 15.91 ? 120  ILE A N   1 
ATOM   894  C CA  . ILE A 1 120 ? -7.406  -4.184  11.206  1.00 16.80 ? 120  ILE A CA  1 
ATOM   895  C C   . ILE A 1 120 ? -7.174  -4.727  9.810   1.00 16.64 ? 120  ILE A C   1 
ATOM   896  O O   . ILE A 1 120 ? -8.126  -4.990  9.094   1.00 18.00 ? 120  ILE A O   1 
ATOM   897  C CB  . ILE A 1 120 ? -8.267  -2.887  11.155  1.00 17.35 ? 120  ILE A CB  1 
ATOM   898  C CG1 . ILE A 1 120 ? -7.551  -1.778  10.387  1.00 18.47 ? 120  ILE A CG1 1 
ATOM   899  C CG2 . ILE A 1 120 ? -8.584  -2.450  12.605  1.00 18.07 ? 120  ILE A CG2 1 
ATOM   900  C CD1 . ILE A 1 120 ? -8.441  -0.664  9.928   1.00 20.14 ? 120  ILE A CD1 1 
ATOM   901  N N   . ALA A 1 121 ? -5.904  -4.870  9.431   1.00 15.92 ? 121  ALA A N   1 
ATOM   902  C CA  . ALA A 1 121 ? -5.486  -5.429  8.147   1.00 14.85 ? 121  ALA A CA  1 
ATOM   903  C C   . ALA A 1 121 ? -5.613  -6.938  8.192   1.00 13.90 ? 121  ALA A C   1 
ATOM   904  O O   . ALA A 1 121 ? -5.460  -7.545  9.234   1.00 13.87 ? 121  ALA A O   1 
ATOM   905  C CB  . ALA A 1 121 ? -3.985  -5.053  7.866   1.00 14.26 ? 121  ALA A CB  1 
ATOM   906  N N   . THR A 1 122 ? -5.870  -7.533  7.039   1.00 13.43 ? 122  THR A N   1 
ATOM   907  C CA  . THR A 1 122 ? -5.801  -8.968  6.853   1.00 12.56 ? 122  THR A CA  1 
ATOM   908  C C   . THR A 1 122 ? -4.399  -9.463  7.168   1.00 11.69 ? 122  THR A C   1 
ATOM   909  O O   . THR A 1 122 ? -4.207  -10.366 7.970   1.00 12.02 ? 122  THR A O   1 
ATOM   910  C CB  . THR A 1 122 ? -6.161  -9.318  5.381   1.00 12.98 ? 122  THR A CB  1 
ATOM   911  O OG1 . THR A 1 122 ? -7.485  -8.862  5.096   1.00 13.45 ? 122  THR A OG1 1 
ATOM   912  C CG2 . THR A 1 122 ? -6.120  -10.810 5.138   1.00 13.44 ? 122  THR A CG2 1 
ATOM   913  N N   . GLY A 1 123 ? -3.405  -8.867  6.530   1.00 11.15 ? 123  GLY A N   1 
ATOM   914  C CA  . GLY A 1 123 ? -2.016  -9.136  6.869   1.00 10.55 ? 123  GLY A CA  1 
ATOM   915  C C   . GLY A 1 123 ? -1.119  -7.991  6.471   1.00 10.48 ? 123  GLY A C   1 
ATOM   916  O O   . GLY A 1 123 ? -1.589  -6.984  5.942   1.00 9.83  ? 123  GLY A O   1 
ATOM   917  N N   . VAL A 1 124 ? 0.181   -8.170  6.728   1.00 10.44 ? 124  VAL A N   1 
ATOM   918  C CA  . VAL A 1 124 ? 1.190   -7.118  6.624   1.00 9.77  ? 124  VAL A CA  1 
ATOM   919  C C   . VAL A 1 124 ? 2.464   -7.687  6.004   1.00 10.32 ? 124  VAL A C   1 
ATOM   920  O O   . VAL A 1 124 ? 2.945   -8.695  6.468   1.00 10.41 ? 124  VAL A O   1 
ATOM   921  C CB  . VAL A 1 124 ? 1.548   -6.555  8.035   1.00 9.87  ? 124  VAL A CB  1 
ATOM   922  C CG1 . VAL A 1 124 ? 2.524   -5.322  7.909   1.00 6.94  ? 124  VAL A CG1 1 
ATOM   923  C CG2 . VAL A 1 124 ? 0.229   -6.210  8.837   1.00 6.71  ? 124  VAL A CG2 1 
ATOM   924  N N   . ILE A 1 125 ? 2.996   -7.047  4.957   1.00 10.64 ? 125  ILE A N   1 
ATOM   925  C CA  . ILE A 1 125 ? 4.295   -7.427  4.391   1.00 10.76 ? 125  ILE A CA  1 
ATOM   926  C C   . ILE A 1 125 ? 5.230   -6.259  4.552   1.00 10.59 ? 125  ILE A C   1 
ATOM   927  O O   . ILE A 1 125 ? 4.881   -5.180  4.119   1.00 11.22 ? 125  ILE A O   1 
ATOM   928  C CB  . ILE A 1 125 ? 4.232   -7.751  2.870   1.00 10.41 ? 125  ILE A CB  1 
ATOM   929  C CG1 . ILE A 1 125 ? 3.268   -8.901  2.592   1.00 11.47 ? 125  ILE A CG1 1 
ATOM   930  C CG2 . ILE A 1 125 ? 5.633   -8.109  2.343   1.00 9.59  ? 125  ILE A CG2 1 
ATOM   931  C CD1 . ILE A 1 125 ? 2.926   -9.110  1.130   1.00 11.08 ? 125  ILE A CD1 1 
ATOM   932  N N   . VAL A 1 126 ? 6.407   -6.448  5.170   1.00 10.42 ? 126  VAL A N   1 
ATOM   933  C CA  . VAL A 1 126 ? 7.405   -5.338  5.258   1.00 10.22 ? 126  VAL A CA  1 
ATOM   934  C C   . VAL A 1 126 ? 8.824   -5.814  4.929   1.00 10.53 ? 126  VAL A C   1 
ATOM   935  O O   . VAL A 1 126 ? 9.161   -6.978  5.087   1.00 11.07 ? 126  VAL A O   1 
ATOM   936  C CB  . VAL A 1 126 ? 7.366   -4.602  6.638   1.00 10.59 ? 126  VAL A CB  1 
ATOM   937  C CG1 . VAL A 1 126 ? 5.896   -4.267  7.045   1.00 8.81  ? 126  VAL A CG1 1 
ATOM   938  C CG2 . VAL A 1 126 ? 8.081   -5.431  7.745   1.00 9.53  ? 126  VAL A CG2 1 
ATOM   939  N N   . GLY A 1 127 ? 9.638   -4.909  4.420   1.00 11.07 ? 127  GLY A N   1 
ATOM   940  C CA  . GLY A 1 127 ? 11.042  -5.175  4.158   1.00 11.62 ? 127  GLY A CA  1 
ATOM   941  C C   . GLY A 1 127 ? 11.435  -5.966  2.909   1.00 11.91 ? 127  GLY A C   1 
ATOM   942  O O   . GLY A 1 127 ? 12.623  -6.223  2.703   1.00 11.95 ? 127  GLY A O   1 
ATOM   943  N N   . LEU A 1 128 ? 10.455  -6.332  2.079   1.00 12.11 ? 128  LEU A N   1 
ATOM   944  C CA  . LEU A 1 128 ? 10.704  -7.150  0.898   1.00 11.95 ? 128  LEU A CA  1 
ATOM   945  C C   . LEU A 1 128 ? 10.784  -6.271  -0.335  1.00 12.70 ? 128  LEU A C   1 
ATOM   946  O O   . LEU A 1 128 ? 10.733  -6.749  -1.467  1.00 12.67 ? 128  LEU A O   1 
ATOM   947  C CB  . LEU A 1 128 ? 9.615   -8.221  0.759   1.00 11.22 ? 128  LEU A CB  1 
ATOM   948  C CG  . LEU A 1 128 ? 9.549   -9.214  1.944   1.00 10.13 ? 128  LEU A CG  1 
ATOM   949  C CD1 . LEU A 1 128 ? 8.555   -10.381 1.690   1.00 4.70  ? 128  LEU A CD1 1 
ATOM   950  C CD2 . LEU A 1 128 ? 10.926  -9.747  2.250   1.00 9.18  ? 128  LEU A CD2 1 
ATOM   951  N N   . GLY A 1 129 ? 10.915  -4.973  -0.099  1.00 13.73 ? 129  GLY A N   1 
ATOM   952  C CA  . GLY A 1 129 ? 11.010  -3.983  -1.153  1.00 14.36 ? 129  GLY A CA  1 
ATOM   953  C C   . GLY A 1 129 ? 9.751   -3.896  -1.990  1.00 15.25 ? 129  GLY A C   1 
ATOM   954  O O   . GLY A 1 129 ? 8.673   -4.266  -1.563  1.00 16.15 ? 129  GLY A O   1 
ATOM   955  N N   . ILE A 1 130 ? 9.913   -3.360  -3.179  1.00 16.17 ? 130  ILE A N   1 
ATOM   956  C CA  . ILE A 1 130 ? 8.879   -3.267  -4.193  1.00 17.49 ? 130  ILE A CA  1 
ATOM   957  C C   . ILE A 1 130 ? 8.136   -4.583  -4.430  1.00 17.26 ? 130  ILE A C   1 
ATOM   958  O O   . ILE A 1 130 ? 6.917   -4.586  -4.600  1.00 17.93 ? 130  ILE A O   1 
ATOM   959  C CB  . ILE A 1 130 ? 9.540   -2.678  -5.502  1.00 18.40 ? 130  ILE A CB  1 
ATOM   960  C CG1 . ILE A 1 130 ? 9.129   -1.218  -5.655  1.00 20.43 ? 130  ILE A CG1 1 
ATOM   961  C CG2 . ILE A 1 130 ? 9.236   -3.486  -6.745  1.00 20.59 ? 130  ILE A CG2 1 
ATOM   962  C CD1 . ILE A 1 130 ? 9.733   -0.356  -4.615  1.00 18.22 ? 130  ILE A CD1 1 
ATOM   963  N N   . GLN A 1 131 ? 8.843   -5.709  -4.403  1.00 16.86 ? 131  GLN A N   1 
ATOM   964  C CA  . GLN A 1 131 ? 8.180   -7.011  -4.568  1.00 16.26 ? 131  GLN A CA  1 
ATOM   965  C C   . GLN A 1 131 ? 7.049   -7.245  -3.559  1.00 15.76 ? 131  GLN A C   1 
ATOM   966  O O   . GLN A 1 131 ? 6.114   -7.996  -3.840  1.00 14.98 ? 131  GLN A O   1 
ATOM   967  C CB  . GLN A 1 131 ? 9.180   -8.178  -4.538  1.00 16.02 ? 131  GLN A CB  1 
ATOM   968  C CG  . GLN A 1 131 ? 8.685   -9.291  -5.396  1.00 18.25 ? 131  GLN A CG  1 
ATOM   969  C CD  . GLN A 1 131 ? 9.530   -10.497 -5.353  1.00 19.64 ? 131  GLN A CD  1 
ATOM   970  O OE1 . GLN A 1 131 ? 10.720  -10.433 -5.011  1.00 20.84 ? 131  GLN A OE1 1 
ATOM   971  N NE2 . GLN A 1 131 ? 8.924   -11.638 -5.673  1.00 18.65 ? 131  GLN A NE2 1 
ATOM   972  N N   . GLY A 1 132 ? 7.128   -6.593  -2.399  1.00 15.18 ? 132  GLY A N   1 
ATOM   973  C CA  . GLY A 1 132 ? 6.033   -6.613  -1.418  1.00 14.74 ? 132  GLY A CA  1 
ATOM   974  C C   . GLY A 1 132 ? 4.662   -6.422  -2.042  1.00 14.33 ? 132  GLY A C   1 
ATOM   975  O O   . GLY A 1 132 ? 3.724   -7.201  -1.779  1.00 13.70 ? 132  GLY A O   1 
ATOM   976  N N   . TYR A 1 133 ? 4.547   -5.391  -2.875  1.00 13.43 ? 133  TYR A N   1 
ATOM   977  C CA  . TYR A 1 133 ? 3.289   -5.121  -3.592  1.00 13.28 ? 133  TYR A CA  1 
ATOM   978  C C   . TYR A 1 133 ? 2.853   -6.267  -4.486  1.00 12.86 ? 133  TYR A C   1 
ATOM   979  O O   . TYR A 1 133 ? 1.686   -6.653  -4.482  1.00 12.23 ? 133  TYR A O   1 
ATOM   980  C CB  . TYR A 1 133 ? 3.410   -3.897  -4.468  1.00 12.72 ? 133  TYR A CB  1 
ATOM   981  C CG  . TYR A 1 133 ? 3.647   -2.608  -3.744  1.00 12.62 ? 133  TYR A CG  1 
ATOM   982  C CD1 . TYR A 1 133 ? 2.582   -1.811  -3.344  1.00 11.45 ? 133  TYR A CD1 1 
ATOM   983  C CD2 . TYR A 1 133 ? 4.949   -2.149  -3.494  1.00 11.38 ? 133  TYR A CD2 1 
ATOM   984  C CE1 . TYR A 1 133 ? 2.801   -0.593  -2.710  1.00 10.15 ? 133  TYR A CE1 1 
ATOM   985  C CE2 . TYR A 1 133 ? 5.161   -0.953  -2.857  1.00 10.44 ? 133  TYR A CE2 1 
ATOM   986  C CZ  . TYR A 1 133 ? 4.076   -0.166  -2.482  1.00 10.00 ? 133  TYR A CZ  1 
ATOM   987  O OH  . TYR A 1 133 ? 4.284   1.061   -1.861  1.00 10.70 ? 133  TYR A OH  1 
ATOM   988  N N   . LEU A 1 134 ? 3.809   -6.798  -5.245  1.00 13.01 ? 134  LEU A N   1 
ATOM   989  C CA  . LEU A 1 134 ? 3.572   -7.922  -6.156  1.00 13.04 ? 134  LEU A CA  1 
ATOM   990  C C   . LEU A 1 134 ? 3.112   -9.184  -5.413  1.00 12.45 ? 134  LEU A C   1 
ATOM   991  O O   . LEU A 1 134 ? 2.243   -9.920  -5.893  1.00 12.81 ? 134  LEU A O   1 
ATOM   992  C CB  . LEU A 1 134 ? 4.831   -8.227  -6.978  1.00 12.87 ? 134  LEU A CB  1 
ATOM   993  C CG  . LEU A 1 134 ? 5.469   -7.100  -7.817  1.00 14.24 ? 134  LEU A CG  1 
ATOM   994  C CD1 . LEU A 1 134 ? 6.578   -7.656  -8.773  1.00 13.04 ? 134  LEU A CD1 1 
ATOM   995  C CD2 . LEU A 1 134 ? 4.434   -6.307  -8.621  1.00 12.73 ? 134  LEU A CD2 1 
ATOM   996  N N   . LEU A 1 135 ? 3.697   -9.436  -4.248  1.00 11.88 ? 135  LEU A N   1 
ATOM   997  C CA  . LEU A 1 135 ? 3.345   -10.624 -3.449  1.00 11.21 ? 135  LEU A CA  1 
ATOM   998  C C   . LEU A 1 135 ? 1.952   -10.476 -2.821  1.00 10.60 ? 135  LEU A C   1 
ATOM   999  O O   . LEU A 1 135 ? 1.221   -11.457 -2.664  1.00 10.81 ? 135  LEU A O   1 
ATOM   1000 C CB  . LEU A 1 135 ? 4.414   -10.897 -2.373  1.00 10.94 ? 135  LEU A CB  1 
ATOM   1001 C CG  . LEU A 1 135 ? 5.841   -11.144 -2.884  1.00 10.69 ? 135  LEU A CG  1 
ATOM   1002 C CD1 . LEU A 1 135 ? 6.827   -11.007 -1.708  1.00 11.83 ? 135  LEU A CD1 1 
ATOM   1003 C CD2 . LEU A 1 135 ? 6.022   -12.473 -3.564  1.00 5.60  ? 135  LEU A CD2 1 
ATOM   1004 N N   . ALA A 1 136 ? 1.590   -9.250  -2.472  1.00 10.27 ? 136  ALA A N   1 
ATOM   1005 C CA  . ALA A 1 136 ? 0.248   -8.930  -1.977  1.00 10.73 ? 136  ALA A CA  1 
ATOM   1006 C C   . ALA A 1 136 ? -0.815  -9.164  -3.080  1.00 11.10 ? 136  ALA A C   1 
ATOM   1007 O O   . ALA A 1 136 ? -1.931  -9.618  -2.809  1.00 9.98  ? 136  ALA A O   1 
ATOM   1008 C CB  . ALA A 1 136 ? 0.192   -7.460  -1.458  1.00 8.71  ? 136  ALA A CB  1 
ATOM   1009 N N   . LEU A 1 137 ? -0.468  -8.818  -4.311  1.00 12.45 ? 137  LEU A N   1 
ATOM   1010 C CA  . LEU A 1 137 ? -1.349  -9.082  -5.445  1.00 14.40 ? 137  LEU A CA  1 
ATOM   1011 C C   . LEU A 1 137 ? -1.613  -10.572 -5.570  1.00 15.28 ? 137  LEU A C   1 
ATOM   1012 O O   . LEU A 1 137 ? -2.763  -10.990 -5.756  1.00 15.23 ? 137  LEU A O   1 
ATOM   1013 C CB  . LEU A 1 137 ? -0.718  -8.614  -6.747  1.00 14.97 ? 137  LEU A CB  1 
ATOM   1014 C CG  . LEU A 1 137 ? -0.887  -7.151  -7.082  1.00 16.72 ? 137  LEU A CG  1 
ATOM   1015 C CD1 . LEU A 1 137 ? -0.023  -6.857  -8.324  1.00 16.32 ? 137  LEU A CD1 1 
ATOM   1016 C CD2 . LEU A 1 137 ? -2.369  -6.868  -7.313  1.00 16.81 ? 137  LEU A CD2 1 
ATOM   1017 N N   . ARG A 1 138 ? -0.542  -11.366 -5.448  1.00 15.60 ? 138  ARG A N   1 
ATOM   1018 C CA  . ARG A 1 138 ? -0.635  -12.809 -5.621  1.00 15.80 ? 138  ARG A CA  1 
ATOM   1019 C C   . ARG A 1 138 ? -1.510  -13.418 -4.537  1.00 16.23 ? 138  ARG A C   1 
ATOM   1020 O O   . ARG A 1 138 ? -2.330  -14.311 -4.815  1.00 15.65 ? 138  ARG A O   1 
ATOM   1021 C CB  . ARG A 1 138 ? 0.757   -13.426 -5.614  1.00 15.97 ? 138  ARG A CB  1 
ATOM   1022 C CG  . ARG A 1 138 ? 0.806   -14.852 -6.120  1.00 17.59 ? 138  ARG A CG  1 
ATOM   1023 C CD  . ARG A 1 138 ? 2.224   -15.304 -6.357  1.00 17.91 ? 138  ARG A CD  1 
ATOM   1024 N NE  . ARG A 1 138 ? 2.774   -14.672 -7.547  1.00 19.93 ? 138  ARG A NE  1 
ATOM   1025 C CZ  . ARG A 1 138 ? 2.566   -15.085 -8.799  1.00 21.17 ? 138  ARG A CZ  1 
ATOM   1026 N NH1 . ARG A 1 138 ? 1.826   -16.173 -9.056  1.00 21.13 ? 138  ARG A NH1 1 
ATOM   1027 N NH2 . ARG A 1 138 ? 3.119   -14.412 -9.802  1.00 19.74 ? 138  ARG A NH2 1 
ATOM   1028 N N   . TYR A 1 139 ? -1.352  -12.931 -3.297  1.00 16.77 ? 139  TYR A N   1 
ATOM   1029 C CA  . TYR A 1 139 ? -2.264  -13.332 -2.217  1.00 16.44 ? 139  TYR A CA  1 
ATOM   1030 C C   . TYR A 1 139 ? -3.712  -13.062 -2.630  1.00 17.04 ? 139  TYR A C   1 
ATOM   1031 O O   . TYR A 1 139 ? -4.559  -13.927 -2.487  1.00 16.65 ? 139  TYR A O   1 
ATOM   1032 C CB  . TYR A 1 139 ? -1.979  -12.610 -0.894  1.00 15.75 ? 139  TYR A CB  1 
ATOM   1033 C CG  . TYR A 1 139 ? -3.030  -12.898 0.159   1.00 14.29 ? 139  TYR A CG  1 
ATOM   1034 C CD1 . TYR A 1 139 ? -2.940  -14.023 0.961   1.00 14.54 ? 139  TYR A CD1 1 
ATOM   1035 C CD2 . TYR A 1 139 ? -4.126  -12.048 0.345   1.00 13.48 ? 139  TYR A CD2 1 
ATOM   1036 C CE1 . TYR A 1 139 ? -3.920  -14.308 1.923   1.00 14.70 ? 139  TYR A CE1 1 
ATOM   1037 C CE2 . TYR A 1 139 ? -5.111  -12.330 1.292   1.00 12.41 ? 139  TYR A CE2 1 
ATOM   1038 C CZ  . TYR A 1 139 ? -4.998  -13.470 2.075   1.00 13.39 ? 139  TYR A CZ  1 
ATOM   1039 O OH  . TYR A 1 139 ? -5.935  -13.777 3.031   1.00 14.18 ? 139  TYR A OH  1 
ATOM   1040 N N   . LEU A 1 140 ? -4.002  -11.856 -3.101  1.00 18.09 ? 140  LEU A N   1 
ATOM   1041 C CA  . LEU A 1 140 ? -5.398  -11.508 -3.438  1.00 19.74 ? 140  LEU A CA  1 
ATOM   1042 C C   . LEU A 1 140 ? -5.934  -12.391 -4.565  1.00 20.89 ? 140  LEU A C   1 
ATOM   1043 O O   . LEU A 1 140 ? -7.075  -12.830 -4.502  1.00 21.19 ? 140  LEU A O   1 
ATOM   1044 C CB  . LEU A 1 140 ? -5.562  -10.020 -3.786  1.00 19.18 ? 140  LEU A CB  1 
ATOM   1045 C CG  . LEU A 1 140 ? -5.224  -9.033  -2.653  1.00 19.37 ? 140  LEU A CG  1 
ATOM   1046 C CD1 . LEU A 1 140 ? -5.218  -7.579  -3.183  1.00 15.40 ? 140  LEU A CD1 1 
ATOM   1047 C CD2 . LEU A 1 140 ? -6.192  -9.195  -1.442  1.00 16.68 ? 140  LEU A CD2 1 
ATOM   1048 N N   . ALA A 1 141 ? -5.082  -12.685 -5.547  1.00 23.08 ? 141  ALA A N   1 
ATOM   1049 C CA  . ALA A 1 141 ? -5.426  -13.558 -6.674  1.00 25.45 ? 141  ALA A CA  1 
ATOM   1050 C C   . ALA A 1 141 ? -5.836  -14.955 -6.222  1.00 27.69 ? 141  ALA A C   1 
ATOM   1051 O O   . ALA A 1 141 ? -6.770  -15.526 -6.773  1.00 27.52 ? 141  ALA A O   1 
ATOM   1052 C CB  . ALA A 1 141 ? -4.266  -13.649 -7.684  1.00 24.53 ? 141  ALA A CB  1 
ATOM   1053 N N   . GLU A 1 142 ? -5.152  -15.505 -5.224  1.00 30.78 ? 142  GLU A N   1 
ATOM   1054 C CA  . GLU A 1 142 ? -5.512  -16.852 -4.747  1.00 33.44 ? 142  GLU A CA  1 
ATOM   1055 C C   . GLU A 1 142 ? -6.518  -16.883 -3.619  1.00 34.56 ? 142  GLU A C   1 
ATOM   1056 O O   . GLU A 1 142 ? -6.869  -17.943 -3.144  1.00 35.55 ? 142  GLU A O   1 
ATOM   1057 C CB  . GLU A 1 142 ? -4.269  -17.677 -4.448  1.00 33.96 ? 142  GLU A CB  1 
ATOM   1058 C CG  . GLU A 1 142 ? -3.783  -18.401 -5.710  1.00 36.96 ? 142  GLU A CG  1 
ATOM   1059 C CD  . GLU A 1 142 ? -2.318  -18.195 -5.971  1.00 40.40 ? 142  GLU A CD  1 
ATOM   1060 O OE1 . GLU A 1 142 ? -1.541  -18.327 -5.006  1.00 43.59 ? 142  GLU A OE1 1 
ATOM   1061 O OE2 . GLU A 1 142 ? -1.939  -17.911 -7.139  1.00 42.05 ? 142  GLU A OE2 1 
ATOM   1062 N N   . HIS A 1 143 ? -7.028  -15.721 -3.241  1.00 36.38 ? 143  HIS A N   1 
ATOM   1063 C CA  . HIS A 1 143 ? -8.155  -15.627 -2.325  1.00 37.34 ? 143  HIS A CA  1 
ATOM   1064 C C   . HIS A 1 143 ? -9.308  -14.882 -3.005  1.00 38.08 ? 143  HIS A C   1 
ATOM   1065 O O   . HIS A 1 143 ? -10.478 -15.060 -2.645  1.00 39.35 ? 143  HIS A O   1 
ATOM   1066 C CB  . HIS A 1 143 ? -7.720  -14.898 -1.057  1.00 37.66 ? 143  HIS A CB  1 
ATOM   1067 C CG  . HIS A 1 143 ? -6.908  -15.747 -0.130  1.00 37.81 ? 143  HIS A CG  1 
ATOM   1068 N ND1 . HIS A 1 143 ? -7.389  -16.180 1.090   1.00 37.87 ? 143  HIS A ND1 1 
ATOM   1069 C CD2 . HIS A 1 143 ? -5.659  -16.256 -0.249  1.00 38.13 ? 143  HIS A CD2 1 
ATOM   1070 C CE1 . HIS A 1 143 ? -6.468  -16.924 1.680   1.00 38.62 ? 143  HIS A CE1 1 
ATOM   1071 N NE2 . HIS A 1 143 ? -5.407  -16.986 0.890   1.00 38.09 ? 143  HIS A NE2 1 
HETATM 1072 C CAA . XNW B 2 .   ? 11.609  8.914   -0.652  1.00 29.91 ? 1144 XNW A CAA 1 
HETATM 1073 O OAN . XNW B 2 .   ? 11.291  7.552   -0.939  1.00 27.43 ? 1144 XNW A OAN 1 
HETATM 1074 C CAR . XNW B 2 .   ? 10.347  7.059   -0.055  1.00 25.92 ? 1144 XNW A CAR 1 
HETATM 1075 C CAK . XNW B 2 .   ? 10.131  5.707   -0.083  1.00 25.44 ? 1144 XNW A CAK 1 
HETATM 1076 C CAI . XNW B 2 .   ? 9.227   5.070   0.747   1.00 24.52 ? 1144 XNW A CAI 1 
HETATM 1077 C CAJ . XNW B 2 .   ? 9.597   7.799   0.857   1.00 23.44 ? 1144 XNW A CAJ 1 
HETATM 1078 C CAH . XNW B 2 .   ? 8.668   7.145   1.697   1.00 24.28 ? 1144 XNW A CAH 1 
HETATM 1079 C CAQ . XNW B 2 .   ? 8.474   5.766   1.643   1.00 20.90 ? 1144 XNW A CAQ 1 
HETATM 1080 C CAL . XNW B 2 .   ? 7.483   4.950   2.478   1.00 19.39 ? 1144 XNW A CAL 1 
HETATM 1081 C CAU . XNW B 2 .   ? 7.950   4.627   3.892   1.00 15.79 ? 1144 XNW A CAU 1 
HETATM 1082 C CAP . XNW B 2 .   ? 7.563   5.783   4.814   1.00 14.58 ? 1144 XNW A CAP 1 
HETATM 1083 O OAC . XNW B 2 .   ? 6.997   6.792   4.386   1.00 14.33 ? 1144 XNW A OAC 1 
HETATM 1084 C CAT . XNW B 2 .   ? 7.867   5.677   6.293   1.00 14.42 ? 1144 XNW A CAT 1 
HETATM 1085 O OAF . XNW B 2 .   ? 7.147   6.721   6.985   1.00 12.17 ? 1144 XNW A OAF 1 
HETATM 1086 C CAS . XNW B 2 .   ? 7.349   4.329   6.793   1.00 14.75 ? 1144 XNW A CAS 1 
HETATM 1087 O OAE . XNW B 2 .   ? 7.813   4.136   8.136   1.00 13.58 ? 1144 XNW A OAE 1 
HETATM 1088 C CAM . XNW B 2 .   ? 7.753   3.136   5.891   1.00 15.12 ? 1144 XNW A CAM 1 
HETATM 1089 C CAV . XNW B 2 .   ? 7.355   3.317   4.419   1.00 13.65 ? 1144 XNW A CAV 1 
HETATM 1090 C CAO . XNW B 2 .   ? 7.923   2.137   3.601   1.00 13.91 ? 1144 XNW A CAO 1 
HETATM 1091 O OAD . XNW B 2 .   ? 9.090   1.747   3.890   1.00 14.65 ? 1144 XNW A OAD 1 
HETATM 1092 O OAB . XNW B 2 .   ? 7.151   1.598   2.759   1.00 10.29 ? 1144 XNW A OAB 1 
HETATM 1093 O OAG . XNW B 2 .   ? 5.903   3.292   4.307   1.00 11.73 ? 1144 XNW A OAG 1 
HETATM 1094 S S   . SO4 C 3 .   ? -5.136  19.260  1.855   0.33 18.11 ? 1145 SO4 A S   1 
HETATM 1095 O O1  . SO4 C 3 .   ? -6.242  18.809  2.686   0.33 18.57 ? 1145 SO4 A O1  1 
HETATM 1096 O O2  . SO4 C 3 .   ? -4.222  18.145  1.644   0.33 19.27 ? 1145 SO4 A O2  1 
HETATM 1097 O O3  . SO4 C 3 .   ? -5.631  19.741  0.589   0.33 17.09 ? 1145 SO4 A O3  1 
HETATM 1098 O O4  . SO4 C 3 .   ? -4.448  20.339  2.543   0.33 19.01 ? 1145 SO4 A O4  1 
HETATM 1099 S S   . SO4 D 3 .   ? -0.274  2.336   17.787  1.00 71.39 ? 1146 SO4 A S   1 
HETATM 1100 O O1  . SO4 D 3 .   ? 0.048   0.913   17.643  1.00 71.44 ? 1146 SO4 A O1  1 
HETATM 1101 O O2  . SO4 D 3 .   ? 0.603   2.924   18.795  1.00 69.93 ? 1146 SO4 A O2  1 
HETATM 1102 O O3  . SO4 D 3 .   ? -1.683  2.442   18.205  1.00 70.06 ? 1146 SO4 A O3  1 
HETATM 1103 O O4  . SO4 D 3 .   ? -0.030  3.035   16.518  1.00 69.77 ? 1146 SO4 A O4  1 
HETATM 1104 S S   . SO4 E 3 .   ? -10.039 9.414   -8.849  1.00 42.52 ? 1147 SO4 A S   1 
HETATM 1105 O O1  . SO4 E 3 .   ? -8.579  9.555   -8.660  1.00 41.64 ? 1147 SO4 A O1  1 
HETATM 1106 O O2  . SO4 E 3 .   ? -10.814 9.804   -7.672  1.00 41.86 ? 1147 SO4 A O2  1 
HETATM 1107 O O3  . SO4 E 3 .   ? -10.312 8.014   -9.126  1.00 41.99 ? 1147 SO4 A O3  1 
HETATM 1108 O O4  . SO4 E 3 .   ? -10.475 10.249  -9.964  1.00 40.88 ? 1147 SO4 A O4  1 
HETATM 1109 S S   . SO4 F 3 .   ? 0.893   -2.727  16.280  1.00 54.32 ? 1148 SO4 A S   1 
HETATM 1110 O O1  . SO4 F 3 .   ? 1.416   -1.850  15.234  1.00 53.03 ? 1148 SO4 A O1  1 
HETATM 1111 O O2  . SO4 F 3 .   ? 1.771   -3.907  16.320  1.00 54.52 ? 1148 SO4 A O2  1 
HETATM 1112 O O3  . SO4 F 3 .   ? -0.493  -3.113  16.015  1.00 51.95 ? 1148 SO4 A O3  1 
HETATM 1113 O O4  . SO4 F 3 .   ? 0.980   -2.024  17.566  1.00 55.48 ? 1148 SO4 A O4  1 
HETATM 1114 S S   . SO4 G 3 .   ? 8.222   15.938  -6.735  1.00 58.22 ? 1149 SO4 A S   1 
HETATM 1115 O O1  . SO4 G 3 .   ? 7.108   15.613  -7.630  1.00 57.71 ? 1149 SO4 A O1  1 
HETATM 1116 O O2  . SO4 G 3 .   ? 9.460   15.837  -7.507  1.00 57.45 ? 1149 SO4 A O2  1 
HETATM 1117 O O3  . SO4 G 3 .   ? 8.247   14.956  -5.658  1.00 57.25 ? 1149 SO4 A O3  1 
HETATM 1118 O O4  . SO4 G 3 .   ? 8.075   17.297  -6.176  1.00 57.58 ? 1149 SO4 A O4  1 
HETATM 1119 S S   . SO4 H 3 .   ? -5.172  -1.178  18.453  1.00 40.83 ? 1150 SO4 A S   1 
HETATM 1120 O O1  . SO4 H 3 .   ? -3.895  -0.692  17.944  1.00 40.75 ? 1150 SO4 A O1  1 
HETATM 1121 O O2  . SO4 H 3 .   ? -5.476  -0.401  19.655  1.00 41.19 ? 1150 SO4 A O2  1 
HETATM 1122 O O3  . SO4 H 3 .   ? -5.279  -2.623  18.662  1.00 41.64 ? 1150 SO4 A O3  1 
HETATM 1123 O O4  . SO4 H 3 .   ? -6.168  -0.956  17.430  1.00 43.10 ? 1150 SO4 A O4  1 
HETATM 1124 S S   . SO4 I 3 .   ? -7.241  3.396   -14.117 1.00 68.47 ? 1151 SO4 A S   1 
HETATM 1125 O O1  . SO4 I 3 .   ? -7.128  2.784   -15.447 1.00 68.95 ? 1151 SO4 A O1  1 
HETATM 1126 O O2  . SO4 I 3 .   ? -5.924  3.878   -13.667 1.00 65.36 ? 1151 SO4 A O2  1 
HETATM 1127 O O3  . SO4 I 3 .   ? -7.750  2.357   -13.228 1.00 68.32 ? 1151 SO4 A O3  1 
HETATM 1128 O O4  . SO4 I 3 .   ? -8.217  4.491   -14.156 1.00 67.10 ? 1151 SO4 A O4  1 
HETATM 1129 C C   . TRS J 4 .   ? -4.740  -20.397 3.899   1.00 44.04 ? 1152 TRS A C   1 
HETATM 1130 C C1  . TRS J 4 .   ? -5.945  -19.453 4.078   1.00 44.36 ? 1152 TRS A C1  1 
HETATM 1131 C C2  . TRS J 4 .   ? -3.433  -19.645 3.598   1.00 43.97 ? 1152 TRS A C2  1 
HETATM 1132 C C3  . TRS J 4 .   ? -4.580  -21.279 5.154   1.00 44.13 ? 1152 TRS A C3  1 
HETATM 1133 N N   . TRS J 4 .   ? -4.991  -21.324 2.787   1.00 43.59 ? 1152 TRS A N   1 
HETATM 1134 O O1  . TRS J 4 .   ? -5.586  -18.230 4.710   1.00 45.51 ? 1152 TRS A O1  1 
HETATM 1135 O O2  . TRS J 4 .   ? -3.437  -18.697 2.553   1.00 43.03 ? 1152 TRS A O2  1 
HETATM 1136 O O3  . TRS J 4 .   ? -3.902  -20.626 6.222   1.00 43.21 ? 1152 TRS A O3  1 
HETATM 1137 O O   . HOH K 5 .   ? 9.371   8.208   -8.171  1.00 27.01 ? 2001 HOH A O   1 
HETATM 1138 O O   . HOH K 5 .   ? 18.770  10.214  -4.976  1.00 52.87 ? 2002 HOH A O   1 
HETATM 1139 O O   . HOH K 5 .   ? 14.240  5.137   -3.395  1.00 22.15 ? 2003 HOH A O   1 
HETATM 1140 O O   . HOH K 5 .   ? 14.861  9.074   1.538   1.00 37.51 ? 2004 HOH A O   1 
HETATM 1141 O O   . HOH K 5 .   ? 12.165  7.549   5.559   1.00 22.91 ? 2005 HOH A O   1 
HETATM 1142 O O   . HOH K 5 .   ? 7.877   8.171   -11.054 1.00 20.82 ? 2006 HOH A O   1 
HETATM 1143 O O   . HOH K 5 .   ? 3.483   7.134   -10.823 1.00 25.97 ? 2007 HOH A O   1 
HETATM 1144 O O   . HOH K 5 .   ? -0.922  13.147  13.152  0.33 18.24 ? 2008 HOH A O   1 
HETATM 1145 O O   . HOH K 5 .   ? -11.659 -0.556  -14.753 1.00 22.29 ? 2009 HOH A O   1 
HETATM 1146 O O   . HOH K 5 .   ? -7.707  -13.675 7.492   1.00 24.53 ? 2010 HOH A O   1 
HETATM 1147 O O   . HOH K 5 .   ? -1.575  8.931   -8.696  1.00 23.82 ? 2011 HOH A O   1 
HETATM 1148 O O   . HOH K 5 .   ? -2.804  14.391  -4.570  1.00 21.66 ? 2012 HOH A O   1 
HETATM 1149 O O   . HOH K 5 .   ? 5.412   12.235  -2.926  1.00 8.41  ? 2013 HOH A O   1 
HETATM 1150 O O   . HOH K 5 .   ? 0.235   14.541  -3.875  1.00 17.26 ? 2014 HOH A O   1 
HETATM 1151 O O   . HOH K 5 .   ? -1.809  15.337  4.161   1.00 19.07 ? 2015 HOH A O   1 
HETATM 1152 O O   . HOH K 5 .   ? -4.055  12.191  10.860  1.00 12.17 ? 2016 HOH A O   1 
HETATM 1153 O O   . HOH K 5 .   ? -3.331  16.253  7.051   0.33 26.97 ? 2017 HOH A O   1 
HETATM 1154 O O   . HOH K 5 .   ? -11.844 12.640  1.292   1.00 13.69 ? 2018 HOH A O   1 
HETATM 1155 O O   . HOH K 5 .   ? -14.595 11.262  0.025   1.00 34.52 ? 2019 HOH A O   1 
HETATM 1156 O O   . HOH K 5 .   ? -10.695 11.510  -5.522  1.00 10.69 ? 2020 HOH A O   1 
HETATM 1157 O O   . HOH K 5 .   ? 0.388   1.012   5.402   1.00 25.08 ? 2021 HOH A O   1 
HETATM 1158 O O   . HOH K 5 .   ? -1.324  11.910  10.750  1.00 11.23 ? 2022 HOH A O   1 
HETATM 1159 O O   . HOH K 5 .   ? -2.883  5.141   9.780   1.00 11.85 ? 2023 HOH A O   1 
HETATM 1160 O O   . HOH K 5 .   ? -5.787  11.072  12.714  1.00 6.47  ? 2024 HOH A O   1 
HETATM 1161 O O   . HOH K 5 .   ? -12.104 9.844   11.611  1.00 13.78 ? 2025 HOH A O   1 
HETATM 1162 O O   . HOH K 5 .   ? -13.968 4.442   4.171   1.00 15.43 ? 2026 HOH A O   1 
HETATM 1163 O O   . HOH K 5 .   ? -16.294 -2.631  1.630   1.00 24.17 ? 2027 HOH A O   1 
HETATM 1164 O O   . HOH K 5 .   ? -13.747 -2.997  0.765   1.00 17.46 ? 2028 HOH A O   1 
HETATM 1165 O O   . HOH K 5 .   ? -12.096 -9.363  4.206   1.00 37.43 ? 2029 HOH A O   1 
HETATM 1166 O O   . HOH K 5 .   ? 3.659   -1.678  9.756   1.00 13.81 ? 2030 HOH A O   1 
HETATM 1167 O O   . HOH K 5 .   ? 14.711  -2.581  5.085   1.00 21.56 ? 2031 HOH A O   1 
HETATM 1168 O O   . HOH K 5 .   ? 15.388  4.997   9.799   1.00 28.06 ? 2032 HOH A O   1 
HETATM 1169 O O   . HOH K 5 .   ? 14.398  4.443   18.474  1.00 23.20 ? 2033 HOH A O   1 
HETATM 1170 O O   . HOH K 5 .   ? 5.642   -0.915  22.835  0.50 33.26 ? 2034 HOH A O   1 
HETATM 1171 O O   . HOH K 5 .   ? 4.607   5.315   16.695  1.00 30.24 ? 2035 HOH A O   1 
HETATM 1172 O O   . HOH K 5 .   ? 4.595   -0.500  12.051  1.00 13.98 ? 2036 HOH A O   1 
HETATM 1173 O O   . HOH K 5 .   ? 3.862   -2.645  13.813  1.00 21.41 ? 2037 HOH A O   1 
HETATM 1174 O O   . HOH K 5 .   ? -1.075  9.453   16.410  1.00 25.88 ? 2038 HOH A O   1 
HETATM 1175 O O   . HOH K 5 .   ? 3.374   -3.993  11.412  1.00 19.56 ? 2039 HOH A O   1 
HETATM 1176 O O   . HOH K 5 .   ? -5.612  -12.255 9.094   1.00 20.88 ? 2040 HOH A O   1 
HETATM 1177 O O   . HOH K 5 .   ? 4.866   -8.018  8.323   0.50 13.43 ? 2041 HOH A O   1 
HETATM 1178 O O   . HOH K 5 .   ? 7.987   -5.187  0.965   1.00 12.20 ? 2042 HOH A O   1 
HETATM 1179 O O   . HOH K 5 .   ? 6.622   -11.806 -7.074  1.00 22.17 ? 2043 HOH A O   1 
HETATM 1180 O O   . HOH K 5 .   ? 3.988   -12.267 -6.992  1.00 13.29 ? 2044 HOH A O   1 
HETATM 1181 O O   . HOH K 5 .   ? -5.140  -14.897 5.498   1.00 23.22 ? 2045 HOH A O   1 
HETATM 1182 O O   . HOH K 5 .   ? 0.433   -18.161 -7.143  1.00 41.24 ? 2046 HOH A O   1 
HETATM 1183 O O   . HOH K 5 .   ? -2.380  17.805  3.704   1.00 8.19  ? 2047 HOH A O   1 
HETATM 1184 O O   . HOH K 5 .   ? 6.047   13.566  -5.161  1.00 15.93 ? 2048 HOH A O   1 
HETATM 1185 O O   . HOH K 5 .   ? -4.889  1.356   21.704  1.00 20.16 ? 2049 HOH A O   1 
HETATM 1186 O O   . HOH K 5 .   ? -5.728  -18.669 7.944   1.00 39.58 ? 2050 HOH A O   1 
# 
loop_
_pdbx_poly_seq_scheme.asym_id 
_pdbx_poly_seq_scheme.entity_id 
_pdbx_poly_seq_scheme.seq_id 
_pdbx_poly_seq_scheme.mon_id 
_pdbx_poly_seq_scheme.ndb_seq_num 
_pdbx_poly_seq_scheme.pdb_seq_num 
_pdbx_poly_seq_scheme.auth_seq_num 
_pdbx_poly_seq_scheme.pdb_mon_id 
_pdbx_poly_seq_scheme.auth_mon_id 
_pdbx_poly_seq_scheme.pdb_strand_id 
_pdbx_poly_seq_scheme.pdb_ins_code 
_pdbx_poly_seq_scheme.hetero 
A 1 1   SER 1   1   ?   ?   ?   A . n 
A 1 2   GLU 2   2   ?   ?   ?   A . n 
A 1 3   LEU 3   3   3   LEU LEU A . n 
A 1 4   ILE 4   4   4   ILE ILE A . n 
A 1 5   VAL 5   5   5   VAL VAL A . n 
A 1 6   ASN 6   6   6   ASN ASN A . n 
A 1 7   VAL 7   7   7   VAL VAL A . n 
A 1 8   ILE 8   8   8   ILE ILE A . n 
A 1 9   ASN 9   9   9   ASN ASN A . n 
A 1 10  GLY 10  10  10  GLY GLY A . n 
A 1 11  PRO 11  11  11  PRO PRO A . n 
A 1 12  ASN 12  12  12  ASN ASN A . n 
A 1 13  LEU 13  13  13  LEU LEU A . n 
A 1 14  GLY 14  14  14  GLY GLY A . n 
A 1 15  ARG 15  15  15  ARG ARG A . n 
A 1 16  LEU 16  16  16  LEU LEU A . n 
A 1 17  GLY 17  17  17  GLY GLY A . n 
A 1 18  ARG 18  18  18  ARG ARG A . n 
A 1 19  ARG 19  19  19  ARG ARG A . n 
A 1 20  GLU 20  20  20  GLU GLU A . n 
A 1 21  PRO 21  21  21  PRO PRO A . n 
A 1 22  ALA 22  22  22  ALA ALA A . n 
A 1 23  VAL 23  23  23  VAL VAL A . n 
A 1 24  TYR 24  24  24  TYR TYR A . n 
A 1 25  GLY 25  25  25  GLY GLY A . n 
A 1 26  GLY 26  26  26  GLY GLY A . n 
A 1 27  THR 27  27  27  THR THR A . n 
A 1 28  THR 28  28  28  THR THR A . n 
A 1 29  HIS 29  29  29  HIS HIS A . n 
A 1 30  ASP 30  30  30  ASP ASP A . n 
A 1 31  GLU 31  31  31  GLU GLU A . n 
A 1 32  LEU 32  32  32  LEU LEU A . n 
A 1 33  VAL 33  33  33  VAL VAL A . n 
A 1 34  ALA 34  34  34  ALA ALA A . n 
A 1 35  LEU 35  35  35  LEU LEU A . n 
A 1 36  ILE 36  36  36  ILE ILE A . n 
A 1 37  GLU 37  37  37  GLU GLU A . n 
A 1 38  ARG 38  38  38  ARG ARG A . n 
A 1 39  GLU 39  39  39  GLU GLU A . n 
A 1 40  ALA 40  40  40  ALA ALA A . n 
A 1 41  ALA 41  41  41  ALA ALA A . n 
A 1 42  GLU 42  42  42  GLU GLU A . n 
A 1 43  LEU 43  43  43  LEU LEU A . n 
A 1 44  GLY 44  44  44  GLY GLY A . n 
A 1 45  LEU 45  45  45  LEU LEU A . n 
A 1 46  LYS 46  46  46  LYS LYS A . n 
A 1 47  ALA 47  47  47  ALA ALA A . n 
A 1 48  VAL 48  48  48  VAL VAL A . n 
A 1 49  VAL 49  49  49  VAL VAL A . n 
A 1 50  ARG 50  50  50  ARG ARG A . n 
A 1 51  GLN 51  51  51  GLN GLN A . n 
A 1 52  SER 52  52  52  SER SER A . n 
A 1 53  ASP 53  53  53  ASP ASP A . n 
A 1 54  SER 54  54  54  SER SER A . n 
A 1 55  GLU 55  55  55  GLU GLU A . n 
A 1 56  ALA 56  56  56  ALA ALA A . n 
A 1 57  GLN 57  57  57  GLN GLN A . n 
A 1 58  LEU 58  58  58  LEU LEU A . n 
A 1 59  LEU 59  59  59  LEU LEU A . n 
A 1 60  ASP 60  60  60  ASP ASP A . n 
A 1 61  TRP 61  61  61  TRP TRP A . n 
A 1 62  ILE 62  62  62  ILE ILE A . n 
A 1 63  HIS 63  63  63  HIS HIS A . n 
A 1 64  GLN 64  64  64  GLN GLN A . n 
A 1 65  ALA 65  65  65  ALA ALA A . n 
A 1 66  ALA 66  66  66  ALA ALA A . n 
A 1 67  ASP 67  67  67  ASP ASP A . n 
A 1 68  ALA 68  68  68  ALA ALA A . n 
A 1 69  ALA 69  69  69  ALA ALA A . n 
A 1 70  GLU 70  70  70  GLU GLU A . n 
A 1 71  PRO 71  71  71  PRO PRO A . n 
A 1 72  VAL 72  72  72  VAL VAL A . n 
A 1 73  ILE 73  73  73  ILE ILE A . n 
A 1 74  LEU 74  74  74  LEU LEU A . n 
A 1 75  ASN 75  75  75  ASN ASN A . n 
A 1 76  ALA 76  76  76  ALA ALA A . n 
A 1 77  GLY 77  77  77  GLY GLY A . n 
A 1 78  GLY 78  78  78  GLY GLY A . n 
A 1 79  LEU 79  79  79  LEU LEU A . n 
A 1 80  THR 80  80  80  THR THR A . n 
A 1 81  HIS 81  81  81  HIS HIS A . n 
A 1 82  THR 82  82  82  THR THR A . n 
A 1 83  SER 83  83  83  SER SER A . n 
A 1 84  VAL 84  84  84  VAL VAL A . n 
A 1 85  ALA 85  85  85  ALA ALA A . n 
A 1 86  LEU 86  86  86  LEU LEU A . n 
A 1 87  ARG 87  87  87  ARG ARG A . n 
A 1 88  ASP 88  88  88  ASP ASP A . n 
A 1 89  ALA 89  89  89  ALA ALA A . n 
A 1 90  CYS 90  90  90  CYS CYS A . n 
A 1 91  ALA 91  91  91  ALA ALA A . n 
A 1 92  GLU 92  92  92  GLU GLU A . n 
A 1 93  LEU 93  93  93  LEU LEU A . n 
A 1 94  SER 94  94  94  SER SER A . n 
A 1 95  ALA 95  95  95  ALA ALA A . n 
A 1 96  PRO 96  96  96  PRO PRO A . n 
A 1 97  LEU 97  97  97  LEU LEU A . n 
A 1 98  ILE 98  98  98  ILE ILE A . n 
A 1 99  GLU 99  99  99  GLU GLU A . n 
A 1 100 VAL 100 100 100 VAL VAL A . n 
A 1 101 HIS 101 101 101 HIS HIS A . n 
A 1 102 ILE 102 102 102 ILE ILE A . n 
A 1 103 SER 103 103 103 SER SER A . n 
A 1 104 ASN 104 104 104 ASN ASN A . n 
A 1 105 VAL 105 105 105 VAL VAL A . n 
A 1 106 HIS 106 106 106 HIS HIS A . n 
A 1 107 ALA 107 107 107 ALA ALA A . n 
A 1 108 ARG 108 108 108 ARG ARG A . n 
A 1 109 GLU 109 109 109 GLU GLU A . n 
A 1 110 GLU 110 110 110 GLU GLU A . n 
A 1 111 PHE 111 111 111 PHE PHE A . n 
A 1 112 ARG 112 112 112 ARG ARG A . n 
A 1 113 ARG 113 113 113 ARG ARG A . n 
A 1 114 HIS 114 114 114 HIS HIS A . n 
A 1 115 SER 115 115 115 SER SER A . n 
A 1 116 TYR 116 116 116 TYR TYR A . n 
A 1 117 LEU 117 117 117 LEU LEU A . n 
A 1 118 SER 118 118 118 SER SER A . n 
A 1 119 PRO 119 119 119 PRO PRO A . n 
A 1 120 ILE 120 120 120 ILE ILE A . n 
A 1 121 ALA 121 121 121 ALA ALA A . n 
A 1 122 THR 122 122 122 THR THR A . n 
A 1 123 GLY 123 123 123 GLY GLY A . n 
A 1 124 VAL 124 124 124 VAL VAL A . n 
A 1 125 ILE 125 125 125 ILE ILE A . n 
A 1 126 VAL 126 126 126 VAL VAL A . n 
A 1 127 GLY 127 127 127 GLY GLY A . n 
A 1 128 LEU 128 128 128 LEU LEU A . n 
A 1 129 GLY 129 129 129 GLY GLY A . n 
A 1 130 ILE 130 130 130 ILE ILE A . n 
A 1 131 GLN 131 131 131 GLN GLN A . n 
A 1 132 GLY 132 132 132 GLY GLY A . n 
A 1 133 TYR 133 133 133 TYR TYR A . n 
A 1 134 LEU 134 134 134 LEU LEU A . n 
A 1 135 LEU 135 135 135 LEU LEU A . n 
A 1 136 ALA 136 136 136 ALA ALA A . n 
A 1 137 LEU 137 137 137 LEU LEU A . n 
A 1 138 ARG 138 138 138 ARG ARG A . n 
A 1 139 TYR 139 139 139 TYR TYR A . n 
A 1 140 LEU 140 140 140 LEU LEU A . n 
A 1 141 ALA 141 141 141 ALA ALA A . n 
A 1 142 GLU 142 142 142 GLU GLU A . n 
A 1 143 HIS 143 143 143 HIS HIS A . n 
A 1 144 VAL 144 144 ?   ?   ?   A . n 
A 1 145 GLY 145 145 ?   ?   ?   A . n 
A 1 146 THR 146 146 ?   ?   ?   A . n 
# 
loop_
_pdbx_nonpoly_scheme.asym_id 
_pdbx_nonpoly_scheme.entity_id 
_pdbx_nonpoly_scheme.mon_id 
_pdbx_nonpoly_scheme.ndb_seq_num 
_pdbx_nonpoly_scheme.pdb_seq_num 
_pdbx_nonpoly_scheme.auth_seq_num 
_pdbx_nonpoly_scheme.pdb_mon_id 
_pdbx_nonpoly_scheme.auth_mon_id 
_pdbx_nonpoly_scheme.pdb_strand_id 
_pdbx_nonpoly_scheme.pdb_ins_code 
B 2 XNW 1  1144 1144 XNW XNW A . 
C 3 SO4 1  1145 1145 SO4 SO4 A . 
D 3 SO4 1  1146 1146 SO4 SO4 A . 
E 3 SO4 1  1147 1147 SO4 SO4 A . 
F 3 SO4 1  1148 1148 SO4 SO4 A . 
G 3 SO4 1  1149 1149 SO4 SO4 A . 
H 3 SO4 1  1150 1150 SO4 SO4 A . 
I 3 SO4 1  1151 1151 SO4 SO4 A . 
J 4 TRS 1  1152 1152 TRS TRS A . 
K 5 HOH 1  2001 2001 HOH HOH A . 
K 5 HOH 2  2002 2002 HOH HOH A . 
K 5 HOH 3  2003 2003 HOH HOH A . 
K 5 HOH 4  2004 2004 HOH HOH A . 
K 5 HOH 5  2005 2005 HOH HOH A . 
K 5 HOH 6  2006 2006 HOH HOH A . 
K 5 HOH 7  2007 2007 HOH HOH A . 
K 5 HOH 8  2008 2008 HOH HOH A . 
K 5 HOH 9  2009 2009 HOH HOH A . 
K 5 HOH 10 2010 2010 HOH HOH A . 
K 5 HOH 11 2011 2011 HOH HOH A . 
K 5 HOH 12 2012 2012 HOH HOH A . 
K 5 HOH 13 2013 2013 HOH HOH A . 
K 5 HOH 14 2014 2014 HOH HOH A . 
K 5 HOH 15 2015 2015 HOH HOH A . 
K 5 HOH 16 2016 2016 HOH HOH A . 
K 5 HOH 17 2017 2017 HOH HOH A . 
K 5 HOH 18 2018 2018 HOH HOH A . 
K 5 HOH 19 2019 2019 HOH HOH A . 
K 5 HOH 20 2020 2020 HOH HOH A . 
K 5 HOH 21 2021 2021 HOH HOH A . 
K 5 HOH 22 2022 2022 HOH HOH A . 
K 5 HOH 23 2023 2023 HOH HOH A . 
K 5 HOH 24 2024 2024 HOH HOH A . 
K 5 HOH 25 2025 2025 HOH HOH A . 
K 5 HOH 26 2026 2026 HOH HOH A . 
K 5 HOH 27 2027 2027 HOH HOH A . 
K 5 HOH 28 2028 2028 HOH HOH A . 
K 5 HOH 29 2029 2029 HOH HOH A . 
K 5 HOH 30 2030 2030 HOH HOH A . 
K 5 HOH 31 2031 2031 HOH HOH A . 
K 5 HOH 32 2032 2032 HOH HOH A . 
K 5 HOH 33 2033 2033 HOH HOH A . 
K 5 HOH 34 2034 2034 HOH HOH A . 
K 5 HOH 35 2035 2035 HOH HOH A . 
K 5 HOH 36 2036 2036 HOH HOH A . 
K 5 HOH 37 2037 2037 HOH HOH A . 
K 5 HOH 38 2038 2038 HOH HOH A . 
K 5 HOH 39 2039 2039 HOH HOH A . 
K 5 HOH 40 2040 2040 HOH HOH A . 
K 5 HOH 41 2041 2041 HOH HOH A . 
K 5 HOH 42 2042 2042 HOH HOH A . 
K 5 HOH 43 2043 2043 HOH HOH A . 
K 5 HOH 44 2044 2044 HOH HOH A . 
K 5 HOH 45 2045 2045 HOH HOH A . 
K 5 HOH 46 2046 2046 HOH HOH A . 
K 5 HOH 47 2047 2047 HOH HOH A . 
K 5 HOH 48 2048 2048 HOH HOH A . 
K 5 HOH 49 2049 2049 HOH HOH A . 
K 5 HOH 50 2050 2050 HOH HOH A . 
# 
_pdbx_struct_assembly.id                   1 
_pdbx_struct_assembly.details              author_and_software_defined_assembly 
_pdbx_struct_assembly.method_details       PISA 
_pdbx_struct_assembly.oligomeric_details   dodecameric 
_pdbx_struct_assembly.oligomeric_count     12 
# 
_pdbx_struct_assembly_gen.assembly_id       1 
_pdbx_struct_assembly_gen.oper_expression   1,2,3,4,5,6,7,8,9,10,11,12 
_pdbx_struct_assembly_gen.asym_id_list      A,B,C,D,E,F,G,H,I,J,K 
# 
loop_
_pdbx_struct_assembly_prop.biol_id 
_pdbx_struct_assembly_prop.type 
_pdbx_struct_assembly_prop.value 
_pdbx_struct_assembly_prop.details 
1 'ABSA (A^2)' 46570   ? 
1 MORE         -1173.5 ? 
1 'SSA (A^2)'  52470   ? 
# 
loop_
_pdbx_struct_oper_list.id 
_pdbx_struct_oper_list.type 
_pdbx_struct_oper_list.name 
_pdbx_struct_oper_list.symmetry_operation 
_pdbx_struct_oper_list.matrix[1][1] 
_pdbx_struct_oper_list.matrix[1][2] 
_pdbx_struct_oper_list.matrix[1][3] 
_pdbx_struct_oper_list.vector[1] 
_pdbx_struct_oper_list.matrix[2][1] 
_pdbx_struct_oper_list.matrix[2][2] 
_pdbx_struct_oper_list.matrix[2][3] 
_pdbx_struct_oper_list.vector[2] 
_pdbx_struct_oper_list.matrix[3][1] 
_pdbx_struct_oper_list.matrix[3][2] 
_pdbx_struct_oper_list.matrix[3][3] 
_pdbx_struct_oper_list.vector[3] 
1  'identity operation'         1_555  x,y,z           1.0000000000  0.0000000000  0.0000000000  0.0000000000   0.0000000000  1.0000000000  0.0000000000  0.0000000000   0.0000000000  0.0000000000  1.0000000000  0.0000000000  
2  'crystal symmetry operation' 22_545 -y,z-1/2,-x+1/2 0.3092721720  -0.5972381967 -0.7400386882 29.8018601408  0.5780181240  -0.4998858817 0.6449877159  -18.8417971255 -0.7551461924 -0.6272325260 0.1906137097  32.5028519952 
3  'crystal symmetry operation' 30_455 z-1/2,-x,-y+1/2 0.4359162452  0.8999510596  -0.0080695443 0.5969273633   0.2808963472  -0.1275306137 0.9512271993  -28.0395778091 0.8550288120  -0.4169220946 -0.3083856315 37.7740889431 
4  'crystal symmetry operation' 31_555 -z+1/2,-x,y+1/2 0.3092721720  0.5780181240  -0.7551461924 26.2184191403  -0.5972381967 -0.4998858817 -0.6272325260 28.7669068012  -0.7400386882 0.6449877159  0.1906137097  28.0117679819 
5  'crystal symmetry operation' 29_455 z-1/2,x,y+1/2   -0.3966966090 -0.5409053516 0.7416557159  -13.1434674719 -0.2031100955 0.8396437915  0.5037306746  -14.2052650348 -0.8951972350 0.0491904872  -0.4429471825 51.1484264805 
6  'crystal symmetry operation' 21_545 y,z-1/2,x+1/2   -0.3966966090 -0.2031100955 -0.8951972350 37.6887282441  -0.5409053516 0.8396437915  0.0491904872  2.3019746823   0.7416557159  0.5037306746  -0.4429471825 39.5596069145 
7  'crystal symmetry operation' 2_555  -x,-y,z         -0.9953988085 0.0421227278  0.0860632782  9.3317905346   0.0421227278  -0.6143772333 0.7878872324  -19.7060381089 0.0860632782  0.7878872324  0.6097760418  9.1459997920  
8  'crystal symmetry operation' 4_556  x,-y,-z+1       -0.6656996643 0.6630344526  -0.3423876045 18.7784928208  0.6630344526  0.3150291469  -0.6790743341 19.8836501310  -0.3423876045 -0.6790743341 -0.6493294826 56.8396790109 
9  'crystal symmetry operation' 3_556  -x,y,-z+1       0.6610984727  -0.7051571804 0.2563243263  -3.6309361544  -0.7051571804 -0.7006519136 -0.1088128983 13.6521586668  0.2563243263  -0.1088128983 -0.9604465591 61.0876869986 
10 'crystal symmetry operation' 32_555 -z+1/2,x,-y+1/2 -0.3484918082 -0.9370638319 0.0215600208  10.8074681693  0.5194519451  -0.2122272961 -0.8277253479 27.3077067317  0.7802071112  -0.2772561084 0.5607191043  10.1390823960 
11 'crystal symmetry operation' 23_555 y,-z+1/2,-x+1/2 -0.3484918082 0.5194519451  0.7802071112  -18.3293114390 -0.9370638319 -0.2122272961 -0.2772561084 18.7338508272  0.0215600208  -0.8277253479 0.5607191043  16.6850946164 
12 'crystal symmetry operation' 24_555 -y,-z+1/2,x+1/2 0.4359162452  0.2808963472  0.8550288120  -24.6819297448 0.8999510596  -0.1275306137 -0.4169220946 11.6357423048  -0.0080695443 0.9512271993  -0.3083856315 38.3258122753  
# 
loop_
_pdbx_struct_special_symmetry.id 
_pdbx_struct_special_symmetry.PDB_model_num 
_pdbx_struct_special_symmetry.auth_asym_id 
_pdbx_struct_special_symmetry.auth_comp_id 
_pdbx_struct_special_symmetry.auth_seq_id 
_pdbx_struct_special_symmetry.PDB_ins_code 
_pdbx_struct_special_symmetry.label_asym_id 
_pdbx_struct_special_symmetry.label_comp_id 
_pdbx_struct_special_symmetry.label_seq_id 
1 1 A SO4 1145 ? C SO4 . 
2 1 A SO4 1145 ? C SO4 . 
3 1 A HOH 2008 ? K HOH . 
4 1 A HOH 2017 ? K HOH . 
5 1 A HOH 2034 ? K HOH . 
6 1 A HOH 2041 ? K HOH . 
# 
loop_
_pdbx_audit_revision_history.ordinal 
_pdbx_audit_revision_history.data_content_type 
_pdbx_audit_revision_history.major_revision 
_pdbx_audit_revision_history.minor_revision 
_pdbx_audit_revision_history.revision_date 
1 'Structure model' 1 0 2010-09-15 
2 'Structure model' 1 1 2011-09-28 
3 'Structure model' 1 2 2018-02-07 
4 'Structure model' 1 3 2023-12-20 
# 
_pdbx_audit_revision_details.ordinal             1 
_pdbx_audit_revision_details.revision_ordinal    1 
_pdbx_audit_revision_details.data_content_type   'Structure model' 
_pdbx_audit_revision_details.provider            repository 
_pdbx_audit_revision_details.type                'Initial release' 
_pdbx_audit_revision_details.description         ? 
_pdbx_audit_revision_details.details             ? 
# 
loop_
_pdbx_audit_revision_group.ordinal 
_pdbx_audit_revision_group.revision_ordinal 
_pdbx_audit_revision_group.data_content_type 
_pdbx_audit_revision_group.group 
1 2 'Structure model' 'Database references'       
2 2 'Structure model' 'Refinement description'    
3 2 'Structure model' 'Version format compliance' 
4 3 'Structure model' 'Database references'       
5 4 'Structure model' 'Data collection'           
6 4 'Structure model' 'Database references'       
7 4 'Structure model' 'Derived calculations'      
8 4 'Structure model' Other                       
9 4 'Structure model' 'Refinement description'    
# 
loop_
_pdbx_audit_revision_category.ordinal 
_pdbx_audit_revision_category.revision_ordinal 
_pdbx_audit_revision_category.data_content_type 
_pdbx_audit_revision_category.category 
1 3 'Structure model' citation_author               
2 4 'Structure model' chem_comp_atom                
3 4 'Structure model' chem_comp_bond                
4 4 'Structure model' database_2                    
5 4 'Structure model' pdbx_database_status          
6 4 'Structure model' pdbx_initial_refinement_model 
7 4 'Structure model' pdbx_struct_special_symmetry  
8 4 'Structure model' struct_site                   
# 
loop_
_pdbx_audit_revision_item.ordinal 
_pdbx_audit_revision_item.revision_ordinal 
_pdbx_audit_revision_item.data_content_type 
_pdbx_audit_revision_item.item 
1 3 'Structure model' '_citation_author.name'                
2 4 'Structure model' '_database_2.pdbx_DOI'                 
3 4 'Structure model' '_database_2.pdbx_database_accession'  
4 4 'Structure model' '_pdbx_database_status.status_code_sf' 
5 4 'Structure model' '_struct_site.pdbx_auth_asym_id'       
6 4 'Structure model' '_struct_site.pdbx_auth_comp_id'       
7 4 'Structure model' '_struct_site.pdbx_auth_seq_id'        
# 
loop_
_software.name 
_software.classification 
_software.version 
_software.citation_id 
_software.pdbx_ordinal 
REFMAC refinement       5.5.0072 ? 1 
MOSFLM 'data reduction' .        ? 2 
SCALA  'data scaling'   .        ? 3 
MOLREP phasing          .        ? 4 
# 
loop_
_pdbx_validate_torsion.id 
_pdbx_validate_torsion.PDB_model_num 
_pdbx_validate_torsion.auth_comp_id 
_pdbx_validate_torsion.auth_asym_id 
_pdbx_validate_torsion.auth_seq_id 
_pdbx_validate_torsion.PDB_ins_code 
_pdbx_validate_torsion.label_alt_id 
_pdbx_validate_torsion.phi 
_pdbx_validate_torsion.psi 
1 1 ASN A 12  ? ? 81.58   -12.63  
2 1 GLU A 20  ? ? -25.56  100.82  
3 1 ARG A 108 ? ? -116.91 -158.56 
# 
_pdbx_validate_peptide_omega.id               1 
_pdbx_validate_peptide_omega.PDB_model_num    1 
_pdbx_validate_peptide_omega.auth_comp_id_1   ARG 
_pdbx_validate_peptide_omega.auth_asym_id_1   A 
_pdbx_validate_peptide_omega.auth_seq_id_1    19 
_pdbx_validate_peptide_omega.PDB_ins_code_1   ? 
_pdbx_validate_peptide_omega.label_alt_id_1   ? 
_pdbx_validate_peptide_omega.auth_comp_id_2   GLU 
_pdbx_validate_peptide_omega.auth_asym_id_2   A 
_pdbx_validate_peptide_omega.auth_seq_id_2    20 
_pdbx_validate_peptide_omega.PDB_ins_code_2   ? 
_pdbx_validate_peptide_omega.label_alt_id_2   ? 
_pdbx_validate_peptide_omega.omega            -125.43 
# 
loop_
_pdbx_unobs_or_zero_occ_residues.id 
_pdbx_unobs_or_zero_occ_residues.PDB_model_num 
_pdbx_unobs_or_zero_occ_residues.polymer_flag 
_pdbx_unobs_or_zero_occ_residues.occupancy_flag 
_pdbx_unobs_or_zero_occ_residues.auth_asym_id 
_pdbx_unobs_or_zero_occ_residues.auth_comp_id 
_pdbx_unobs_or_zero_occ_residues.auth_seq_id 
_pdbx_unobs_or_zero_occ_residues.PDB_ins_code 
_pdbx_unobs_or_zero_occ_residues.label_asym_id 
_pdbx_unobs_or_zero_occ_residues.label_comp_id 
_pdbx_unobs_or_zero_occ_residues.label_seq_id 
1 1 Y 1 A SER 1   ? A SER 1   
2 1 Y 1 A GLU 2   ? A GLU 2   
3 1 Y 1 A VAL 144 ? A VAL 144 
4 1 Y 1 A GLY 145 ? A GLY 145 
5 1 Y 1 A THR 146 ? A THR 146 
# 
loop_
_chem_comp_atom.comp_id 
_chem_comp_atom.atom_id 
_chem_comp_atom.type_symbol 
_chem_comp_atom.pdbx_aromatic_flag 
_chem_comp_atom.pdbx_stereo_config 
_chem_comp_atom.pdbx_ordinal 
ALA N    N N N 1   
ALA CA   C N S 2   
ALA C    C N N 3   
ALA O    O N N 4   
ALA CB   C N N 5   
ALA OXT  O N N 6   
ALA H    H N N 7   
ALA H2   H N N 8   
ALA HA   H N N 9   
ALA HB1  H N N 10  
ALA HB2  H N N 11  
ALA HB3  H N N 12  
ALA HXT  H N N 13  
ARG N    N N N 14  
ARG CA   C N S 15  
ARG C    C N N 16  
ARG O    O N N 17  
ARG CB   C N N 18  
ARG CG   C N N 19  
ARG CD   C N N 20  
ARG NE   N N N 21  
ARG CZ   C N N 22  
ARG NH1  N N N 23  
ARG NH2  N N N 24  
ARG OXT  O N N 25  
ARG H    H N N 26  
ARG H2   H N N 27  
ARG HA   H N N 28  
ARG HB2  H N N 29  
ARG HB3  H N N 30  
ARG HG2  H N N 31  
ARG HG3  H N N 32  
ARG HD2  H N N 33  
ARG HD3  H N N 34  
ARG HE   H N N 35  
ARG HH11 H N N 36  
ARG HH12 H N N 37  
ARG HH21 H N N 38  
ARG HH22 H N N 39  
ARG HXT  H N N 40  
ASN N    N N N 41  
ASN CA   C N S 42  
ASN C    C N N 43  
ASN O    O N N 44  
ASN CB   C N N 45  
ASN CG   C N N 46  
ASN OD1  O N N 47  
ASN ND2  N N N 48  
ASN OXT  O N N 49  
ASN H    H N N 50  
ASN H2   H N N 51  
ASN HA   H N N 52  
ASN HB2  H N N 53  
ASN HB3  H N N 54  
ASN HD21 H N N 55  
ASN HD22 H N N 56  
ASN HXT  H N N 57  
ASP N    N N N 58  
ASP CA   C N S 59  
ASP C    C N N 60  
ASP O    O N N 61  
ASP CB   C N N 62  
ASP CG   C N N 63  
ASP OD1  O N N 64  
ASP OD2  O N N 65  
ASP OXT  O N N 66  
ASP H    H N N 67  
ASP H2   H N N 68  
ASP HA   H N N 69  
ASP HB2  H N N 70  
ASP HB3  H N N 71  
ASP HD2  H N N 72  
ASP HXT  H N N 73  
CYS N    N N N 74  
CYS CA   C N R 75  
CYS C    C N N 76  
CYS O    O N N 77  
CYS CB   C N N 78  
CYS SG   S N N 79  
CYS OXT  O N N 80  
CYS H    H N N 81  
CYS H2   H N N 82  
CYS HA   H N N 83  
CYS HB2  H N N 84  
CYS HB3  H N N 85  
CYS HG   H N N 86  
CYS HXT  H N N 87  
GLN N    N N N 88  
GLN CA   C N S 89  
GLN C    C N N 90  
GLN O    O N N 91  
GLN CB   C N N 92  
GLN CG   C N N 93  
GLN CD   C N N 94  
GLN OE1  O N N 95  
GLN NE2  N N N 96  
GLN OXT  O N N 97  
GLN H    H N N 98  
GLN H2   H N N 99  
GLN HA   H N N 100 
GLN HB2  H N N 101 
GLN HB3  H N N 102 
GLN HG2  H N N 103 
GLN HG3  H N N 104 
GLN HE21 H N N 105 
GLN HE22 H N N 106 
GLN HXT  H N N 107 
GLU N    N N N 108 
GLU CA   C N S 109 
GLU C    C N N 110 
GLU O    O N N 111 
GLU CB   C N N 112 
GLU CG   C N N 113 
GLU CD   C N N 114 
GLU OE1  O N N 115 
GLU OE2  O N N 116 
GLU OXT  O N N 117 
GLU H    H N N 118 
GLU H2   H N N 119 
GLU HA   H N N 120 
GLU HB2  H N N 121 
GLU HB3  H N N 122 
GLU HG2  H N N 123 
GLU HG3  H N N 124 
GLU HE2  H N N 125 
GLU HXT  H N N 126 
GLY N    N N N 127 
GLY CA   C N N 128 
GLY C    C N N 129 
GLY O    O N N 130 
GLY OXT  O N N 131 
GLY H    H N N 132 
GLY H2   H N N 133 
GLY HA2  H N N 134 
GLY HA3  H N N 135 
GLY HXT  H N N 136 
HIS N    N N N 137 
HIS CA   C N S 138 
HIS C    C N N 139 
HIS O    O N N 140 
HIS CB   C N N 141 
HIS CG   C Y N 142 
HIS ND1  N Y N 143 
HIS CD2  C Y N 144 
HIS CE1  C Y N 145 
HIS NE2  N Y N 146 
HIS OXT  O N N 147 
HIS H    H N N 148 
HIS H2   H N N 149 
HIS HA   H N N 150 
HIS HB2  H N N 151 
HIS HB3  H N N 152 
HIS HD1  H N N 153 
HIS HD2  H N N 154 
HIS HE1  H N N 155 
HIS HE2  H N N 156 
HIS HXT  H N N 157 
HOH O    O N N 158 
HOH H1   H N N 159 
HOH H2   H N N 160 
ILE N    N N N 161 
ILE CA   C N S 162 
ILE C    C N N 163 
ILE O    O N N 164 
ILE CB   C N S 165 
ILE CG1  C N N 166 
ILE CG2  C N N 167 
ILE CD1  C N N 168 
ILE OXT  O N N 169 
ILE H    H N N 170 
ILE H2   H N N 171 
ILE HA   H N N 172 
ILE HB   H N N 173 
ILE HG12 H N N 174 
ILE HG13 H N N 175 
ILE HG21 H N N 176 
ILE HG22 H N N 177 
ILE HG23 H N N 178 
ILE HD11 H N N 179 
ILE HD12 H N N 180 
ILE HD13 H N N 181 
ILE HXT  H N N 182 
LEU N    N N N 183 
LEU CA   C N S 184 
LEU C    C N N 185 
LEU O    O N N 186 
LEU CB   C N N 187 
LEU CG   C N N 188 
LEU CD1  C N N 189 
LEU CD2  C N N 190 
LEU OXT  O N N 191 
LEU H    H N N 192 
LEU H2   H N N 193 
LEU HA   H N N 194 
LEU HB2  H N N 195 
LEU HB3  H N N 196 
LEU HG   H N N 197 
LEU HD11 H N N 198 
LEU HD12 H N N 199 
LEU HD13 H N N 200 
LEU HD21 H N N 201 
LEU HD22 H N N 202 
LEU HD23 H N N 203 
LEU HXT  H N N 204 
LYS N    N N N 205 
LYS CA   C N S 206 
LYS C    C N N 207 
LYS O    O N N 208 
LYS CB   C N N 209 
LYS CG   C N N 210 
LYS CD   C N N 211 
LYS CE   C N N 212 
LYS NZ   N N N 213 
LYS OXT  O N N 214 
LYS H    H N N 215 
LYS H2   H N N 216 
LYS HA   H N N 217 
LYS HB2  H N N 218 
LYS HB3  H N N 219 
LYS HG2  H N N 220 
LYS HG3  H N N 221 
LYS HD2  H N N 222 
LYS HD3  H N N 223 
LYS HE2  H N N 224 
LYS HE3  H N N 225 
LYS HZ1  H N N 226 
LYS HZ2  H N N 227 
LYS HZ3  H N N 228 
LYS HXT  H N N 229 
PHE N    N N N 230 
PHE CA   C N S 231 
PHE C    C N N 232 
PHE O    O N N 233 
PHE CB   C N N 234 
PHE CG   C Y N 235 
PHE CD1  C Y N 236 
PHE CD2  C Y N 237 
PHE CE1  C Y N 238 
PHE CE2  C Y N 239 
PHE CZ   C Y N 240 
PHE OXT  O N N 241 
PHE H    H N N 242 
PHE H2   H N N 243 
PHE HA   H N N 244 
PHE HB2  H N N 245 
PHE HB3  H N N 246 
PHE HD1  H N N 247 
PHE HD2  H N N 248 
PHE HE1  H N N 249 
PHE HE2  H N N 250 
PHE HZ   H N N 251 
PHE HXT  H N N 252 
PRO N    N N N 253 
PRO CA   C N S 254 
PRO C    C N N 255 
PRO O    O N N 256 
PRO CB   C N N 257 
PRO CG   C N N 258 
PRO CD   C N N 259 
PRO OXT  O N N 260 
PRO H    H N N 261 
PRO HA   H N N 262 
PRO HB2  H N N 263 
PRO HB3  H N N 264 
PRO HG2  H N N 265 
PRO HG3  H N N 266 
PRO HD2  H N N 267 
PRO HD3  H N N 268 
PRO HXT  H N N 269 
SER N    N N N 270 
SER CA   C N S 271 
SER C    C N N 272 
SER O    O N N 273 
SER CB   C N N 274 
SER OG   O N N 275 
SER OXT  O N N 276 
SER H    H N N 277 
SER H2   H N N 278 
SER HA   H N N 279 
SER HB2  H N N 280 
SER HB3  H N N 281 
SER HG   H N N 282 
SER HXT  H N N 283 
SO4 S    S N N 284 
SO4 O1   O N N 285 
SO4 O2   O N N 286 
SO4 O3   O N N 287 
SO4 O4   O N N 288 
THR N    N N N 289 
THR CA   C N S 290 
THR C    C N N 291 
THR O    O N N 292 
THR CB   C N R 293 
THR OG1  O N N 294 
THR CG2  C N N 295 
THR OXT  O N N 296 
THR H    H N N 297 
THR H2   H N N 298 
THR HA   H N N 299 
THR HB   H N N 300 
THR HG1  H N N 301 
THR HG21 H N N 302 
THR HG22 H N N 303 
THR HG23 H N N 304 
THR HXT  H N N 305 
TRP N    N N N 306 
TRP CA   C N S 307 
TRP C    C N N 308 
TRP O    O N N 309 
TRP CB   C N N 310 
TRP CG   C Y N 311 
TRP CD1  C Y N 312 
TRP CD2  C Y N 313 
TRP NE1  N Y N 314 
TRP CE2  C Y N 315 
TRP CE3  C Y N 316 
TRP CZ2  C Y N 317 
TRP CZ3  C Y N 318 
TRP CH2  C Y N 319 
TRP OXT  O N N 320 
TRP H    H N N 321 
TRP H2   H N N 322 
TRP HA   H N N 323 
TRP HB2  H N N 324 
TRP HB3  H N N 325 
TRP HD1  H N N 326 
TRP HE1  H N N 327 
TRP HE3  H N N 328 
TRP HZ2  H N N 329 
TRP HZ3  H N N 330 
TRP HH2  H N N 331 
TRP HXT  H N N 332 
TRS C    C N N 333 
TRS C1   C N N 334 
TRS C2   C N N 335 
TRS C3   C N N 336 
TRS N    N N N 337 
TRS O1   O N N 338 
TRS O2   O N N 339 
TRS O3   O N N 340 
TRS H11  H N N 341 
TRS H12  H N N 342 
TRS H21  H N N 343 
TRS H22  H N N 344 
TRS H31  H N N 345 
TRS H32  H N N 346 
TRS HN1  H N N 347 
TRS HN2  H N N 348 
TRS HN3  H N N 349 
TRS HO1  H N N 350 
TRS HO2  H N N 351 
TRS HO3  H N N 352 
TYR N    N N N 353 
TYR CA   C N S 354 
TYR C    C N N 355 
TYR O    O N N 356 
TYR CB   C N N 357 
TYR CG   C Y N 358 
TYR CD1  C Y N 359 
TYR CD2  C Y N 360 
TYR CE1  C Y N 361 
TYR CE2  C Y N 362 
TYR CZ   C Y N 363 
TYR OH   O N N 364 
TYR OXT  O N N 365 
TYR H    H N N 366 
TYR H2   H N N 367 
TYR HA   H N N 368 
TYR HB2  H N N 369 
TYR HB3  H N N 370 
TYR HD1  H N N 371 
TYR HD2  H N N 372 
TYR HE1  H N N 373 
TYR HE2  H N N 374 
TYR HH   H N N 375 
TYR HXT  H N N 376 
VAL N    N N N 377 
VAL CA   C N S 378 
VAL C    C N N 379 
VAL O    O N N 380 
VAL CB   C N N 381 
VAL CG1  C N N 382 
VAL CG2  C N N 383 
VAL OXT  O N N 384 
VAL H    H N N 385 
VAL H2   H N N 386 
VAL HA   H N N 387 
VAL HB   H N N 388 
VAL HG11 H N N 389 
VAL HG12 H N N 390 
VAL HG13 H N N 391 
VAL HG21 H N N 392 
VAL HG22 H N N 393 
VAL HG23 H N N 394 
VAL HXT  H N N 395 
XNW CAA  C N N 396 
XNW OAN  O N N 397 
XNW CAR  C Y N 398 
XNW CAK  C Y N 399 
XNW CAI  C Y N 400 
XNW CAJ  C Y N 401 
XNW CAH  C Y N 402 
XNW CAQ  C Y N 403 
XNW CAL  C N N 404 
XNW CAU  C N R 405 
XNW CAP  C N N 406 
XNW OAC  O N N 407 
XNW CAT  C N S 408 
XNW OAF  O N N 409 
XNW CAS  C N R 410 
XNW OAE  O N N 411 
XNW CAM  C N N 412 
XNW CAV  C N R 413 
XNW CAO  C N N 414 
XNW OAD  O N N 415 
XNW OAB  O N N 416 
XNW OAG  O N N 417 
XNW HAA1 H N N 418 
XNW HAA2 H N N 419 
XNW HAA3 H N N 420 
XNW HAK  H N N 421 
XNW HAJ  H N N 422 
XNW HAI  H N N 423 
XNW HAH  H N N 424 
XNW HAL1 H N N 425 
XNW HAL2 H N N 426 
XNW HAU  H N N 427 
XNW HAT  H N N 428 
XNW HAF  H N N 429 
XNW HAS  H N N 430 
XNW HAE  H N N 431 
XNW HAM1 H N N 432 
XNW HAM2 H N N 433 
XNW HAG  H N N 434 
XNW HAD  H N N 435 
# 
loop_
_chem_comp_bond.comp_id 
_chem_comp_bond.atom_id_1 
_chem_comp_bond.atom_id_2 
_chem_comp_bond.value_order 
_chem_comp_bond.pdbx_aromatic_flag 
_chem_comp_bond.pdbx_stereo_config 
_chem_comp_bond.pdbx_ordinal 
ALA N   CA   sing N N 1   
ALA N   H    sing N N 2   
ALA N   H2   sing N N 3   
ALA CA  C    sing N N 4   
ALA CA  CB   sing N N 5   
ALA CA  HA   sing N N 6   
ALA C   O    doub N N 7   
ALA C   OXT  sing N N 8   
ALA CB  HB1  sing N N 9   
ALA CB  HB2  sing N N 10  
ALA CB  HB3  sing N N 11  
ALA OXT HXT  sing N N 12  
ARG N   CA   sing N N 13  
ARG N   H    sing N N 14  
ARG N   H2   sing N N 15  
ARG CA  C    sing N N 16  
ARG CA  CB   sing N N 17  
ARG CA  HA   sing N N 18  
ARG C   O    doub N N 19  
ARG C   OXT  sing N N 20  
ARG CB  CG   sing N N 21  
ARG CB  HB2  sing N N 22  
ARG CB  HB3  sing N N 23  
ARG CG  CD   sing N N 24  
ARG CG  HG2  sing N N 25  
ARG CG  HG3  sing N N 26  
ARG CD  NE   sing N N 27  
ARG CD  HD2  sing N N 28  
ARG CD  HD3  sing N N 29  
ARG NE  CZ   sing N N 30  
ARG NE  HE   sing N N 31  
ARG CZ  NH1  sing N N 32  
ARG CZ  NH2  doub N N 33  
ARG NH1 HH11 sing N N 34  
ARG NH1 HH12 sing N N 35  
ARG NH2 HH21 sing N N 36  
ARG NH2 HH22 sing N N 37  
ARG OXT HXT  sing N N 38  
ASN N   CA   sing N N 39  
ASN N   H    sing N N 40  
ASN N   H2   sing N N 41  
ASN CA  C    sing N N 42  
ASN CA  CB   sing N N 43  
ASN CA  HA   sing N N 44  
ASN C   O    doub N N 45  
ASN C   OXT  sing N N 46  
ASN CB  CG   sing N N 47  
ASN CB  HB2  sing N N 48  
ASN CB  HB3  sing N N 49  
ASN CG  OD1  doub N N 50  
ASN CG  ND2  sing N N 51  
ASN ND2 HD21 sing N N 52  
ASN ND2 HD22 sing N N 53  
ASN OXT HXT  sing N N 54  
ASP N   CA   sing N N 55  
ASP N   H    sing N N 56  
ASP N   H2   sing N N 57  
ASP CA  C    sing N N 58  
ASP CA  CB   sing N N 59  
ASP CA  HA   sing N N 60  
ASP C   O    doub N N 61  
ASP C   OXT  sing N N 62  
ASP CB  CG   sing N N 63  
ASP CB  HB2  sing N N 64  
ASP CB  HB3  sing N N 65  
ASP CG  OD1  doub N N 66  
ASP CG  OD2  sing N N 67  
ASP OD2 HD2  sing N N 68  
ASP OXT HXT  sing N N 69  
CYS N   CA   sing N N 70  
CYS N   H    sing N N 71  
CYS N   H2   sing N N 72  
CYS CA  C    sing N N 73  
CYS CA  CB   sing N N 74  
CYS CA  HA   sing N N 75  
CYS C   O    doub N N 76  
CYS C   OXT  sing N N 77  
CYS CB  SG   sing N N 78  
CYS CB  HB2  sing N N 79  
CYS CB  HB3  sing N N 80  
CYS SG  HG   sing N N 81  
CYS OXT HXT  sing N N 82  
GLN N   CA   sing N N 83  
GLN N   H    sing N N 84  
GLN N   H2   sing N N 85  
GLN CA  C    sing N N 86  
GLN CA  CB   sing N N 87  
GLN CA  HA   sing N N 88  
GLN C   O    doub N N 89  
GLN C   OXT  sing N N 90  
GLN CB  CG   sing N N 91  
GLN CB  HB2  sing N N 92  
GLN CB  HB3  sing N N 93  
GLN CG  CD   sing N N 94  
GLN CG  HG2  sing N N 95  
GLN CG  HG3  sing N N 96  
GLN CD  OE1  doub N N 97  
GLN CD  NE2  sing N N 98  
GLN NE2 HE21 sing N N 99  
GLN NE2 HE22 sing N N 100 
GLN OXT HXT  sing N N 101 
GLU N   CA   sing N N 102 
GLU N   H    sing N N 103 
GLU N   H2   sing N N 104 
GLU CA  C    sing N N 105 
GLU CA  CB   sing N N 106 
GLU CA  HA   sing N N 107 
GLU C   O    doub N N 108 
GLU C   OXT  sing N N 109 
GLU CB  CG   sing N N 110 
GLU CB  HB2  sing N N 111 
GLU CB  HB3  sing N N 112 
GLU CG  CD   sing N N 113 
GLU CG  HG2  sing N N 114 
GLU CG  HG3  sing N N 115 
GLU CD  OE1  doub N N 116 
GLU CD  OE2  sing N N 117 
GLU OE2 HE2  sing N N 118 
GLU OXT HXT  sing N N 119 
GLY N   CA   sing N N 120 
GLY N   H    sing N N 121 
GLY N   H2   sing N N 122 
GLY CA  C    sing N N 123 
GLY CA  HA2  sing N N 124 
GLY CA  HA3  sing N N 125 
GLY C   O    doub N N 126 
GLY C   OXT  sing N N 127 
GLY OXT HXT  sing N N 128 
HIS N   CA   sing N N 129 
HIS N   H    sing N N 130 
HIS N   H2   sing N N 131 
HIS CA  C    sing N N 132 
HIS CA  CB   sing N N 133 
HIS CA  HA   sing N N 134 
HIS C   O    doub N N 135 
HIS C   OXT  sing N N 136 
HIS CB  CG   sing N N 137 
HIS CB  HB2  sing N N 138 
HIS CB  HB3  sing N N 139 
HIS CG  ND1  sing Y N 140 
HIS CG  CD2  doub Y N 141 
HIS ND1 CE1  doub Y N 142 
HIS ND1 HD1  sing N N 143 
HIS CD2 NE2  sing Y N 144 
HIS CD2 HD2  sing N N 145 
HIS CE1 NE2  sing Y N 146 
HIS CE1 HE1  sing N N 147 
HIS NE2 HE2  sing N N 148 
HIS OXT HXT  sing N N 149 
HOH O   H1   sing N N 150 
HOH O   H2   sing N N 151 
ILE N   CA   sing N N 152 
ILE N   H    sing N N 153 
ILE N   H2   sing N N 154 
ILE CA  C    sing N N 155 
ILE CA  CB   sing N N 156 
ILE CA  HA   sing N N 157 
ILE C   O    doub N N 158 
ILE C   OXT  sing N N 159 
ILE CB  CG1  sing N N 160 
ILE CB  CG2  sing N N 161 
ILE CB  HB   sing N N 162 
ILE CG1 CD1  sing N N 163 
ILE CG1 HG12 sing N N 164 
ILE CG1 HG13 sing N N 165 
ILE CG2 HG21 sing N N 166 
ILE CG2 HG22 sing N N 167 
ILE CG2 HG23 sing N N 168 
ILE CD1 HD11 sing N N 169 
ILE CD1 HD12 sing N N 170 
ILE CD1 HD13 sing N N 171 
ILE OXT HXT  sing N N 172 
LEU N   CA   sing N N 173 
LEU N   H    sing N N 174 
LEU N   H2   sing N N 175 
LEU CA  C    sing N N 176 
LEU CA  CB   sing N N 177 
LEU CA  HA   sing N N 178 
LEU C   O    doub N N 179 
LEU C   OXT  sing N N 180 
LEU CB  CG   sing N N 181 
LEU CB  HB2  sing N N 182 
LEU CB  HB3  sing N N 183 
LEU CG  CD1  sing N N 184 
LEU CG  CD2  sing N N 185 
LEU CG  HG   sing N N 186 
LEU CD1 HD11 sing N N 187 
LEU CD1 HD12 sing N N 188 
LEU CD1 HD13 sing N N 189 
LEU CD2 HD21 sing N N 190 
LEU CD2 HD22 sing N N 191 
LEU CD2 HD23 sing N N 192 
LEU OXT HXT  sing N N 193 
LYS N   CA   sing N N 194 
LYS N   H    sing N N 195 
LYS N   H2   sing N N 196 
LYS CA  C    sing N N 197 
LYS CA  CB   sing N N 198 
LYS CA  HA   sing N N 199 
LYS C   O    doub N N 200 
LYS C   OXT  sing N N 201 
LYS CB  CG   sing N N 202 
LYS CB  HB2  sing N N 203 
LYS CB  HB3  sing N N 204 
LYS CG  CD   sing N N 205 
LYS CG  HG2  sing N N 206 
LYS CG  HG3  sing N N 207 
LYS CD  CE   sing N N 208 
LYS CD  HD2  sing N N 209 
LYS CD  HD3  sing N N 210 
LYS CE  NZ   sing N N 211 
LYS CE  HE2  sing N N 212 
LYS CE  HE3  sing N N 213 
LYS NZ  HZ1  sing N N 214 
LYS NZ  HZ2  sing N N 215 
LYS NZ  HZ3  sing N N 216 
LYS OXT HXT  sing N N 217 
PHE N   CA   sing N N 218 
PHE N   H    sing N N 219 
PHE N   H2   sing N N 220 
PHE CA  C    sing N N 221 
PHE CA  CB   sing N N 222 
PHE CA  HA   sing N N 223 
PHE C   O    doub N N 224 
PHE C   OXT  sing N N 225 
PHE CB  CG   sing N N 226 
PHE CB  HB2  sing N N 227 
PHE CB  HB3  sing N N 228 
PHE CG  CD1  doub Y N 229 
PHE CG  CD2  sing Y N 230 
PHE CD1 CE1  sing Y N 231 
PHE CD1 HD1  sing N N 232 
PHE CD2 CE2  doub Y N 233 
PHE CD2 HD2  sing N N 234 
PHE CE1 CZ   doub Y N 235 
PHE CE1 HE1  sing N N 236 
PHE CE2 CZ   sing Y N 237 
PHE CE2 HE2  sing N N 238 
PHE CZ  HZ   sing N N 239 
PHE OXT HXT  sing N N 240 
PRO N   CA   sing N N 241 
PRO N   CD   sing N N 242 
PRO N   H    sing N N 243 
PRO CA  C    sing N N 244 
PRO CA  CB   sing N N 245 
PRO CA  HA   sing N N 246 
PRO C   O    doub N N 247 
PRO C   OXT  sing N N 248 
PRO CB  CG   sing N N 249 
PRO CB  HB2  sing N N 250 
PRO CB  HB3  sing N N 251 
PRO CG  CD   sing N N 252 
PRO CG  HG2  sing N N 253 
PRO CG  HG3  sing N N 254 
PRO CD  HD2  sing N N 255 
PRO CD  HD3  sing N N 256 
PRO OXT HXT  sing N N 257 
SER N   CA   sing N N 258 
SER N   H    sing N N 259 
SER N   H2   sing N N 260 
SER CA  C    sing N N 261 
SER CA  CB   sing N N 262 
SER CA  HA   sing N N 263 
SER C   O    doub N N 264 
SER C   OXT  sing N N 265 
SER CB  OG   sing N N 266 
SER CB  HB2  sing N N 267 
SER CB  HB3  sing N N 268 
SER OG  HG   sing N N 269 
SER OXT HXT  sing N N 270 
SO4 S   O1   doub N N 271 
SO4 S   O2   doub N N 272 
SO4 S   O3   sing N N 273 
SO4 S   O4   sing N N 274 
THR N   CA   sing N N 275 
THR N   H    sing N N 276 
THR N   H2   sing N N 277 
THR CA  C    sing N N 278 
THR CA  CB   sing N N 279 
THR CA  HA   sing N N 280 
THR C   O    doub N N 281 
THR C   OXT  sing N N 282 
THR CB  OG1  sing N N 283 
THR CB  CG2  sing N N 284 
THR CB  HB   sing N N 285 
THR OG1 HG1  sing N N 286 
THR CG2 HG21 sing N N 287 
THR CG2 HG22 sing N N 288 
THR CG2 HG23 sing N N 289 
THR OXT HXT  sing N N 290 
TRP N   CA   sing N N 291 
TRP N   H    sing N N 292 
TRP N   H2   sing N N 293 
TRP CA  C    sing N N 294 
TRP CA  CB   sing N N 295 
TRP CA  HA   sing N N 296 
TRP C   O    doub N N 297 
TRP C   OXT  sing N N 298 
TRP CB  CG   sing N N 299 
TRP CB  HB2  sing N N 300 
TRP CB  HB3  sing N N 301 
TRP CG  CD1  doub Y N 302 
TRP CG  CD2  sing Y N 303 
TRP CD1 NE1  sing Y N 304 
TRP CD1 HD1  sing N N 305 
TRP CD2 CE2  doub Y N 306 
TRP CD2 CE3  sing Y N 307 
TRP NE1 CE2  sing Y N 308 
TRP NE1 HE1  sing N N 309 
TRP CE2 CZ2  sing Y N 310 
TRP CE3 CZ3  doub Y N 311 
TRP CE3 HE3  sing N N 312 
TRP CZ2 CH2  doub Y N 313 
TRP CZ2 HZ2  sing N N 314 
TRP CZ3 CH2  sing Y N 315 
TRP CZ3 HZ3  sing N N 316 
TRP CH2 HH2  sing N N 317 
TRP OXT HXT  sing N N 318 
TRS C   C1   sing N N 319 
TRS C   C2   sing N N 320 
TRS C   C3   sing N N 321 
TRS C   N    sing N N 322 
TRS C1  O1   sing N N 323 
TRS C1  H11  sing N N 324 
TRS C1  H12  sing N N 325 
TRS C2  O2   sing N N 326 
TRS C2  H21  sing N N 327 
TRS C2  H22  sing N N 328 
TRS C3  O3   sing N N 329 
TRS C3  H31  sing N N 330 
TRS C3  H32  sing N N 331 
TRS N   HN1  sing N N 332 
TRS N   HN2  sing N N 333 
TRS N   HN3  sing N N 334 
TRS O1  HO1  sing N N 335 
TRS O2  HO2  sing N N 336 
TRS O3  HO3  sing N N 337 
TYR N   CA   sing N N 338 
TYR N   H    sing N N 339 
TYR N   H2   sing N N 340 
TYR CA  C    sing N N 341 
TYR CA  CB   sing N N 342 
TYR CA  HA   sing N N 343 
TYR C   O    doub N N 344 
TYR C   OXT  sing N N 345 
TYR CB  CG   sing N N 346 
TYR CB  HB2  sing N N 347 
TYR CB  HB3  sing N N 348 
TYR CG  CD1  doub Y N 349 
TYR CG  CD2  sing Y N 350 
TYR CD1 CE1  sing Y N 351 
TYR CD1 HD1  sing N N 352 
TYR CD2 CE2  doub Y N 353 
TYR CD2 HD2  sing N N 354 
TYR CE1 CZ   doub Y N 355 
TYR CE1 HE1  sing N N 356 
TYR CE2 CZ   sing Y N 357 
TYR CE2 HE2  sing N N 358 
TYR CZ  OH   sing N N 359 
TYR OH  HH   sing N N 360 
TYR OXT HXT  sing N N 361 
VAL N   CA   sing N N 362 
VAL N   H    sing N N 363 
VAL N   H2   sing N N 364 
VAL CA  C    sing N N 365 
VAL CA  CB   sing N N 366 
VAL CA  HA   sing N N 367 
VAL C   O    doub N N 368 
VAL C   OXT  sing N N 369 
VAL CB  CG1  sing N N 370 
VAL CB  CG2  sing N N 371 
VAL CB  HB   sing N N 372 
VAL CG1 HG11 sing N N 373 
VAL CG1 HG12 sing N N 374 
VAL CG1 HG13 sing N N 375 
VAL CG2 HG21 sing N N 376 
VAL CG2 HG22 sing N N 377 
VAL CG2 HG23 sing N N 378 
VAL OXT HXT  sing N N 379 
XNW CAA OAN  sing N N 380 
XNW OAN CAR  sing N N 381 
XNW CAR CAK  sing Y N 382 
XNW CAR CAJ  doub Y N 383 
XNW CAK CAI  doub Y N 384 
XNW CAI CAQ  sing Y N 385 
XNW CAJ CAH  sing Y N 386 
XNW CAH CAQ  doub Y N 387 
XNW CAQ CAL  sing N N 388 
XNW CAL CAU  sing N N 389 
XNW CAU CAP  sing N N 390 
XNW CAU CAV  sing N N 391 
XNW CAP OAC  doub N N 392 
XNW CAP CAT  sing N N 393 
XNW CAT OAF  sing N N 394 
XNW CAT CAS  sing N N 395 
XNW CAS OAE  sing N N 396 
XNW CAS CAM  sing N N 397 
XNW CAM CAV  sing N N 398 
XNW CAV CAO  sing N N 399 
XNW CAV OAG  sing N N 400 
XNW CAO OAD  sing N N 401 
XNW CAO OAB  doub N N 402 
XNW CAA HAA1 sing N N 403 
XNW CAA HAA2 sing N N 404 
XNW CAA HAA3 sing N N 405 
XNW CAK HAK  sing N N 406 
XNW CAJ HAJ  sing N N 407 
XNW CAI HAI  sing N N 408 
XNW CAH HAH  sing N N 409 
XNW CAL HAL1 sing N N 410 
XNW CAL HAL2 sing N N 411 
XNW CAU HAU  sing N N 412 
XNW CAT HAT  sing N N 413 
XNW OAF HAF  sing N N 414 
XNW CAS HAS  sing N N 415 
XNW OAE HAE  sing N N 416 
XNW CAM HAM1 sing N N 417 
XNW CAM HAM2 sing N N 418 
XNW OAG HAG  sing N N 419 
XNW OAD HAD  sing N N 420 
# 
loop_
_pdbx_entity_nonpoly.entity_id 
_pdbx_entity_nonpoly.name 
_pdbx_entity_nonpoly.comp_id 
2 '(1R,2R,4S,5R)-1,4,5-TRIHYDROXY-2-(4-METHOXYBENZYL)-3-OXOCYCLOHEXANECARBOXYLIC ACID' XNW 
3 'SULFATE ION'                                                                        SO4 
4 2-AMINO-2-HYDROXYMETHYL-PROPANE-1,3-DIOL                                             TRS 
5 water                                                                                HOH 
# 
_pdbx_initial_refinement_model.id               1 
_pdbx_initial_refinement_model.entity_id_list   ? 
_pdbx_initial_refinement_model.type             'experimental model' 
_pdbx_initial_refinement_model.source_name      PDB 
_pdbx_initial_refinement_model.accession_code   1H0S 
_pdbx_initial_refinement_model.details          'PDB ENTRY 1H0S' 
# 
